data_8X2F
#
_entry.id   8X2F
#
_cell.length_a   1.00
_cell.length_b   1.00
_cell.length_c   1.00
_cell.angle_alpha   90.00
_cell.angle_beta   90.00
_cell.angle_gamma   90.00
#
_symmetry.space_group_name_H-M   'P 1'
#
loop_
_entity.id
_entity.type
_entity.pdbx_description
1 polymer Hemagglutinin
2 branched 'N-acetyl-alpha-neuraminic acid-(2-3)-beta-D-galactopyranose-(1-4)-[alpha-L-fucopyranose-(1-3)]2-acetamido-2-deoxy-beta-D-glucopyranose'
3 branched 2-acetamido-2-deoxy-beta-D-glucopyranose-(1-4)-2-acetamido-2-deoxy-beta-D-glucopyranose
4 non-polymer 2-acetamido-2-deoxy-beta-D-glucopyranose
#
_entity_poly.entity_id   1
_entity_poly.type   'polypeptide(L)'
_entity_poly.pdbx_seq_one_letter_code
;DQICIGYHANNSTEQVDTIMEKNVTVTHAQDILEKTHNGKLCDLNGVKPLILKDCSVAGWLLGNPMCDEFIRVPEWSYIV
ERANPANDLCYPGSLNDYEELKHLLSRINHFEKILIIPKSSWPNHETSLGVSAACPYQGAPSFFRNVVWLIKKNDAYPTI
KISYNNTNREDLLILWGIHHSNNAEEQTNLYKNPTTYISVGTSTLNQRLVPKIATRSQVNGQRGRMDFFWTILKPDDAIH
FESNGNFIAPEYAYKIVKKGDSTIMKSGVEYGHCNTKCQTPVGAINSSMPFHNIHPLTIGECPKYVKSNKLVLATGLRNS
PLREKRRKRGLFGAIAGFIEGGWQGMVDGWYGYHHSNEQGSGYAADKESTQKAIDGVTNKVNSIIDKMNTQFEAVGREFN
NLERRIENLNKKMEDGFLDVWTYNAELLVLMENERTLDFHDSNVKNLYDKVRLQLRDNAKELGNGCFEFYHKCDNECMES
VRNGTYDYPQYSEEARLKREEISGVK
;
_entity_poly.pdbx_strand_id   B,E,F
#
# COMPACT_ATOMS: atom_id res chain seq x y z
N ASP A 1 -24.33 45.56 41.38
CA ASP A 1 -25.35 46.25 40.59
C ASP A 1 -25.36 45.71 39.15
N GLN A 2 -24.27 45.08 38.75
CA GLN A 2 -24.17 44.54 37.40
C GLN A 2 -23.08 43.49 37.35
N ILE A 3 -23.34 42.41 36.62
CA ILE A 3 -22.36 41.35 36.38
C ILE A 3 -22.41 40.99 34.91
N CYS A 4 -21.31 40.44 34.40
CA CYS A 4 -21.21 40.11 32.99
C CYS A 4 -20.26 38.93 32.81
N ILE A 5 -20.36 38.29 31.64
CA ILE A 5 -19.61 37.08 31.33
C ILE A 5 -18.76 37.33 30.10
N GLY A 6 -17.52 36.83 30.12
CA GLY A 6 -16.61 37.00 29.00
C GLY A 6 -15.48 35.98 29.06
N TYR A 7 -14.63 36.02 28.04
CA TYR A 7 -13.54 35.06 27.90
C TYR A 7 -12.21 35.79 27.74
N HIS A 8 -11.13 35.04 27.93
CA HIS A 8 -9.78 35.60 27.97
C HIS A 8 -9.20 35.76 26.58
N ALA A 9 -8.39 36.79 26.39
CA ALA A 9 -7.75 37.09 25.11
C ALA A 9 -6.35 37.63 25.37
N ASN A 10 -5.53 37.64 24.32
CA ASN A 10 -4.16 38.14 24.40
C ASN A 10 -3.76 38.72 23.06
N ASN A 11 -2.46 38.93 22.87
CA ASN A 11 -1.91 39.61 21.70
C ASN A 11 -1.26 38.67 20.70
N SER A 12 -1.39 37.36 20.87
CA SER A 12 -0.71 36.42 19.99
C SER A 12 -1.26 36.52 18.57
N THR A 13 -0.42 36.15 17.60
CA THR A 13 -0.77 36.24 16.19
C THR A 13 -0.66 34.90 15.47
N GLU A 14 -0.58 33.79 16.20
CA GLU A 14 -0.50 32.48 15.57
C GLU A 14 -1.77 32.19 14.79
N GLN A 15 -1.62 31.49 13.67
CA GLN A 15 -2.73 31.20 12.77
C GLN A 15 -2.79 29.71 12.47
N VAL A 16 -4.01 29.18 12.40
CA VAL A 16 -4.25 27.79 12.07
C VAL A 16 -5.29 27.73 10.96
N ASP A 17 -5.48 26.52 10.42
CA ASP A 17 -6.42 26.29 9.34
C ASP A 17 -7.40 25.19 9.74
N THR A 18 -8.66 25.37 9.37
CA THR A 18 -9.70 24.37 9.53
C THR A 18 -10.20 23.95 8.16
N ILE A 19 -11.21 23.06 8.16
CA ILE A 19 -11.78 22.61 6.90
C ILE A 19 -12.53 23.73 6.21
N MET A 20 -13.22 24.57 6.99
CA MET A 20 -14.08 25.61 6.43
C MET A 20 -13.41 26.97 6.33
N GLU A 21 -12.33 27.22 7.07
CA GLU A 21 -11.72 28.54 7.10
C GLU A 21 -10.20 28.41 7.09
N LYS A 22 -9.54 29.46 6.58
CA LYS A 22 -8.10 29.54 6.55
C LYS A 22 -7.63 30.84 7.21
N ASN A 23 -6.42 30.81 7.77
CA ASN A 23 -5.81 31.94 8.46
C ASN A 23 -6.74 32.49 9.54
N VAL A 24 -6.98 31.65 10.53
CA VAL A 24 -7.75 32.00 11.71
C VAL A 24 -6.76 32.21 12.85
N THR A 25 -6.82 33.38 13.47
CA THR A 25 -5.92 33.70 14.57
C THR A 25 -6.45 33.12 15.87
N VAL A 26 -5.55 32.54 16.67
CA VAL A 26 -5.92 31.90 17.93
C VAL A 26 -5.03 32.45 19.04
N THR A 27 -5.47 32.23 20.28
CA THR A 27 -4.68 32.67 21.42
C THR A 27 -3.45 31.78 21.63
N HIS A 28 -3.61 30.47 21.44
CA HIS A 28 -2.52 29.54 21.62
C HIS A 28 -2.57 28.47 20.54
N ALA A 29 -1.41 27.91 20.22
CA ALA A 29 -1.30 26.87 19.19
C ALA A 29 -0.10 26.01 19.50
N GLN A 30 0.03 24.90 18.76
CA GLN A 30 1.15 23.99 18.92
C GLN A 30 1.59 23.49 17.55
N ASP A 31 2.91 23.47 17.33
CA ASP A 31 3.48 22.96 16.09
C ASP A 31 3.93 21.52 16.29
N ILE A 32 3.73 20.70 15.26
CA ILE A 32 4.05 19.28 15.36
C ILE A 32 4.90 18.83 14.18
N LEU A 33 5.63 19.76 13.55
CA LEU A 33 6.47 19.45 12.41
C LEU A 33 7.88 19.95 12.65
N GLU A 34 8.87 19.13 12.28
CA GLU A 34 10.28 19.46 12.44
C GLU A 34 10.89 19.70 11.06
N LYS A 35 11.66 20.78 10.92
CA LYS A 35 12.13 21.19 9.60
C LYS A 35 13.58 21.66 9.61
N THR A 36 14.40 21.18 10.55
CA THR A 36 15.79 21.60 10.64
C THR A 36 16.70 20.40 10.83
N HIS A 37 17.93 20.50 10.33
CA HIS A 37 18.92 19.43 10.44
C HIS A 37 20.30 20.02 10.61
N ASN A 38 21.21 19.23 11.16
CA ASN A 38 22.57 19.68 11.43
C ASN A 38 23.32 19.97 10.13
N GLY A 39 23.16 19.11 9.13
CA GLY A 39 23.98 19.18 7.93
C GLY A 39 25.28 18.42 8.01
N LYS A 40 25.43 17.53 8.99
CA LYS A 40 26.64 16.76 9.18
C LYS A 40 26.30 15.28 9.38
N LEU A 41 27.33 14.46 9.43
CA LEU A 41 27.21 13.05 9.78
C LEU A 41 27.84 12.84 11.16
N CYS A 42 27.10 12.17 12.04
CA CYS A 42 27.53 12.01 13.43
C CYS A 42 27.50 10.53 13.80
N ASP A 43 27.96 10.24 15.03
CA ASP A 43 27.94 8.89 15.55
C ASP A 43 26.55 8.53 16.03
N LEU A 44 26.13 7.29 15.77
CA LEU A 44 24.84 6.81 16.23
C LEU A 44 25.03 6.13 17.59
N ASN A 45 24.65 6.83 18.66
CA ASN A 45 24.74 6.32 20.03
C ASN A 45 26.18 5.98 20.41
N GLY A 46 27.14 6.71 19.86
CA GLY A 46 28.54 6.56 20.24
C GLY A 46 29.36 5.63 19.37
N VAL A 47 28.83 5.16 18.25
CA VAL A 47 29.55 4.26 17.35
C VAL A 47 29.77 4.98 16.04
N LYS A 48 31.04 5.20 15.69
CA LYS A 48 31.38 5.93 14.48
C LYS A 48 31.02 5.10 13.24
N PRO A 49 30.50 5.73 12.20
CA PRO A 49 30.20 5.00 10.96
C PRO A 49 31.48 4.73 10.15
N LEU A 50 31.31 3.93 9.11
CA LEU A 50 32.40 3.58 8.21
C LEU A 50 32.24 4.37 6.91
N ILE A 51 33.22 5.21 6.61
CA ILE A 51 33.17 6.09 5.44
C ILE A 51 34.11 5.54 4.39
N LEU A 52 33.55 5.12 3.26
CA LEU A 52 34.34 4.64 2.12
C LEU A 52 34.53 5.81 1.16
N LYS A 53 35.62 6.53 1.36
CA LYS A 53 35.87 7.74 0.54
C LYS A 53 36.37 7.33 -0.85
N ASP A 54 35.51 7.43 -1.87
CA ASP A 54 35.92 7.13 -3.27
C ASP A 54 36.28 5.65 -3.43
N CYS A 55 35.64 4.76 -2.66
CA CYS A 55 35.87 3.30 -2.83
C CYS A 55 34.49 2.62 -2.76
N SER A 56 34.25 1.64 -3.61
CA SER A 56 32.99 0.92 -3.61
C SER A 56 33.08 -0.27 -2.66
N VAL A 57 31.95 -0.96 -2.49
CA VAL A 57 31.94 -2.15 -1.62
C VAL A 57 32.83 -3.24 -2.21
N ALA A 58 32.74 -3.45 -3.52
CA ALA A 58 33.56 -4.47 -4.16
C ALA A 58 35.04 -4.14 -4.08
N GLY A 59 35.39 -2.85 -4.24
CA GLY A 59 36.78 -2.45 -4.13
C GLY A 59 37.34 -2.59 -2.74
N TRP A 60 36.49 -2.72 -1.73
CA TRP A 60 36.92 -2.91 -0.36
C TRP A 60 37.05 -4.39 0.00
N LEU A 61 36.13 -5.23 -0.48
CA LEU A 61 36.19 -6.65 -0.18
C LEU A 61 37.37 -7.32 -0.90
N LEU A 62 37.34 -7.30 -2.22
CA LEU A 62 38.56 -7.58 -2.98
C LEU A 62 39.47 -6.37 -2.80
N GLY A 63 40.73 -6.61 -2.44
CA GLY A 63 41.53 -5.49 -2.01
C GLY A 63 42.11 -4.70 -3.16
N ASN A 64 41.44 -3.62 -3.54
CA ASN A 64 41.96 -2.74 -4.56
C ASN A 64 43.20 -2.05 -4.02
N PRO A 65 44.30 -2.00 -4.79
CA PRO A 65 45.54 -1.42 -4.25
C PRO A 65 45.41 0.04 -3.85
N MET A 66 44.41 0.76 -4.37
CA MET A 66 44.23 2.15 -3.97
C MET A 66 43.52 2.27 -2.63
N CYS A 67 42.54 1.39 -2.36
CA CYS A 67 41.78 1.43 -1.11
C CYS A 67 42.48 0.60 -0.04
N ASP A 68 43.64 1.09 0.39
CA ASP A 68 44.47 0.38 1.35
C ASP A 68 44.37 0.94 2.76
N GLU A 69 43.52 1.93 2.99
CA GLU A 69 43.24 2.41 4.33
C GLU A 69 42.21 1.56 5.06
N PHE A 70 41.50 0.70 4.34
CA PHE A 70 40.46 -0.15 4.91
C PHE A 70 40.93 -1.59 5.09
N ILE A 71 42.23 -1.80 5.26
CA ILE A 71 42.75 -3.14 5.52
C ILE A 71 42.22 -3.66 6.86
N ARG A 72 42.28 -2.83 7.89
CA ARG A 72 41.77 -3.17 9.21
C ARG A 72 40.68 -2.17 9.58
N VAL A 73 39.50 -2.69 9.93
CA VAL A 73 38.35 -1.84 10.19
C VAL A 73 37.72 -2.21 11.52
N PRO A 74 37.45 -1.25 12.40
CA PRO A 74 36.76 -1.54 13.66
C PRO A 74 35.25 -1.70 13.43
N GLU A 75 34.54 -1.88 14.53
CA GLU A 75 33.08 -2.03 14.46
C GLU A 75 32.43 -0.73 13.99
N TRP A 76 31.35 -0.87 13.23
CA TRP A 76 30.66 0.27 12.64
C TRP A 76 29.18 0.21 12.95
N SER A 77 28.51 1.35 12.80
CA SER A 77 27.07 1.47 12.96
C SER A 77 26.32 1.53 11.63
N TYR A 78 26.88 2.22 10.63
CA TYR A 78 26.33 2.22 9.29
C TYR A 78 27.44 2.55 8.31
N ILE A 79 27.19 2.29 7.03
CA ILE A 79 28.17 2.45 5.97
C ILE A 79 27.73 3.59 5.06
N VAL A 80 28.67 4.48 4.73
CA VAL A 80 28.42 5.62 3.87
C VAL A 80 29.22 5.45 2.59
N GLU A 81 28.54 5.54 1.45
CA GLU A 81 29.15 5.36 0.14
C GLU A 81 28.76 6.51 -0.77
N ARG A 82 29.71 6.97 -1.57
CA ARG A 82 29.41 8.05 -2.51
C ARG A 82 28.53 7.55 -3.65
N ALA A 83 27.94 8.49 -4.38
CA ALA A 83 26.99 8.13 -5.43
C ALA A 83 27.68 7.39 -6.57
N ASN A 84 28.82 7.90 -7.02
CA ASN A 84 29.59 7.29 -8.12
C ASN A 84 31.02 7.13 -7.67
N PRO A 85 31.36 6.01 -7.03
CA PRO A 85 32.73 5.84 -6.51
C PRO A 85 33.73 5.67 -7.65
N ALA A 86 34.87 6.37 -7.52
CA ALA A 86 35.88 6.34 -8.57
C ALA A 86 36.62 5.01 -8.60
N ASN A 87 37.00 4.49 -7.45
CA ASN A 87 37.80 3.27 -7.35
C ASN A 87 36.88 2.07 -7.19
N ASP A 88 37.00 1.12 -8.09
CA ASP A 88 36.16 -0.06 -8.16
C ASP A 88 37.02 -1.19 -8.73
N LEU A 89 36.39 -2.23 -9.27
CA LEU A 89 37.13 -3.24 -10.01
C LEU A 89 38.07 -2.56 -11.00
N CYS A 90 39.37 -2.69 -10.76
CA CYS A 90 40.35 -2.04 -11.63
C CYS A 90 40.50 -2.79 -12.94
N TYR A 91 40.81 -4.08 -12.86
CA TYR A 91 40.77 -4.92 -14.04
C TYR A 91 39.32 -5.08 -14.50
N PRO A 92 39.05 -4.94 -15.79
CA PRO A 92 37.66 -5.01 -16.27
C PRO A 92 37.02 -6.35 -15.92
N GLY A 93 35.73 -6.30 -15.60
CA GLY A 93 35.00 -7.51 -15.24
C GLY A 93 33.72 -7.23 -14.49
N SER A 94 33.34 -8.14 -13.60
CA SER A 94 32.11 -8.01 -12.83
C SER A 94 32.19 -8.90 -11.60
N LEU A 95 31.27 -8.66 -10.68
CA LEU A 95 31.09 -9.50 -9.49
C LEU A 95 29.68 -10.06 -9.51
N ASN A 96 29.55 -11.37 -9.45
CA ASN A 96 28.25 -12.01 -9.58
C ASN A 96 27.41 -11.79 -8.33
N ASP A 97 26.12 -11.51 -8.54
CA ASP A 97 25.17 -11.28 -7.46
C ASP A 97 25.66 -10.19 -6.52
N TYR A 98 26.05 -9.06 -7.11
CA TYR A 98 26.57 -7.94 -6.32
C TYR A 98 25.50 -7.39 -5.39
N GLU A 99 24.26 -7.27 -5.87
CA GLU A 99 23.21 -6.67 -5.06
C GLU A 99 22.82 -7.55 -3.89
N GLU A 100 22.76 -8.86 -4.10
CA GLU A 100 22.43 -9.77 -2.99
C GLU A 100 23.49 -9.74 -1.91
N LEU A 101 24.76 -9.60 -2.29
CA LEU A 101 25.81 -9.47 -1.28
C LEU A 101 25.64 -8.20 -0.46
N LYS A 102 25.24 -7.09 -1.11
CA LYS A 102 25.03 -5.85 -0.38
C LYS A 102 23.83 -5.94 0.55
N HIS A 103 22.79 -6.68 0.16
CA HIS A 103 21.67 -6.90 1.06
C HIS A 103 22.10 -7.64 2.31
N LEU A 104 22.97 -8.64 2.15
CA LEU A 104 23.51 -9.36 3.30
C LEU A 104 24.36 -8.45 4.17
N LEU A 105 25.14 -7.57 3.54
CA LEU A 105 26.06 -6.70 4.28
C LEU A 105 25.33 -5.69 5.16
N SER A 106 24.03 -5.50 4.95
CA SER A 106 23.27 -4.52 5.72
C SER A 106 22.82 -5.06 7.07
N ARG A 107 23.17 -6.31 7.41
CA ARG A 107 22.83 -6.89 8.70
C ARG A 107 24.06 -7.26 9.51
N ILE A 108 25.24 -6.80 9.12
CA ILE A 108 26.49 -7.17 9.77
C ILE A 108 27.14 -5.91 10.32
N ASN A 109 27.70 -6.00 11.54
CA ASN A 109 28.27 -4.79 12.19
C ASN A 109 29.76 -4.94 12.44
N HIS A 110 30.33 -6.13 12.28
CA HIS A 110 31.81 -6.27 12.41
C HIS A 110 32.31 -7.47 11.61
N PHE A 111 33.58 -7.42 11.19
CA PHE A 111 34.20 -8.53 10.41
C PHE A 111 35.61 -8.74 10.90
N GLU A 112 36.19 -9.89 10.59
CA GLU A 112 37.57 -10.20 10.91
C GLU A 112 38.20 -10.94 9.75
N LYS A 113 39.41 -10.52 9.37
CA LYS A 113 40.09 -11.06 8.21
C LYS A 113 41.11 -12.10 8.64
N ILE A 114 41.08 -13.27 8.01
CA ILE A 114 41.98 -14.37 8.34
C ILE A 114 42.61 -14.90 7.07
N LEU A 115 43.76 -15.55 7.22
CA LEU A 115 44.51 -16.12 6.12
C LEU A 115 44.20 -17.61 6.04
N ILE A 116 43.41 -18.00 5.04
CA ILE A 116 42.98 -19.40 4.95
C ILE A 116 43.99 -20.22 4.17
N ILE A 117 44.52 -19.69 3.08
CA ILE A 117 45.45 -20.44 2.23
C ILE A 117 46.75 -19.66 2.09
N PRO A 118 47.82 -20.07 2.76
CA PRO A 118 49.10 -19.36 2.64
C PRO A 118 49.68 -19.49 1.23
N LYS A 119 50.52 -18.53 0.87
CA LYS A 119 51.12 -18.52 -0.45
C LYS A 119 52.12 -19.66 -0.66
N SER A 120 52.62 -20.26 0.42
CA SER A 120 53.50 -21.40 0.29
C SER A 120 52.77 -22.66 -0.16
N SER A 121 51.44 -22.62 -0.22
CA SER A 121 50.67 -23.80 -0.61
C SER A 121 50.81 -24.12 -2.09
N TRP A 122 51.33 -23.20 -2.90
CA TRP A 122 51.52 -23.43 -4.34
C TRP A 122 53.01 -23.50 -4.63
N PRO A 123 53.61 -24.69 -4.63
CA PRO A 123 55.06 -24.80 -4.87
C PRO A 123 55.41 -25.08 -6.32
N ASN A 124 54.41 -25.36 -7.15
CA ASN A 124 54.65 -25.68 -8.56
C ASN A 124 54.05 -24.66 -9.51
N HIS A 125 53.66 -23.49 -9.02
CA HIS A 125 53.15 -22.42 -9.86
C HIS A 125 53.82 -21.11 -9.44
N GLU A 126 53.74 -20.11 -10.32
CA GLU A 126 54.40 -18.83 -10.08
C GLU A 126 53.44 -17.90 -9.35
N THR A 127 53.74 -17.62 -8.08
CA THR A 127 52.86 -16.75 -7.30
C THR A 127 53.05 -15.29 -7.67
N SER A 128 54.27 -14.89 -8.03
CA SER A 128 54.53 -13.54 -8.49
C SER A 128 54.10 -13.43 -9.95
N LEU A 129 54.49 -12.34 -10.60
CA LEU A 129 54.23 -12.14 -12.04
C LEU A 129 52.74 -12.13 -12.35
N GLY A 130 51.92 -11.74 -11.39
CA GLY A 130 50.49 -11.64 -11.61
C GLY A 130 50.01 -10.21 -11.67
N VAL A 131 50.92 -9.31 -12.01
CA VAL A 131 50.62 -7.87 -11.98
C VAL A 131 49.99 -7.44 -13.31
N SER A 132 49.40 -6.25 -13.28
CA SER A 132 48.84 -5.63 -14.48
C SER A 132 48.90 -4.12 -14.33
N ALA A 133 48.85 -3.43 -15.47
CA ALA A 133 48.88 -1.97 -15.48
C ALA A 133 47.51 -1.35 -15.28
N ALA A 134 46.44 -2.14 -15.34
CA ALA A 134 45.11 -1.60 -15.06
C ALA A 134 44.92 -1.33 -13.57
N CYS A 135 45.68 -2.02 -12.72
CA CYS A 135 45.62 -1.82 -11.27
C CYS A 135 46.99 -1.33 -10.81
N PRO A 136 47.25 -0.03 -10.88
CA PRO A 136 48.56 0.49 -10.48
C PRO A 136 48.61 0.86 -9.00
N TYR A 137 49.83 0.83 -8.47
CA TYR A 137 50.09 1.22 -7.10
C TYR A 137 51.43 1.94 -7.06
N GLN A 138 51.40 3.25 -6.79
CA GLN A 138 52.60 4.08 -6.75
C GLN A 138 53.37 4.01 -8.08
N GLY A 139 52.63 4.06 -9.18
CA GLY A 139 53.25 4.05 -10.49
C GLY A 139 53.95 2.75 -10.86
N ALA A 140 53.35 1.62 -10.53
CA ALA A 140 53.89 0.32 -10.88
C ALA A 140 52.74 -0.67 -10.99
N PRO A 141 52.85 -1.68 -11.84
CA PRO A 141 51.78 -2.67 -11.95
C PRO A 141 51.56 -3.43 -10.64
N SER A 142 50.31 -3.79 -10.39
CA SER A 142 49.95 -4.53 -9.19
C SER A 142 48.64 -5.26 -9.45
N PHE A 143 48.02 -5.77 -8.38
CA PHE A 143 46.81 -6.56 -8.51
C PHE A 143 46.04 -6.47 -7.20
N PHE A 144 44.84 -7.04 -7.19
CA PHE A 144 44.03 -7.12 -5.98
C PHE A 144 44.84 -7.80 -4.87
N ARG A 145 44.61 -7.40 -3.62
CA ARG A 145 45.43 -7.85 -2.52
C ARG A 145 44.89 -9.09 -1.81
N ASN A 146 43.61 -9.41 -1.97
CA ASN A 146 43.01 -10.53 -1.26
C ASN A 146 42.88 -11.78 -2.12
N VAL A 147 43.37 -11.75 -3.37
CA VAL A 147 43.38 -12.91 -4.25
C VAL A 147 44.73 -12.98 -4.94
N VAL A 148 45.01 -14.12 -5.56
CA VAL A 148 46.29 -14.37 -6.20
C VAL A 148 46.07 -14.88 -7.62
N TRP A 149 46.91 -14.43 -8.54
CA TRP A 149 46.85 -14.81 -9.94
C TRP A 149 47.98 -15.78 -10.23
N LEU A 150 47.63 -16.98 -10.70
CA LEU A 150 48.58 -18.07 -10.84
C LEU A 150 48.98 -18.23 -12.30
N ILE A 151 50.29 -18.34 -12.54
CA ILE A 151 50.85 -18.45 -13.88
C ILE A 151 51.74 -19.69 -13.93
N LYS A 152 51.94 -20.20 -15.14
CA LYS A 152 52.73 -21.40 -15.34
C LYS A 152 54.18 -21.20 -14.88
N LYS A 153 54.80 -22.29 -14.45
CA LYS A 153 56.20 -22.29 -14.06
C LYS A 153 56.91 -23.43 -14.77
N ASN A 154 58.12 -23.14 -15.27
CA ASN A 154 58.93 -24.12 -16.00
C ASN A 154 58.15 -24.72 -17.15
N ASP A 155 57.34 -23.90 -17.81
CA ASP A 155 56.55 -24.30 -18.97
C ASP A 155 55.61 -25.46 -18.64
N ALA A 156 54.99 -25.41 -17.46
CA ALA A 156 54.07 -26.46 -17.05
C ALA A 156 53.06 -25.89 -16.06
N TYR A 157 51.84 -26.41 -16.12
CA TYR A 157 50.75 -26.02 -15.22
C TYR A 157 50.07 -27.29 -14.73
N PRO A 158 50.59 -27.91 -13.68
CA PRO A 158 49.96 -29.12 -13.14
C PRO A 158 48.59 -28.82 -12.55
N THR A 159 47.73 -29.84 -12.57
CA THR A 159 46.39 -29.68 -12.02
C THR A 159 46.45 -29.46 -10.52
N ILE A 160 45.47 -28.72 -10.01
CA ILE A 160 45.45 -28.27 -8.63
C ILE A 160 44.28 -28.92 -7.91
N LYS A 161 44.55 -29.44 -6.70
CA LYS A 161 43.50 -29.93 -5.82
C LYS A 161 43.80 -29.44 -4.41
N ILE A 162 42.82 -28.79 -3.79
CA ILE A 162 43.00 -28.15 -2.49
C ILE A 162 41.66 -28.12 -1.76
N SER A 163 41.71 -28.02 -0.44
CA SER A 163 40.50 -27.98 0.36
C SER A 163 40.72 -27.17 1.62
N TYR A 164 39.63 -26.66 2.17
CA TYR A 164 39.66 -25.96 3.45
C TYR A 164 38.44 -26.35 4.27
N ASN A 165 38.64 -26.57 5.57
CA ASN A 165 37.64 -27.15 6.46
C ASN A 165 37.37 -26.15 7.60
N ASN A 166 36.16 -25.60 7.64
CA ASN A 166 35.88 -24.50 8.56
C ASN A 166 35.78 -25.02 9.99
N THR A 167 36.52 -24.39 10.90
CA THR A 167 36.56 -24.78 12.30
C THR A 167 36.51 -23.57 13.23
N ASN A 168 35.83 -22.49 12.83
CA ASN A 168 35.91 -21.24 13.57
C ASN A 168 34.64 -20.89 14.35
N ARG A 169 33.63 -21.75 14.33
CA ARG A 169 32.33 -21.57 14.99
C ARG A 169 31.55 -20.38 14.42
N GLU A 170 32.02 -19.74 13.36
CA GLU A 170 31.32 -18.64 12.74
C GLU A 170 31.34 -18.83 11.22
N ASP A 171 30.40 -18.16 10.55
CA ASP A 171 30.33 -18.25 9.10
C ASP A 171 31.50 -17.52 8.46
N LEU A 172 31.82 -17.92 7.23
CA LEU A 172 32.94 -17.35 6.49
C LEU A 172 32.46 -16.91 5.11
N LEU A 173 33.10 -15.86 4.60
CA LEU A 173 32.83 -15.36 3.26
C LEU A 173 34.10 -15.53 2.42
N ILE A 174 33.97 -16.18 1.27
CA ILE A 174 35.11 -16.54 0.42
C ILE A 174 34.84 -16.06 -0.99
N LEU A 175 35.89 -15.59 -1.67
CA LEU A 175 35.79 -15.07 -3.02
C LEU A 175 36.85 -15.71 -3.91
N TRP A 176 36.46 -16.02 -5.15
CA TRP A 176 37.38 -16.58 -6.14
C TRP A 176 36.96 -16.07 -7.51
N GLY A 177 37.79 -16.34 -8.52
CA GLY A 177 37.51 -15.79 -9.83
C GLY A 177 38.13 -16.57 -10.96
N ILE A 178 37.72 -16.20 -12.18
CA ILE A 178 38.19 -16.81 -13.42
C ILE A 178 38.58 -15.70 -14.38
N HIS A 179 39.53 -15.99 -15.26
CA HIS A 179 40.06 -15.03 -16.23
C HIS A 179 39.78 -15.49 -17.64
N HIS A 180 39.20 -14.62 -18.45
CA HIS A 180 38.97 -14.87 -19.87
C HIS A 180 40.09 -14.25 -20.68
N SER A 181 40.67 -15.02 -21.60
CA SER A 181 41.82 -14.59 -22.36
C SER A 181 41.39 -13.89 -23.64
N ASN A 182 42.38 -13.32 -24.35
CA ASN A 182 42.12 -12.57 -25.57
C ASN A 182 42.07 -13.48 -26.79
N ASN A 183 43.14 -14.27 -27.00
CA ASN A 183 43.24 -15.11 -28.18
C ASN A 183 43.94 -16.41 -27.80
N ALA A 184 44.05 -17.31 -28.79
CA ALA A 184 44.59 -18.64 -28.54
C ALA A 184 46.06 -18.58 -28.14
N GLU A 185 46.84 -17.70 -28.78
CA GLU A 185 48.27 -17.61 -28.47
C GLU A 185 48.50 -17.12 -27.04
N GLU A 186 47.67 -16.19 -26.58
CA GLU A 186 47.81 -15.71 -25.20
C GLU A 186 47.57 -16.82 -24.21
N GLN A 187 46.64 -17.74 -24.53
CA GLN A 187 46.31 -18.81 -23.59
C GLN A 187 47.51 -19.70 -23.32
N THR A 188 48.27 -20.06 -24.36
CA THR A 188 49.43 -20.93 -24.16
C THR A 188 50.58 -20.17 -23.53
N ASN A 189 50.66 -18.86 -23.72
CA ASN A 189 51.75 -18.08 -23.13
C ASN A 189 51.64 -18.03 -21.61
N LEU A 190 50.42 -17.95 -21.08
CA LEU A 190 50.23 -17.82 -19.65
C LEU A 190 50.02 -19.15 -18.94
N TYR A 191 49.20 -20.03 -19.51
CA TYR A 191 48.76 -21.22 -18.81
C TYR A 191 49.24 -22.53 -19.41
N LYS A 192 49.72 -22.53 -20.66
CA LYS A 192 50.36 -23.65 -21.34
C LYS A 192 49.35 -24.73 -21.73
N ASN A 193 48.11 -24.67 -21.27
CA ASN A 193 47.13 -25.69 -21.60
C ASN A 193 46.02 -25.10 -22.46
N PRO A 194 45.68 -25.74 -23.58
CA PRO A 194 44.69 -25.12 -24.48
C PRO A 194 43.27 -25.12 -23.94
N THR A 195 42.83 -26.20 -23.32
CA THR A 195 41.48 -26.32 -22.78
C THR A 195 41.55 -26.46 -21.27
N THR A 196 40.76 -25.65 -20.56
CA THR A 196 40.83 -25.57 -19.11
C THR A 196 39.42 -25.54 -18.53
N TYR A 197 39.36 -25.65 -17.20
CA TYR A 197 38.10 -25.64 -16.47
C TYR A 197 38.37 -25.31 -15.01
N ILE A 198 37.31 -24.92 -14.30
CA ILE A 198 37.35 -24.72 -12.86
C ILE A 198 36.11 -25.36 -12.26
N SER A 199 36.28 -26.12 -11.19
CA SER A 199 35.17 -26.77 -10.51
C SER A 199 35.26 -26.50 -9.02
N VAL A 200 34.14 -26.08 -8.42
CA VAL A 200 34.06 -25.75 -7.00
C VAL A 200 32.87 -26.50 -6.40
N GLY A 201 33.07 -27.10 -5.24
CA GLY A 201 32.00 -27.85 -4.60
C GLY A 201 31.95 -27.75 -3.09
N THR A 202 30.75 -27.67 -2.55
CA THR A 202 30.50 -27.69 -1.11
C THR A 202 29.30 -28.59 -0.87
N SER A 203 28.72 -28.50 0.33
CA SER A 203 27.53 -29.29 0.62
C SER A 203 26.33 -28.84 -0.20
N THR A 204 26.30 -27.58 -0.63
CA THR A 204 25.19 -27.04 -1.38
C THR A 204 25.58 -26.39 -2.70
N LEU A 205 26.86 -26.41 -3.08
CA LEU A 205 27.34 -25.73 -4.27
C LEU A 205 27.94 -26.75 -5.23
N ASN A 206 27.60 -26.62 -6.51
CA ASN A 206 28.12 -27.49 -7.56
C ASN A 206 28.30 -26.63 -8.80
N GLN A 207 29.55 -26.24 -9.09
CA GLN A 207 29.83 -25.24 -10.10
C GLN A 207 30.98 -25.69 -11.00
N ARG A 208 30.83 -25.43 -12.29
CA ARG A 208 31.89 -25.67 -13.27
C ARG A 208 31.92 -24.50 -14.25
N LEU A 209 33.11 -23.96 -14.49
CA LEU A 209 33.28 -22.77 -15.32
C LEU A 209 34.30 -23.04 -16.41
N VAL A 210 34.06 -22.48 -17.59
CA VAL A 210 34.95 -22.62 -18.74
C VAL A 210 35.25 -21.23 -19.29
N PRO A 211 36.50 -20.92 -19.61
CA PRO A 211 36.82 -19.59 -20.15
C PRO A 211 36.22 -19.38 -21.53
N LYS A 212 35.93 -18.11 -21.84
CA LYS A 212 35.47 -17.69 -23.14
C LYS A 212 36.55 -16.85 -23.80
N ILE A 213 36.93 -17.22 -25.02
CA ILE A 213 37.99 -16.54 -25.76
C ILE A 213 37.36 -15.85 -26.96
N ALA A 214 37.48 -14.53 -27.02
CA ALA A 214 36.84 -13.74 -28.07
C ALA A 214 37.51 -12.37 -28.14
N THR A 215 36.99 -11.52 -29.01
CA THR A 215 37.47 -10.16 -29.18
C THR A 215 36.51 -9.19 -28.49
N ARG A 216 37.06 -8.27 -27.72
CA ARG A 216 36.26 -7.34 -26.94
C ARG A 216 36.88 -5.95 -27.02
N SER A 217 36.07 -4.94 -26.69
CA SER A 217 36.55 -3.56 -26.70
C SER A 217 37.45 -3.31 -25.50
N GLN A 218 38.30 -2.29 -25.63
CA GLN A 218 39.24 -1.93 -24.58
C GLN A 218 38.52 -1.20 -23.45
N VAL A 219 38.75 -1.64 -22.22
CA VAL A 219 38.33 -0.93 -21.03
C VAL A 219 39.54 -0.81 -20.12
N ASN A 220 39.83 0.40 -19.66
CA ASN A 220 41.03 0.70 -18.87
C ASN A 220 42.31 0.27 -19.58
N GLY A 221 42.26 0.11 -20.90
CA GLY A 221 43.42 -0.30 -21.66
C GLY A 221 43.57 -1.78 -21.89
N GLN A 222 42.68 -2.61 -21.34
CA GLN A 222 42.78 -4.06 -21.45
C GLN A 222 41.54 -4.62 -22.13
N ARG A 223 41.74 -5.67 -22.93
CA ARG A 223 40.65 -6.35 -23.60
C ARG A 223 40.25 -7.65 -22.91
N GLY A 224 40.96 -8.05 -21.86
CA GLY A 224 40.56 -9.22 -21.09
C GLY A 224 39.52 -8.88 -20.02
N ARG A 225 38.98 -9.93 -19.40
CA ARG A 225 37.95 -9.77 -18.39
C ARG A 225 38.20 -10.75 -17.25
N MET A 226 37.67 -10.42 -16.08
CA MET A 226 37.75 -11.28 -14.90
C MET A 226 36.40 -11.28 -14.19
N ASP A 227 35.89 -12.47 -13.87
CA ASP A 227 34.63 -12.62 -13.16
C ASP A 227 34.88 -13.21 -11.79
N PHE A 228 34.14 -12.73 -10.79
CA PHE A 228 34.33 -13.14 -9.41
C PHE A 228 33.04 -13.69 -8.83
N PHE A 229 33.17 -14.60 -7.87
CA PHE A 229 32.04 -15.24 -7.22
C PHE A 229 32.28 -15.28 -5.72
N TRP A 230 31.21 -15.52 -4.97
CA TRP A 230 31.28 -15.53 -3.51
C TRP A 230 30.34 -16.58 -2.95
N THR A 231 30.59 -16.96 -1.71
CA THR A 231 29.74 -17.94 -1.02
C THR A 231 29.94 -17.79 0.48
N ILE A 232 29.05 -18.41 1.24
CA ILE A 232 29.09 -18.40 2.69
C ILE A 232 29.25 -19.85 3.16
N LEU A 233 30.25 -20.09 4.00
CA LEU A 233 30.57 -21.44 4.47
C LEU A 233 30.11 -21.60 5.91
N LYS A 234 29.31 -22.64 6.14
CA LYS A 234 28.75 -22.90 7.47
C LYS A 234 29.84 -23.41 8.41
N PRO A 235 29.60 -23.36 9.73
CA PRO A 235 30.72 -23.50 10.67
C PRO A 235 31.51 -24.79 10.59
N ASP A 236 30.96 -25.89 10.05
CA ASP A 236 31.69 -27.14 10.02
C ASP A 236 31.67 -27.81 8.64
N ASP A 237 31.56 -27.02 7.57
CA ASP A 237 31.58 -27.57 6.23
C ASP A 237 32.97 -27.41 5.63
N ALA A 238 33.13 -27.75 4.36
CA ALA A 238 34.40 -27.61 3.68
C ALA A 238 34.16 -27.29 2.22
N ILE A 239 35.19 -26.77 1.57
CA ILE A 239 35.14 -26.36 0.16
C ILE A 239 36.30 -27.01 -0.57
N HIS A 240 36.06 -27.44 -1.81
CA HIS A 240 37.07 -28.13 -2.60
C HIS A 240 37.24 -27.43 -3.94
N PHE A 241 38.49 -27.22 -4.34
CA PHE A 241 38.83 -26.57 -5.59
C PHE A 241 39.62 -27.52 -6.48
N GLU A 242 39.35 -27.45 -7.78
CA GLU A 242 40.14 -28.20 -8.76
C GLU A 242 40.14 -27.42 -10.06
N SER A 243 41.32 -27.23 -10.65
CA SER A 243 41.41 -26.41 -11.85
C SER A 243 42.60 -26.83 -12.68
N ASN A 244 42.49 -26.58 -13.99
CA ASN A 244 43.57 -26.83 -14.94
C ASN A 244 44.26 -25.55 -15.39
N GLY A 245 43.61 -24.40 -15.21
CA GLY A 245 44.20 -23.12 -15.60
C GLY A 245 43.16 -22.03 -15.49
N ASN A 246 43.62 -20.79 -15.66
CA ASN A 246 42.75 -19.62 -15.64
C ASN A 246 42.06 -19.44 -14.29
N PHE A 247 42.81 -19.67 -13.20
CA PHE A 247 42.25 -19.71 -11.86
C PHE A 247 42.80 -18.56 -11.03
N ILE A 248 41.91 -17.81 -10.39
CA ILE A 248 42.26 -16.77 -9.44
C ILE A 248 41.88 -17.29 -8.06
N ALA A 249 42.89 -17.52 -7.21
CA ALA A 249 42.65 -18.30 -6.01
C ALA A 249 42.46 -17.42 -4.78
N PRO A 250 41.68 -17.89 -3.82
CA PRO A 250 41.51 -17.13 -2.58
C PRO A 250 42.78 -17.12 -1.74
N GLU A 251 42.97 -16.03 -1.00
CA GLU A 251 44.04 -15.95 -0.01
C GLU A 251 43.55 -15.49 1.35
N TYR A 252 42.58 -14.59 1.43
CA TYR A 252 42.05 -14.10 2.68
C TYR A 252 40.54 -14.31 2.70
N ALA A 253 39.97 -14.32 3.90
CA ALA A 253 38.54 -14.51 4.08
C ALA A 253 38.07 -13.75 5.30
N TYR A 254 36.76 -13.53 5.38
CA TYR A 254 36.16 -12.71 6.42
C TYR A 254 35.27 -13.57 7.31
N LYS A 255 35.37 -13.36 8.61
CA LYS A 255 34.49 -14.00 9.58
C LYS A 255 33.41 -13.02 10.03
N ILE A 256 32.19 -13.52 10.15
CA ILE A 256 31.05 -12.69 10.56
C ILE A 256 30.99 -12.75 12.08
N VAL A 257 31.75 -11.85 12.71
CA VAL A 257 31.86 -11.87 14.17
C VAL A 257 30.57 -11.38 14.82
N LYS A 258 30.05 -10.25 14.36
CA LYS A 258 28.92 -9.60 15.00
C LYS A 258 27.81 -9.35 13.99
N LYS A 259 26.57 -9.56 14.43
CA LYS A 259 25.39 -9.35 13.61
C LYS A 259 24.48 -8.32 14.30
N GLY A 260 23.71 -7.61 13.50
CA GLY A 260 22.83 -6.58 14.05
C GLY A 260 22.09 -5.84 12.97
N ASP A 261 21.85 -4.56 13.22
CA ASP A 261 21.11 -3.70 12.31
C ASP A 261 22.05 -2.62 11.77
N SER A 262 22.02 -2.44 10.44
CA SER A 262 22.85 -1.44 9.79
C SER A 262 22.19 -1.06 8.47
N THR A 263 22.85 -0.17 7.73
CA THR A 263 22.35 0.27 6.44
C THR A 263 23.50 0.86 5.64
N ILE A 264 23.26 1.04 4.34
CA ILE A 264 24.21 1.66 3.43
C ILE A 264 23.58 2.94 2.91
N MET A 265 24.24 4.07 3.14
CA MET A 265 23.72 5.38 2.80
C MET A 265 24.54 6.00 1.68
N LYS A 266 23.86 6.56 0.69
CA LYS A 266 24.51 7.29 -0.40
C LYS A 266 24.46 8.77 -0.06
N SER A 267 25.62 9.36 0.23
CA SER A 267 25.66 10.75 0.64
C SER A 267 27.04 11.33 0.36
N GLY A 268 27.12 12.65 0.39
CA GLY A 268 28.37 13.35 0.16
C GLY A 268 28.73 14.32 1.27
N VAL A 269 27.95 14.32 2.35
CA VAL A 269 28.21 15.18 3.49
C VAL A 269 29.46 14.69 4.22
N GLU A 270 29.96 15.49 5.15
CA GLU A 270 31.23 15.22 5.81
C GLU A 270 31.00 14.87 7.28
N TYR A 271 31.94 14.10 7.82
CA TYR A 271 31.89 13.73 9.23
C TYR A 271 32.07 14.96 10.11
N GLY A 272 31.29 15.03 11.19
CA GLY A 272 31.25 16.21 12.03
C GLY A 272 31.75 16.05 13.45
N HIS A 273 32.24 14.88 13.85
CA HIS A 273 32.70 14.63 15.22
C HIS A 273 31.62 14.95 16.24
N CYS A 274 30.41 14.47 15.96
CA CYS A 274 29.26 14.75 16.82
C CYS A 274 28.59 13.46 17.27
N ASN A 275 27.47 13.58 17.97
CA ASN A 275 26.69 12.43 18.40
C ASN A 275 25.21 12.75 18.20
N THR A 276 24.42 11.72 17.94
CA THR A 276 23.01 11.90 17.65
C THR A 276 22.27 10.60 17.94
N LYS A 277 20.95 10.64 17.74
CA LYS A 277 20.10 9.46 17.83
C LYS A 277 19.29 9.19 16.58
N CYS A 278 19.28 10.12 15.62
CA CYS A 278 18.63 9.93 14.34
C CYS A 278 19.54 10.51 13.26
N GLN A 279 19.65 9.81 12.13
CA GLN A 279 20.53 10.25 11.05
C GLN A 279 19.84 10.08 9.71
N THR A 280 19.97 11.09 8.87
CA THR A 280 19.44 11.14 7.52
C THR A 280 20.59 11.40 6.56
N PRO A 281 20.41 11.11 5.27
CA PRO A 281 21.50 11.34 4.31
C PRO A 281 21.94 12.79 4.21
N VAL A 282 21.13 13.73 4.70
CA VAL A 282 21.45 15.15 4.58
C VAL A 282 21.78 15.79 5.92
N GLY A 283 21.57 15.10 7.03
CA GLY A 283 21.91 15.64 8.32
C GLY A 283 21.23 14.87 9.44
N ALA A 284 21.53 15.30 10.66
CA ALA A 284 21.02 14.68 11.87
C ALA A 284 19.83 15.46 12.42
N ILE A 285 19.00 14.78 13.20
CA ILE A 285 17.78 15.37 13.73
C ILE A 285 17.78 15.33 15.25
N ASN A 286 17.68 16.51 15.85
CA ASN A 286 17.38 16.76 17.26
C ASN A 286 15.97 17.30 17.43
N SER A 287 15.03 16.45 17.83
CA SER A 287 13.69 16.94 18.09
C SER A 287 12.88 15.92 18.87
N SER A 288 11.73 16.39 19.35
CA SER A 288 10.72 15.55 19.98
C SER A 288 9.38 15.63 19.26
N MET A 289 9.30 16.35 18.14
CA MET A 289 8.05 16.52 17.43
C MET A 289 7.60 15.19 16.82
N PRO A 290 6.29 14.99 16.65
CA PRO A 290 5.83 13.73 16.06
C PRO A 290 6.26 13.50 14.62
N PHE A 291 6.34 14.55 13.82
CA PHE A 291 6.56 14.41 12.38
C PHE A 291 7.76 15.25 11.95
N HIS A 292 8.28 14.91 10.76
CA HIS A 292 9.37 15.64 10.13
C HIS A 292 9.25 15.49 8.63
N ASN A 293 9.95 16.37 7.90
CA ASN A 293 9.91 16.35 6.44
C ASN A 293 11.29 16.46 5.81
N ILE A 294 12.34 15.98 6.48
CA ILE A 294 13.70 16.18 5.97
C ILE A 294 13.98 15.23 4.82
N HIS A 295 13.90 13.92 5.07
CA HIS A 295 14.25 12.94 4.06
C HIS A 295 13.56 11.61 4.36
N PRO A 296 13.13 10.87 3.34
CA PRO A 296 12.36 9.64 3.61
C PRO A 296 13.17 8.49 4.18
N LEU A 297 14.49 8.49 4.04
CA LEU A 297 15.33 7.38 4.49
C LEU A 297 16.10 7.81 5.73
N THR A 298 15.87 7.12 6.85
CA THR A 298 16.50 7.43 8.13
C THR A 298 16.96 6.15 8.80
N ILE A 299 17.77 6.32 9.84
CA ILE A 299 18.23 5.21 10.67
C ILE A 299 18.25 5.66 12.13
N GLY A 300 17.85 4.76 13.02
CA GLY A 300 17.74 5.06 14.43
C GLY A 300 16.32 5.40 14.82
N GLU A 301 16.16 5.89 16.05
CA GLU A 301 14.86 6.37 16.51
C GLU A 301 14.60 7.72 15.83
N CYS A 302 13.49 7.83 15.12
CA CYS A 302 13.21 9.04 14.37
C CYS A 302 11.71 9.29 14.33
N PRO A 303 11.29 10.55 14.25
CA PRO A 303 9.88 10.85 14.03
C PRO A 303 9.44 10.41 12.64
N LYS A 304 8.13 10.38 12.45
CA LYS A 304 7.57 9.92 11.19
C LYS A 304 7.76 11.00 10.12
N TYR A 305 7.73 10.56 8.86
CA TYR A 305 8.01 11.41 7.71
C TYR A 305 6.71 11.70 6.95
N VAL A 306 6.49 12.98 6.64
CA VAL A 306 5.32 13.40 5.89
C VAL A 306 5.76 14.42 4.84
N LYS A 307 5.08 14.43 3.70
CA LYS A 307 5.41 15.35 2.61
C LYS A 307 4.49 16.57 2.68
N SER A 308 4.71 17.38 3.71
CA SER A 308 3.88 18.55 3.95
C SER A 308 4.79 19.74 4.23
N ASN A 309 4.18 20.88 4.54
CA ASN A 309 4.90 22.11 4.83
C ASN A 309 4.55 22.76 6.16
N LYS A 310 3.38 22.45 6.74
CA LYS A 310 3.00 23.01 8.03
C LYS A 310 1.92 22.15 8.65
N LEU A 311 2.00 21.96 9.96
CA LEU A 311 1.00 21.20 10.71
C LEU A 311 0.90 21.85 12.09
N VAL A 312 -0.15 22.62 12.31
CA VAL A 312 -0.34 23.37 13.55
C VAL A 312 -1.67 22.96 14.16
N LEU A 313 -1.65 22.63 15.46
CA LEU A 313 -2.85 22.35 16.22
C LEU A 313 -3.30 23.61 16.96
N ALA A 314 -4.56 23.60 17.36
CA ALA A 314 -5.16 24.71 18.12
C ALA A 314 -5.48 24.24 19.53
N THR A 315 -5.03 24.99 20.53
CA THR A 315 -5.30 24.66 21.93
C THR A 315 -5.87 25.86 22.69
N GLY A 316 -6.44 26.83 21.99
CA GLY A 316 -6.98 28.02 22.61
C GLY A 316 -8.15 28.56 21.84
N LEU A 317 -8.75 29.61 22.39
CA LEU A 317 -9.91 30.23 21.76
C LEU A 317 -9.47 31.08 20.57
N ARG A 318 -10.41 31.32 19.67
CA ARG A 318 -10.18 32.25 18.57
C ARG A 318 -9.96 33.64 19.12
N ASN A 319 -8.92 34.32 18.63
CA ASN A 319 -8.60 35.66 19.10
C ASN A 319 -9.26 36.71 18.23
N SER A 320 -9.50 37.88 18.83
CA SER A 320 -10.15 38.98 18.13
C SER A 320 -9.26 39.55 17.03
N GLY A 330 -20.13 31.36 16.17
CA GLY A 330 -19.88 30.02 15.69
C GLY A 330 -21.12 29.14 15.67
N LEU A 331 -20.92 27.83 15.87
CA LEU A 331 -22.05 26.92 15.89
C LEU A 331 -22.99 27.22 17.05
N PHE A 332 -22.43 27.50 18.23
CA PHE A 332 -23.24 27.81 19.40
C PHE A 332 -23.47 29.30 19.58
N GLY A 333 -22.86 30.15 18.75
CA GLY A 333 -23.20 31.56 18.70
C GLY A 333 -22.92 32.34 19.97
N ALA A 334 -21.77 32.14 20.59
CA ALA A 334 -21.41 32.86 21.80
C ALA A 334 -20.10 33.63 21.67
N ILE A 335 -19.09 33.04 21.04
CA ILE A 335 -17.76 33.66 21.02
C ILE A 335 -17.77 34.92 20.16
N ALA A 336 -18.56 34.95 19.10
CA ALA A 336 -18.66 36.11 18.22
C ALA A 336 -20.10 36.56 18.04
N GLY A 337 -21.00 36.10 18.90
CA GLY A 337 -22.40 36.48 18.81
C GLY A 337 -22.79 37.54 19.82
N PHE A 338 -23.58 37.13 20.84
CA PHE A 338 -24.01 38.09 21.85
C PHE A 338 -22.86 38.51 22.76
N ILE A 339 -21.73 37.83 22.70
CA ILE A 339 -20.49 38.30 23.31
C ILE A 339 -19.58 38.78 22.19
N GLU A 340 -19.26 40.07 22.18
CA GLU A 340 -18.60 40.69 21.04
C GLU A 340 -17.11 40.35 20.96
N GLY A 341 -16.44 40.19 22.09
CA GLY A 341 -15.01 39.94 22.07
C GLY A 341 -14.49 39.65 23.46
N GLY A 342 -13.23 39.25 23.51
CA GLY A 342 -12.59 38.87 24.74
C GLY A 342 -12.17 40.05 25.59
N TRP A 343 -11.65 39.74 26.77
CA TRP A 343 -11.18 40.73 27.73
C TRP A 343 -9.66 40.67 27.80
N GLN A 344 -9.01 41.79 27.49
CA GLN A 344 -7.55 41.85 27.61
C GLN A 344 -7.10 41.70 29.06
N GLY A 345 -7.82 42.32 29.98
CA GLY A 345 -7.48 42.25 31.39
C GLY A 345 -7.77 40.91 32.05
N MET A 346 -8.36 39.97 31.32
CA MET A 346 -8.67 38.66 31.88
C MET A 346 -7.41 37.82 31.95
N VAL A 347 -7.01 37.45 33.17
CA VAL A 347 -5.88 36.56 33.40
C VAL A 347 -6.31 35.53 34.44
N ASP A 348 -5.49 34.48 34.57
CA ASP A 348 -5.62 33.37 35.52
C ASP A 348 -6.72 32.39 35.12
N GLY A 349 -7.42 32.62 34.01
CA GLY A 349 -8.47 31.71 33.59
C GLY A 349 -8.97 31.94 32.19
N TRP A 350 -9.38 30.87 31.51
CA TRP A 350 -9.88 31.00 30.14
C TRP A 350 -11.26 31.67 30.11
N TYR A 351 -12.13 31.31 31.06
CA TYR A 351 -13.45 31.91 31.16
C TYR A 351 -13.64 32.47 32.56
N GLY A 352 -14.43 33.54 32.66
CA GLY A 352 -14.64 34.16 33.96
C GLY A 352 -15.72 35.22 33.88
N TYR A 353 -15.94 35.87 35.02
CA TYR A 353 -16.97 36.89 35.17
C TYR A 353 -16.32 38.21 35.52
N HIS A 354 -16.92 39.31 35.06
CA HIS A 354 -16.52 40.66 35.48
C HIS A 354 -17.61 41.22 36.37
N HIS A 355 -17.22 41.67 37.57
CA HIS A 355 -18.17 42.16 38.55
C HIS A 355 -17.97 43.65 38.78
N SER A 356 -19.09 44.37 38.85
CA SER A 356 -19.06 45.83 38.89
C SER A 356 -20.05 46.38 39.93
N ASN A 357 -20.04 45.84 41.14
CA ASN A 357 -20.98 46.28 42.16
C ASN A 357 -20.57 47.66 42.71
N GLU A 358 -21.32 48.13 43.71
CA GLU A 358 -21.07 49.47 44.24
C GLU A 358 -19.80 49.52 45.09
N GLN A 359 -19.49 48.44 45.80
CA GLN A 359 -18.30 48.43 46.65
C GLN A 359 -17.03 48.54 45.82
N GLY A 360 -16.98 47.87 44.68
CA GLY A 360 -15.80 47.92 43.83
C GLY A 360 -16.08 47.26 42.50
N SER A 361 -15.06 47.28 41.65
CA SER A 361 -15.15 46.69 40.32
C SER A 361 -13.86 45.94 40.03
N GLY A 362 -14.00 44.73 39.47
CA GLY A 362 -12.82 43.94 39.15
C GLY A 362 -13.21 42.67 38.42
N TYR A 363 -12.19 41.99 37.92
CA TYR A 363 -12.36 40.74 37.21
C TYR A 363 -12.22 39.55 38.16
N ALA A 364 -12.69 38.39 37.69
CA ALA A 364 -12.58 37.16 38.43
C ALA A 364 -12.55 36.00 37.45
N ALA A 365 -12.03 34.86 37.92
CA ALA A 365 -11.85 33.69 37.08
C ALA A 365 -12.72 32.55 37.59
N ASP A 366 -13.25 31.76 36.65
CA ASP A 366 -14.10 30.61 36.97
C ASP A 366 -13.23 29.36 37.05
N LYS A 367 -12.94 28.92 38.27
CA LYS A 367 -12.24 27.67 38.46
C LYS A 367 -13.16 26.51 38.11
N GLU A 368 -12.55 25.40 37.67
CA GLU A 368 -13.22 24.14 37.37
C GLU A 368 -14.03 24.25 36.07
N SER A 369 -14.07 25.42 35.46
CA SER A 369 -14.49 25.48 34.06
C SER A 369 -13.29 25.57 33.15
N THR A 370 -12.25 26.28 33.58
CA THR A 370 -10.99 26.28 32.86
C THR A 370 -10.32 24.91 32.92
N GLN A 371 -10.40 24.24 34.07
CA GLN A 371 -9.67 23.00 34.28
C GLN A 371 -10.16 21.88 33.37
N LYS A 372 -11.48 21.77 33.19
CA LYS A 372 -12.02 20.71 32.32
C LYS A 372 -11.56 20.91 30.88
N ALA A 373 -11.59 22.14 30.39
CA ALA A 373 -11.12 22.40 29.03
C ALA A 373 -9.63 22.07 28.90
N ILE A 374 -8.85 22.37 29.94
CA ILE A 374 -7.43 22.04 29.93
C ILE A 374 -7.22 20.53 29.85
N ASP A 375 -7.95 19.78 30.67
CA ASP A 375 -7.82 18.33 30.64
C ASP A 375 -8.37 17.75 29.34
N GLY A 376 -9.43 18.35 28.80
CA GLY A 376 -10.00 17.82 27.57
C GLY A 376 -9.07 17.94 26.39
N VAL A 377 -8.43 19.10 26.22
CA VAL A 377 -7.54 19.30 25.08
C VAL A 377 -6.25 18.52 25.25
N THR A 378 -5.78 18.36 26.50
CA THR A 378 -4.52 17.66 26.73
C THR A 378 -4.61 16.20 26.29
N ASN A 379 -5.71 15.53 26.62
CA ASN A 379 -5.87 14.15 26.22
C ASN A 379 -6.01 14.00 24.71
N LYS A 380 -6.63 14.99 24.05
CA LYS A 380 -6.79 14.93 22.61
C LYS A 380 -5.45 14.93 21.90
N VAL A 381 -4.50 15.74 22.38
CA VAL A 381 -3.18 15.81 21.76
C VAL A 381 -2.46 14.47 21.89
N ASN A 382 -2.50 13.90 23.10
CA ASN A 382 -1.78 12.65 23.34
C ASN A 382 -2.32 11.51 22.50
N SER A 383 -3.64 11.43 22.36
CA SER A 383 -4.24 10.35 21.58
C SER A 383 -3.81 10.42 20.12
N ILE A 384 -3.65 11.62 19.58
CA ILE A 384 -3.21 11.78 18.20
C ILE A 384 -1.79 11.24 18.02
N ILE A 385 -0.90 11.53 18.96
CA ILE A 385 0.48 11.07 18.86
C ILE A 385 0.53 9.55 18.91
N ASP A 386 -0.21 8.94 19.85
CA ASP A 386 -0.16 7.50 20.01
C ASP A 386 -0.75 6.77 18.81
N LYS A 387 -1.83 7.31 18.23
CA LYS A 387 -2.49 6.66 17.12
C LYS A 387 -1.65 6.61 15.86
N MET A 388 -0.62 7.45 15.75
CA MET A 388 0.22 7.50 14.57
C MET A 388 1.60 6.89 14.81
N ASN A 389 1.74 6.07 15.86
CA ASN A 389 3.03 5.46 16.15
C ASN A 389 3.46 4.50 15.04
N THR A 390 2.51 3.72 14.51
CA THR A 390 2.81 2.76 13.46
C THR A 390 2.64 3.45 12.10
N GLN A 391 3.76 3.62 11.40
CA GLN A 391 3.75 4.21 10.07
C GLN A 391 4.75 3.46 9.20
N PHE A 392 4.54 3.54 7.89
CA PHE A 392 5.46 2.89 6.95
C PHE A 392 6.84 3.51 7.05
N GLU A 393 7.86 2.66 7.05
CA GLU A 393 9.26 3.08 7.10
C GLU A 393 9.95 2.58 5.84
N ALA A 394 10.57 3.51 5.12
CA ALA A 394 11.22 3.15 3.86
C ALA A 394 12.60 2.56 4.10
N VAL A 395 12.97 1.62 3.23
CA VAL A 395 14.26 0.94 3.30
C VAL A 395 14.83 0.86 1.89
N GLY A 396 16.16 1.02 1.78
CA GLY A 396 16.78 1.06 0.47
C GLY A 396 17.08 -0.34 -0.07
N ARG A 397 16.87 -0.51 -1.38
CA ARG A 397 17.20 -1.73 -2.09
C ARG A 397 17.81 -1.35 -3.43
N GLU A 398 18.58 -2.27 -4.00
CA GLU A 398 19.32 -2.00 -5.23
C GLU A 398 19.07 -3.08 -6.26
N PHE A 399 19.07 -2.68 -7.53
CA PHE A 399 18.84 -3.58 -8.64
C PHE A 399 19.80 -3.21 -9.76
N ASN A 400 20.08 -4.18 -10.63
CA ASN A 400 21.02 -3.98 -11.72
C ASN A 400 20.29 -3.48 -12.97
N ASN A 401 20.98 -3.50 -14.11
CA ASN A 401 20.44 -2.89 -15.32
C ASN A 401 19.31 -3.70 -15.95
N LEU A 402 19.24 -5.00 -15.68
CA LEU A 402 18.25 -5.86 -16.32
C LEU A 402 17.06 -6.18 -15.42
N GLU A 403 16.94 -5.48 -14.29
CA GLU A 403 15.82 -5.65 -13.37
C GLU A 403 14.99 -4.38 -13.29
N ARG A 404 14.70 -3.77 -14.44
CA ARG A 404 14.01 -2.49 -14.46
C ARG A 404 12.56 -2.62 -14.02
N ARG A 405 11.91 -3.73 -14.39
CA ARG A 405 10.51 -3.91 -14.01
C ARG A 405 10.36 -4.00 -12.50
N ILE A 406 11.24 -4.74 -11.84
CA ILE A 406 11.16 -4.87 -10.38
C ILE A 406 11.50 -3.55 -9.71
N GLU A 407 12.50 -2.85 -10.21
CA GLU A 407 12.88 -1.56 -9.62
C GLU A 407 11.76 -0.55 -9.73
N ASN A 408 11.07 -0.52 -10.87
CA ASN A 408 9.91 0.35 -11.00
C ASN A 408 8.82 -0.03 -10.01
N LEU A 409 8.59 -1.33 -9.82
CA LEU A 409 7.58 -1.79 -8.87
C LEU A 409 7.93 -1.39 -7.45
N ASN A 410 9.21 -1.49 -7.08
CA ASN A 410 9.62 -1.10 -5.74
C ASN A 410 9.41 0.39 -5.48
N LYS A 411 9.71 1.23 -6.47
CA LYS A 411 9.59 2.67 -6.28
C LYS A 411 8.13 3.09 -6.11
N LYS A 412 7.24 2.52 -6.91
CA LYS A 412 5.83 2.90 -6.82
C LYS A 412 5.21 2.46 -5.49
N MET A 413 5.67 1.34 -4.94
CA MET A 413 5.14 0.88 -3.66
C MET A 413 5.48 1.84 -2.53
N GLU A 414 6.71 2.34 -2.50
CA GLU A 414 7.13 3.23 -1.42
C GLU A 414 6.54 4.63 -1.57
N ASP A 415 6.28 5.08 -2.80
CA ASP A 415 5.62 6.36 -2.98
C ASP A 415 4.14 6.28 -2.67
N GLY A 416 3.53 5.10 -2.87
CA GLY A 416 2.12 4.95 -2.56
C GLY A 416 1.83 5.06 -1.08
N PHE A 417 2.70 4.50 -0.24
CA PHE A 417 2.47 4.54 1.20
C PHE A 417 2.73 5.92 1.79
N LEU A 418 3.74 6.63 1.28
CA LEU A 418 4.00 7.98 1.78
C LEU A 418 2.86 8.93 1.42
N ASP A 419 2.17 8.68 0.32
CA ASP A 419 1.02 9.51 -0.03
C ASP A 419 -0.15 9.26 0.91
N VAL A 420 -0.37 7.99 1.30
CA VAL A 420 -1.49 7.67 2.16
C VAL A 420 -1.30 8.27 3.54
N TRP A 421 -0.11 8.12 4.11
CA TRP A 421 0.12 8.60 5.47
C TRP A 421 0.17 10.12 5.53
N THR A 422 0.61 10.77 4.45
CA THR A 422 0.54 12.23 4.41
C THR A 422 -0.91 12.70 4.41
N TYR A 423 -1.77 12.00 3.68
CA TYR A 423 -3.19 12.36 3.66
C TYR A 423 -3.82 12.20 5.04
N ASN A 424 -3.48 11.12 5.74
CA ASN A 424 -4.07 10.87 7.06
C ASN A 424 -3.66 11.94 8.06
N ALA A 425 -2.38 12.33 8.07
CA ALA A 425 -1.90 13.30 9.04
C ALA A 425 -2.56 14.66 8.85
N GLU A 426 -2.68 15.10 7.60
CA GLU A 426 -3.26 16.41 7.34
C GLU A 426 -4.75 16.45 7.68
N LEU A 427 -5.48 15.39 7.34
CA LEU A 427 -6.91 15.36 7.59
C LEU A 427 -7.22 15.41 9.08
N LEU A 428 -6.44 14.69 9.88
CA LEU A 428 -6.68 14.67 11.33
C LEU A 428 -6.51 16.05 11.95
N VAL A 429 -5.47 16.78 11.54
CA VAL A 429 -5.20 18.09 12.11
C VAL A 429 -6.33 19.06 11.77
N LEU A 430 -6.82 19.02 10.53
CA LEU A 430 -7.90 19.91 10.13
C LEU A 430 -9.16 19.66 10.96
N MET A 431 -9.49 18.39 11.19
CA MET A 431 -10.75 18.06 11.86
C MET A 431 -10.70 18.35 13.35
N GLU A 432 -9.60 18.00 14.02
CA GLU A 432 -9.52 18.24 15.46
C GLU A 432 -9.48 19.72 15.79
N ASN A 433 -8.90 20.54 14.90
CA ASN A 433 -8.93 21.99 15.10
C ASN A 433 -10.36 22.50 15.05
N GLU A 434 -11.18 21.97 14.14
CA GLU A 434 -12.57 22.40 14.04
C GLU A 434 -13.35 22.06 15.31
N ARG A 435 -13.14 20.86 15.85
CA ARG A 435 -13.83 20.47 17.08
C ARG A 435 -13.40 21.33 18.26
N THR A 436 -12.10 21.64 18.35
CA THR A 436 -11.59 22.39 19.49
C THR A 436 -12.19 23.79 19.56
N LEU A 437 -12.34 24.45 18.42
CA LEU A 437 -12.91 25.80 18.42
C LEU A 437 -14.34 25.79 18.92
N ASP A 438 -15.15 24.82 18.51
CA ASP A 438 -16.53 24.74 18.97
C ASP A 438 -16.62 24.24 20.40
N PHE A 439 -15.65 23.45 20.85
CA PHE A 439 -15.65 22.99 22.24
C PHE A 439 -15.52 24.16 23.20
N HIS A 440 -14.67 25.14 22.87
CA HIS A 440 -14.59 26.35 23.68
C HIS A 440 -15.85 27.20 23.55
N ASP A 441 -16.48 27.20 22.38
CA ASP A 441 -17.68 28.00 22.17
C ASP A 441 -18.82 27.55 23.08
N SER A 442 -19.01 26.24 23.22
CA SER A 442 -20.10 25.72 24.02
C SER A 442 -19.90 26.03 25.50
N ASN A 443 -18.67 25.91 25.99
CA ASN A 443 -18.41 26.09 27.41
C ASN A 443 -18.79 27.49 27.88
N VAL A 444 -18.57 28.49 27.03
CA VAL A 444 -19.00 29.85 27.37
C VAL A 444 -20.52 29.91 27.45
N LYS A 445 -21.21 29.28 26.50
CA LYS A 445 -22.67 29.32 26.48
C LYS A 445 -23.26 28.66 27.72
N ASN A 446 -22.69 27.53 28.14
CA ASN A 446 -23.19 26.83 29.31
C ASN A 446 -23.05 27.70 30.57
N LEU A 447 -21.92 28.40 30.70
CA LEU A 447 -21.74 29.30 31.84
C LEU A 447 -22.76 30.41 31.84
N TYR A 448 -23.07 30.96 30.67
CA TYR A 448 -24.05 32.03 30.58
C TYR A 448 -25.42 31.57 31.03
N ASP A 449 -25.82 30.36 30.63
CA ASP A 449 -27.14 29.86 31.01
C ASP A 449 -27.22 29.47 32.48
N LYS A 450 -26.10 29.00 33.04
CA LYS A 450 -26.11 28.56 34.43
C LYS A 450 -26.44 29.71 35.37
N VAL A 451 -25.89 30.90 35.09
CA VAL A 451 -26.18 32.06 35.93
C VAL A 451 -27.63 32.51 35.76
N ARG A 452 -28.13 32.47 34.53
CA ARG A 452 -29.48 32.95 34.25
C ARG A 452 -30.53 32.19 35.05
N LEU A 453 -30.34 30.87 35.20
CA LEU A 453 -31.31 30.06 35.94
C LEU A 453 -31.28 30.38 37.42
N GLN A 454 -30.08 30.47 38.01
CA GLN A 454 -29.98 30.79 39.42
C GLN A 454 -30.56 32.16 39.72
N LEU A 455 -30.29 33.13 38.86
CA LEU A 455 -30.75 34.50 39.09
C LEU A 455 -32.27 34.60 39.01
N ARG A 456 -32.88 33.88 38.07
CA ARG A 456 -34.33 33.88 37.84
C ARG A 456 -34.73 35.31 37.45
N ASP A 457 -35.79 35.87 38.02
CA ASP A 457 -36.29 37.19 37.63
C ASP A 457 -35.75 38.32 38.49
N ASN A 458 -34.86 38.02 39.44
CA ASN A 458 -34.29 39.08 40.28
C ASN A 458 -33.40 40.04 39.50
N ALA A 459 -33.05 39.70 38.26
CA ALA A 459 -32.21 40.57 37.43
C ALA A 459 -32.81 40.64 36.04
N LYS A 460 -32.50 41.72 35.34
CA LYS A 460 -32.93 41.94 33.97
C LYS A 460 -31.71 41.81 33.05
N GLU A 461 -31.81 40.94 32.06
CA GLU A 461 -30.68 40.68 31.17
C GLU A 461 -30.60 41.76 30.10
N LEU A 462 -29.42 42.33 29.93
CA LEU A 462 -29.24 43.45 29.01
C LEU A 462 -29.33 42.98 27.56
N GLY A 463 -28.87 41.77 27.27
CA GLY A 463 -28.76 41.29 25.91
C GLY A 463 -27.37 41.35 25.33
N ASN A 464 -26.37 41.72 26.12
CA ASN A 464 -24.98 41.75 25.69
C ASN A 464 -24.13 40.74 26.43
N GLY A 465 -24.74 39.90 27.26
CA GLY A 465 -24.02 39.00 28.13
C GLY A 465 -23.92 39.43 29.57
N CYS A 466 -24.54 40.55 29.93
CA CYS A 466 -24.51 41.06 31.30
C CYS A 466 -25.92 41.08 31.88
N PHE A 467 -25.99 41.08 33.21
CA PHE A 467 -27.24 41.15 33.95
C PHE A 467 -27.19 42.33 34.92
N GLU A 468 -28.34 42.98 35.12
CA GLU A 468 -28.46 44.09 36.05
C GLU A 468 -29.33 43.67 37.23
N PHE A 469 -28.78 43.75 38.43
CA PHE A 469 -29.48 43.34 39.64
C PHE A 469 -30.56 44.35 40.00
N TYR A 470 -31.78 43.86 40.22
CA TYR A 470 -32.81 44.73 40.81
C TYR A 470 -32.51 45.01 42.28
N HIS A 471 -32.19 43.97 43.04
CA HIS A 471 -31.88 44.13 44.45
C HIS A 471 -30.40 44.46 44.64
N LYS A 472 -30.12 45.38 45.55
CA LYS A 472 -28.74 45.73 45.84
C LYS A 472 -28.05 44.58 46.55
N CYS A 473 -26.89 44.19 46.05
CA CYS A 473 -26.16 43.03 46.57
C CYS A 473 -24.69 43.37 46.66
N ASP A 474 -24.07 43.04 47.78
CA ASP A 474 -22.67 43.35 48.02
C ASP A 474 -21.78 42.26 47.42
N ASN A 475 -20.48 42.32 47.71
CA ASN A 475 -19.56 41.33 47.19
C ASN A 475 -19.82 39.94 47.77
N GLU A 476 -20.37 39.86 48.98
CA GLU A 476 -20.59 38.58 49.62
C GLU A 476 -21.62 37.76 48.86
N CYS A 477 -22.77 38.36 48.53
CA CYS A 477 -23.80 37.62 47.81
C CYS A 477 -23.42 37.41 46.34
N MET A 478 -22.67 38.36 45.77
CA MET A 478 -22.15 38.16 44.42
C MET A 478 -21.09 37.08 44.39
N GLU A 479 -20.34 36.91 45.49
CA GLU A 479 -19.50 35.74 45.63
C GLU A 479 -20.35 34.47 45.68
N SER A 480 -21.54 34.57 46.28
CA SER A 480 -22.43 33.41 46.35
C SER A 480 -22.93 32.99 44.97
N VAL A 481 -23.03 33.92 44.04
CA VAL A 481 -23.38 33.56 42.67
C VAL A 481 -22.28 32.69 42.06
N ARG A 482 -21.02 33.07 42.30
CA ARG A 482 -19.92 32.24 41.78
C ARG A 482 -19.75 30.95 42.59
N ASN A 483 -20.10 30.96 43.87
CA ASN A 483 -20.34 29.67 44.53
C ASN A 483 -21.36 28.80 43.80
N GLY A 484 -22.42 29.38 43.25
CA GLY A 484 -23.59 28.60 42.96
C GLY A 484 -24.49 28.34 44.16
N THR A 485 -24.33 29.11 45.24
CA THR A 485 -25.22 29.03 46.39
C THR A 485 -26.19 30.21 46.47
N TYR A 486 -26.46 30.86 45.35
CA TYR A 486 -27.35 32.01 45.33
C TYR A 486 -28.72 31.65 45.90
N ASP A 487 -29.18 32.43 46.88
CA ASP A 487 -30.41 32.15 47.61
C ASP A 487 -31.50 33.06 47.05
N TYR A 488 -32.30 32.51 46.13
CA TYR A 488 -33.36 33.30 45.51
C TYR A 488 -34.41 33.81 46.49
N PRO A 489 -34.98 32.98 47.38
CA PRO A 489 -36.13 33.47 48.18
C PRO A 489 -35.81 34.69 49.05
N GLN A 490 -34.61 34.76 49.61
CA GLN A 490 -34.32 35.79 50.60
C GLN A 490 -34.28 37.18 49.97
N TYR A 491 -33.82 37.29 48.73
CA TYR A 491 -33.79 38.56 48.01
C TYR A 491 -34.99 38.74 47.09
N SER A 492 -35.87 37.75 46.98
CA SER A 492 -36.96 37.83 46.01
C SER A 492 -37.91 38.97 46.31
N GLU A 493 -38.28 39.14 47.58
CA GLU A 493 -39.28 40.16 47.92
C GLU A 493 -38.72 41.56 47.70
N GLU A 494 -37.44 41.78 48.01
CA GLU A 494 -36.87 43.11 47.87
C GLU A 494 -36.86 43.56 46.41
N ALA A 495 -36.48 42.66 45.50
CA ALA A 495 -36.45 43.01 44.08
C ALA A 495 -37.82 43.30 43.53
N ARG A 496 -38.88 42.85 44.21
CA ARG A 496 -40.24 43.09 43.73
C ARG A 496 -40.56 44.59 43.75
N LEU A 497 -40.33 45.26 44.89
CA LEU A 497 -40.76 46.65 45.01
C LEU A 497 -40.10 47.53 43.94
N LYS A 498 -38.82 47.31 43.66
CA LYS A 498 -38.14 48.10 42.65
C LYS A 498 -38.64 47.80 41.24
N ARG A 499 -39.23 46.63 41.02
CA ARG A 499 -39.68 46.28 39.67
C ARG A 499 -40.80 47.20 39.19
N GLU A 500 -41.77 47.49 40.07
CA GLU A 500 -42.96 48.24 39.70
C GLU A 500 -43.69 47.59 38.53
N ASP B 1 -48.97 43.17 12.25
CA ASP B 1 -48.61 43.06 13.66
C ASP B 1 -47.83 41.79 13.95
N GLN B 2 -47.15 41.26 12.93
CA GLN B 2 -46.36 40.05 13.11
C GLN B 2 -45.09 40.13 12.29
N ILE B 3 -44.03 39.51 12.80
CA ILE B 3 -42.78 39.32 12.08
C ILE B 3 -42.36 37.87 12.23
N CYS B 4 -42.03 37.22 11.12
CA CYS B 4 -41.68 35.80 11.11
C CYS B 4 -40.40 35.59 10.32
N ILE B 5 -39.66 34.56 10.69
CA ILE B 5 -38.41 34.20 10.03
C ILE B 5 -38.51 32.77 9.53
N GLY B 6 -37.75 32.47 8.49
CA GLY B 6 -37.79 31.16 7.89
C GLY B 6 -36.67 30.98 6.90
N TYR B 7 -36.78 29.91 6.10
CA TYR B 7 -35.78 29.60 5.09
C TYR B 7 -36.46 29.38 3.75
N HIS B 8 -35.63 29.10 2.74
CA HIS B 8 -36.06 29.08 1.34
C HIS B 8 -36.11 27.65 0.82
N ALA B 9 -37.17 27.34 0.07
CA ALA B 9 -37.39 26.01 -0.50
C ALA B 9 -37.63 26.15 -2.00
N ASN B 10 -37.40 25.04 -2.71
CA ASN B 10 -37.48 25.05 -4.17
C ASN B 10 -38.05 23.72 -4.65
N ASN B 11 -37.92 23.47 -5.96
CA ASN B 11 -38.43 22.27 -6.60
C ASN B 11 -37.37 21.17 -6.74
N SER B 12 -36.24 21.30 -6.07
CA SER B 12 -35.14 20.37 -6.24
C SER B 12 -35.51 18.98 -5.76
N THR B 13 -34.86 17.97 -6.36
CA THR B 13 -35.05 16.59 -5.96
C THR B 13 -33.72 15.84 -5.82
N GLU B 14 -32.61 16.55 -5.69
CA GLU B 14 -31.33 15.89 -5.49
C GLU B 14 -31.32 15.18 -4.15
N GLN B 15 -30.54 14.10 -4.07
CA GLN B 15 -30.52 13.27 -2.89
C GLN B 15 -29.09 12.88 -2.54
N VAL B 16 -28.75 13.00 -1.26
CA VAL B 16 -27.42 12.70 -0.75
C VAL B 16 -27.54 11.73 0.42
N ASP B 17 -26.41 11.15 0.79
CA ASP B 17 -26.35 10.16 1.86
C ASP B 17 -25.48 10.68 2.99
N THR B 18 -25.92 10.45 4.22
CA THR B 18 -25.16 10.76 5.42
C THR B 18 -24.92 9.47 6.21
N ILE B 19 -24.30 9.61 7.38
CA ILE B 19 -24.00 8.44 8.20
C ILE B 19 -25.27 7.83 8.76
N MET B 20 -26.23 8.66 9.17
CA MET B 20 -27.42 8.20 9.85
C MET B 20 -28.67 8.19 8.96
N GLU B 21 -28.56 8.61 7.70
CA GLU B 21 -29.72 8.67 6.82
C GLU B 21 -29.29 8.48 5.37
N LYS B 22 -30.28 8.16 4.52
CA LYS B 22 -30.09 8.01 3.08
C LYS B 22 -31.21 8.73 2.34
N ASN B 23 -30.95 9.07 1.07
CA ASN B 23 -31.93 9.68 0.17
C ASN B 23 -32.52 10.99 0.68
N VAL B 24 -31.73 11.78 1.39
CA VAL B 24 -32.23 13.05 1.90
C VAL B 24 -32.27 14.06 0.76
N THR B 25 -33.40 14.75 0.62
CA THR B 25 -33.57 15.75 -0.43
C THR B 25 -32.97 17.08 -0.01
N VAL B 26 -32.30 17.75 -0.95
CA VAL B 26 -31.66 19.03 -0.70
C VAL B 26 -32.00 19.99 -1.84
N THR B 27 -31.81 21.28 -1.57
CA THR B 27 -32.17 22.32 -2.53
C THR B 27 -31.17 22.44 -3.68
N HIS B 28 -29.88 22.24 -3.40
CA HIS B 28 -28.86 22.40 -4.44
C HIS B 28 -27.73 21.41 -4.19
N ALA B 29 -27.28 20.77 -5.26
CA ALA B 29 -26.20 19.79 -5.18
C ALA B 29 -25.49 19.73 -6.53
N GLN B 30 -24.27 19.20 -6.50
CA GLN B 30 -23.48 19.03 -7.71
C GLN B 30 -22.73 17.70 -7.65
N ASP B 31 -22.76 16.97 -8.75
CA ASP B 31 -22.05 15.70 -8.84
C ASP B 31 -20.58 15.94 -9.18
N ILE B 32 -19.73 15.01 -8.74
CA ILE B 32 -18.29 15.14 -8.97
C ILE B 32 -17.72 13.86 -9.55
N LEU B 33 -18.56 13.06 -10.21
CA LEU B 33 -18.12 11.80 -10.80
C LEU B 33 -18.49 11.76 -12.28
N GLU B 34 -17.55 11.29 -13.10
CA GLU B 34 -17.72 11.21 -14.54
C GLU B 34 -17.90 9.75 -14.94
N LYS B 35 -18.88 9.48 -15.81
CA LYS B 35 -19.23 8.11 -16.17
C LYS B 35 -19.45 7.92 -17.67
N THR B 36 -18.98 8.84 -18.50
CA THR B 36 -19.23 8.76 -19.94
C THR B 36 -17.92 8.84 -20.73
N HIS B 37 -17.90 8.14 -21.86
CA HIS B 37 -16.77 8.15 -22.77
C HIS B 37 -17.30 8.06 -24.20
N ASN B 38 -16.44 8.44 -25.15
CA ASN B 38 -16.84 8.47 -26.56
C ASN B 38 -16.65 7.13 -27.27
N GLY B 39 -15.99 6.17 -26.64
CA GLY B 39 -15.84 4.86 -27.25
C GLY B 39 -15.02 4.83 -28.53
N LYS B 40 -13.92 5.57 -28.56
CA LYS B 40 -13.05 5.61 -29.72
C LYS B 40 -11.61 5.81 -29.26
N LEU B 41 -10.68 5.59 -30.19
CA LEU B 41 -9.28 5.94 -30.01
C LEU B 41 -9.00 7.20 -30.82
N CYS B 42 -8.48 8.23 -30.15
CA CYS B 42 -8.32 9.53 -30.77
C CYS B 42 -6.95 10.10 -30.38
N ASP B 43 -6.53 11.12 -31.12
CA ASP B 43 -5.18 11.66 -30.96
C ASP B 43 -4.98 12.30 -29.60
N LEU B 44 -3.76 12.22 -29.09
CA LEU B 44 -3.38 12.82 -27.82
C LEU B 44 -2.60 14.11 -28.11
N ASN B 45 -3.24 15.25 -27.90
CA ASN B 45 -2.64 16.56 -28.15
C ASN B 45 -2.15 16.72 -29.58
N GLY B 46 -2.89 16.15 -30.53
CA GLY B 46 -2.56 16.32 -31.93
C GLY B 46 -1.51 15.39 -32.49
N VAL B 47 -1.16 14.33 -31.78
CA VAL B 47 -0.19 13.34 -32.24
C VAL B 47 -0.89 12.00 -32.35
N LYS B 48 -0.85 11.42 -33.55
CA LYS B 48 -1.54 10.15 -33.78
C LYS B 48 -0.77 9.01 -33.12
N PRO B 49 -1.48 8.04 -32.52
CA PRO B 49 -0.80 6.86 -31.97
C PRO B 49 -0.38 5.90 -33.06
N LEU B 50 0.47 4.95 -32.65
CA LEU B 50 0.93 3.88 -33.54
C LEU B 50 0.06 2.65 -33.30
N ILE B 51 -0.67 2.23 -34.33
CA ILE B 51 -1.62 1.13 -34.22
C ILE B 51 -1.04 -0.07 -34.96
N LEU B 52 -0.71 -1.13 -34.22
CA LEU B 52 -0.17 -2.36 -34.78
C LEU B 52 -1.34 -3.33 -34.94
N LYS B 53 -1.92 -3.35 -36.14
CA LYS B 53 -3.05 -4.24 -36.43
C LYS B 53 -2.51 -5.62 -36.78
N ASP B 54 -2.73 -6.58 -35.88
CA ASP B 54 -2.42 -8.00 -36.06
C ASP B 54 -0.92 -8.30 -36.02
N CYS B 55 -0.11 -7.44 -35.43
CA CYS B 55 1.30 -7.72 -35.23
C CYS B 55 1.65 -7.54 -33.76
N SER B 56 2.62 -8.33 -33.29
CA SER B 56 3.19 -8.12 -31.98
C SER B 56 4.35 -7.14 -32.09
N VAL B 57 4.94 -6.78 -30.95
CA VAL B 57 6.11 -5.92 -30.97
C VAL B 57 7.29 -6.64 -31.63
N ALA B 58 7.45 -7.93 -31.35
CA ALA B 58 8.55 -8.69 -31.93
C ALA B 58 8.41 -8.80 -33.45
N GLY B 59 7.19 -9.02 -33.93
CA GLY B 59 6.99 -9.12 -35.37
C GLY B 59 7.33 -7.84 -36.10
N TRP B 60 7.02 -6.69 -35.49
CA TRP B 60 7.33 -5.41 -36.10
C TRP B 60 8.84 -5.16 -36.11
N LEU B 61 9.51 -5.40 -34.99
CA LEU B 61 10.92 -5.06 -34.87
C LEU B 61 11.80 -5.98 -35.72
N LEU B 62 11.48 -7.26 -35.78
CA LEU B 62 12.27 -8.21 -36.55
C LEU B 62 11.87 -8.25 -38.02
N GLY B 63 10.80 -7.57 -38.41
CA GLY B 63 10.43 -7.49 -39.81
C GLY B 63 9.72 -8.71 -40.34
N ASN B 64 8.64 -9.14 -39.69
CA ASN B 64 7.85 -10.25 -40.19
C ASN B 64 7.35 -9.89 -41.59
N PRO B 65 7.61 -10.74 -42.58
CA PRO B 65 7.27 -10.35 -43.96
C PRO B 65 5.79 -10.15 -44.19
N MET B 66 4.93 -10.73 -43.35
CA MET B 66 3.50 -10.63 -43.60
C MET B 66 2.97 -9.24 -43.34
N CYS B 67 3.36 -8.63 -42.23
CA CYS B 67 2.91 -7.27 -41.90
C CYS B 67 4.12 -6.36 -41.96
N ASP B 68 4.22 -5.61 -43.06
CA ASP B 68 5.37 -4.75 -43.35
C ASP B 68 4.94 -3.38 -43.82
N GLU B 69 3.71 -2.99 -43.52
CA GLU B 69 3.27 -1.61 -43.68
C GLU B 69 3.91 -0.69 -42.64
N PHE B 70 4.60 -1.26 -41.66
CA PHE B 70 5.32 -0.53 -40.63
C PHE B 70 6.81 -0.45 -40.92
N ILE B 71 7.19 -0.40 -42.20
CA ILE B 71 8.61 -0.30 -42.55
C ILE B 71 9.16 1.06 -42.13
N ARG B 72 8.35 2.11 -42.19
CA ARG B 72 8.71 3.45 -41.77
C ARG B 72 7.56 4.02 -40.97
N VAL B 73 7.85 4.53 -39.78
CA VAL B 73 6.80 5.04 -38.91
C VAL B 73 7.12 6.46 -38.48
N PRO B 74 6.14 7.36 -38.44
CA PRO B 74 6.38 8.70 -37.91
C PRO B 74 6.36 8.69 -36.38
N GLU B 75 6.41 9.88 -35.78
CA GLU B 75 6.32 9.97 -34.33
C GLU B 75 4.97 9.46 -33.85
N TRP B 76 4.94 8.92 -32.63
CA TRP B 76 3.73 8.40 -32.03
C TRP B 76 3.62 8.88 -30.59
N SER B 77 2.40 8.90 -30.09
CA SER B 77 2.12 9.24 -28.70
C SER B 77 1.98 8.03 -27.80
N TYR B 78 1.38 6.95 -28.30
CA TYR B 78 1.30 5.70 -27.57
C TYR B 78 1.09 4.57 -28.58
N ILE B 79 1.31 3.35 -28.11
CA ILE B 79 1.23 2.16 -28.96
C ILE B 79 0.00 1.36 -28.58
N VAL B 80 -0.74 0.89 -29.59
CA VAL B 80 -1.95 0.10 -29.39
C VAL B 80 -1.70 -1.29 -29.96
N GLU B 81 -1.94 -2.31 -29.14
CA GLU B 81 -1.73 -3.70 -29.53
C GLU B 81 -2.93 -4.53 -29.10
N ARG B 82 -3.23 -5.56 -29.89
CA ARG B 82 -4.34 -6.44 -29.58
C ARG B 82 -3.93 -7.42 -28.48
N ALA B 83 -4.92 -8.20 -28.02
CA ALA B 83 -4.67 -9.16 -26.95
C ALA B 83 -3.84 -10.35 -27.44
N ASN B 84 -4.20 -10.90 -28.59
CA ASN B 84 -3.51 -12.05 -29.17
C ASN B 84 -3.20 -11.78 -30.63
N PRO B 85 -2.08 -11.12 -30.92
CA PRO B 85 -1.72 -10.83 -32.31
C PRO B 85 -1.54 -12.11 -33.12
N ALA B 86 -2.05 -12.09 -34.35
CA ALA B 86 -1.94 -13.26 -35.22
C ALA B 86 -0.52 -13.41 -35.77
N ASN B 87 0.07 -12.30 -36.23
CA ASN B 87 1.38 -12.34 -36.88
C ASN B 87 2.45 -12.04 -35.85
N ASP B 88 3.14 -13.10 -35.42
CA ASP B 88 4.26 -13.03 -34.49
C ASP B 88 5.43 -13.74 -35.14
N LEU B 89 6.45 -14.10 -34.37
CA LEU B 89 7.56 -14.89 -34.89
C LEU B 89 7.02 -16.03 -35.75
N CYS B 90 7.31 -15.99 -37.05
CA CYS B 90 6.75 -16.99 -37.97
C CYS B 90 7.51 -18.30 -37.87
N TYR B 91 8.83 -18.25 -38.00
CA TYR B 91 9.64 -19.42 -37.73
C TYR B 91 9.67 -19.67 -36.22
N PRO B 92 9.34 -20.87 -35.76
CA PRO B 92 9.21 -21.10 -34.32
C PRO B 92 10.50 -20.80 -33.58
N GLY B 93 10.36 -20.21 -32.40
CA GLY B 93 11.51 -19.82 -31.60
C GLY B 93 11.08 -18.90 -30.46
N SER B 94 12.01 -18.05 -30.04
CA SER B 94 11.77 -17.16 -28.93
C SER B 94 12.68 -15.93 -29.04
N LEU B 95 12.32 -14.89 -28.30
CA LEU B 95 13.11 -13.67 -28.20
C LEU B 95 13.50 -13.49 -26.74
N ASN B 96 14.80 -13.45 -26.48
CA ASN B 96 15.28 -13.38 -25.09
C ASN B 96 14.96 -12.02 -24.48
N ASP B 97 14.56 -12.04 -23.21
CA ASP B 97 14.24 -10.83 -22.44
C ASP B 97 13.19 -10.00 -23.17
N TYR B 98 12.11 -10.66 -23.59
CA TYR B 98 11.06 -9.97 -24.34
C TYR B 98 10.39 -8.89 -23.49
N GLU B 99 10.11 -9.19 -22.23
CA GLU B 99 9.37 -8.24 -21.40
C GLU B 99 10.24 -7.06 -21.01
N GLU B 100 11.54 -7.28 -20.78
CA GLU B 100 12.43 -6.17 -20.47
C GLU B 100 12.56 -5.22 -21.66
N LEU B 101 12.47 -5.74 -22.88
CA LEU B 101 12.52 -4.88 -24.05
C LEU B 101 11.29 -3.99 -24.15
N LYS B 102 10.11 -4.55 -23.89
CA LYS B 102 8.88 -3.76 -23.95
C LYS B 102 8.82 -2.69 -22.87
N HIS B 103 9.51 -2.89 -21.76
CA HIS B 103 9.62 -1.84 -20.76
C HIS B 103 10.40 -0.65 -21.29
N LEU B 104 11.41 -0.90 -22.13
CA LEU B 104 12.16 0.17 -22.75
C LEU B 104 11.31 0.93 -23.75
N LEU B 105 10.44 0.22 -24.48
CA LEU B 105 9.61 0.85 -25.50
C LEU B 105 8.59 1.83 -24.93
N SER B 106 8.37 1.83 -23.62
CA SER B 106 7.43 2.75 -23.00
C SER B 106 8.01 4.12 -22.74
N ARG B 107 9.29 4.35 -23.07
CA ARG B 107 9.92 5.64 -22.88
C ARG B 107 10.56 6.15 -24.16
N ILE B 108 10.08 5.71 -25.32
CA ILE B 108 10.64 6.09 -26.61
C ILE B 108 9.51 6.58 -27.50
N ASN B 109 9.73 7.69 -28.19
CA ASN B 109 8.70 8.29 -29.03
C ASN B 109 9.03 8.27 -30.52
N HIS B 110 10.26 7.91 -30.91
CA HIS B 110 10.60 7.89 -32.32
C HIS B 110 11.80 6.99 -32.56
N PHE B 111 11.74 6.22 -33.64
CA PHE B 111 12.82 5.37 -34.10
C PHE B 111 13.25 5.80 -35.49
N GLU B 112 14.52 5.61 -35.80
CA GLU B 112 15.02 5.77 -37.16
C GLU B 112 15.81 4.54 -37.55
N LYS B 113 15.48 3.95 -38.69
CA LYS B 113 16.11 2.72 -39.14
C LYS B 113 17.25 3.05 -40.09
N ILE B 114 18.43 2.48 -39.83
CA ILE B 114 19.61 2.69 -40.66
C ILE B 114 20.21 1.34 -41.02
N LEU B 115 20.98 1.34 -42.10
CA LEU B 115 21.66 0.14 -42.59
C LEU B 115 23.10 0.15 -42.11
N ILE B 116 23.51 -0.90 -41.39
CA ILE B 116 24.83 -0.96 -40.80
C ILE B 116 25.73 -2.00 -41.46
N ILE B 117 25.17 -3.06 -42.04
CA ILE B 117 25.98 -4.09 -42.69
C ILE B 117 25.37 -4.42 -44.04
N PRO B 118 25.92 -3.91 -45.15
CA PRO B 118 25.39 -4.24 -46.47
C PRO B 118 25.61 -5.70 -46.81
N LYS B 119 24.75 -6.21 -47.70
CA LYS B 119 24.88 -7.59 -48.16
C LYS B 119 26.13 -7.83 -48.98
N SER B 120 26.81 -6.77 -49.42
CA SER B 120 28.04 -6.93 -50.18
C SER B 120 29.21 -7.35 -49.29
N SER B 121 29.05 -7.26 -47.97
CA SER B 121 30.11 -7.61 -47.03
C SER B 121 30.13 -9.10 -46.69
N TRP B 122 29.48 -9.92 -47.49
CA TRP B 122 29.49 -11.38 -47.33
C TRP B 122 29.91 -12.01 -48.66
N PRO B 123 31.20 -11.91 -49.01
CA PRO B 123 31.61 -12.38 -50.34
C PRO B 123 31.66 -13.89 -50.47
N ASN B 124 31.97 -14.61 -49.38
CA ASN B 124 32.22 -16.04 -49.44
C ASN B 124 31.10 -16.85 -48.79
N HIS B 125 29.88 -16.33 -48.80
CA HIS B 125 28.73 -17.05 -48.28
C HIS B 125 27.53 -16.83 -49.21
N GLU B 126 26.50 -17.62 -48.99
CA GLU B 126 25.27 -17.54 -49.80
C GLU B 126 24.24 -16.74 -49.02
N THR B 127 23.74 -15.67 -49.65
CA THR B 127 22.79 -14.77 -49.00
C THR B 127 21.43 -14.77 -49.67
N SER B 128 21.14 -15.76 -50.51
CA SER B 128 19.89 -15.79 -51.26
C SER B 128 19.06 -17.03 -51.06
N LEU B 129 19.50 -17.97 -50.22
CA LEU B 129 18.81 -19.24 -50.03
C LEU B 129 18.28 -19.40 -48.61
N GLY B 130 18.07 -18.30 -47.90
CA GLY B 130 17.60 -18.36 -46.53
C GLY B 130 16.09 -18.31 -46.40
N VAL B 131 15.38 -18.84 -47.38
CA VAL B 131 13.92 -18.79 -47.36
C VAL B 131 13.38 -19.98 -46.56
N SER B 132 12.10 -19.90 -46.21
CA SER B 132 11.42 -20.97 -45.50
C SER B 132 9.93 -20.86 -45.74
N ALA B 133 9.24 -22.01 -45.71
CA ALA B 133 7.80 -22.03 -45.95
C ALA B 133 6.99 -21.62 -44.74
N ALA B 134 7.62 -21.52 -43.56
CA ALA B 134 6.91 -21.07 -42.37
C ALA B 134 6.74 -19.56 -42.31
N CYS B 135 7.42 -18.82 -43.18
CA CYS B 135 7.30 -17.36 -43.26
C CYS B 135 6.97 -16.99 -44.69
N PRO B 136 5.76 -17.27 -45.15
CA PRO B 136 5.41 -17.04 -46.55
C PRO B 136 5.13 -15.57 -46.83
N TYR B 137 5.28 -15.21 -48.10
CA TYR B 137 4.99 -13.87 -48.57
C TYR B 137 4.39 -13.99 -49.96
N GLN B 138 3.09 -13.67 -50.09
CA GLN B 138 2.37 -13.78 -51.35
C GLN B 138 2.46 -15.20 -51.92
N GLY B 139 2.31 -16.20 -51.05
CA GLY B 139 2.35 -17.58 -51.47
C GLY B 139 3.71 -18.05 -51.96
N ALA B 140 4.77 -17.66 -51.29
CA ALA B 140 6.12 -18.10 -51.62
C ALA B 140 6.97 -18.04 -50.37
N PRO B 141 7.90 -18.98 -50.20
CA PRO B 141 8.75 -18.96 -49.00
C PRO B 141 9.58 -17.68 -48.92
N SER B 142 9.73 -17.16 -47.70
CA SER B 142 10.48 -15.94 -47.47
C SER B 142 11.09 -16.01 -46.07
N PHE B 143 11.53 -14.87 -45.56
CA PHE B 143 12.16 -14.80 -44.25
C PHE B 143 12.00 -13.39 -43.71
N PHE B 144 12.50 -13.17 -42.50
CA PHE B 144 12.48 -11.85 -41.88
C PHE B 144 13.22 -10.84 -42.74
N ARG B 145 12.96 -9.54 -42.53
CA ARG B 145 13.53 -8.50 -43.36
C ARG B 145 14.80 -7.89 -42.78
N ASN B 146 14.90 -7.77 -41.46
CA ASN B 146 16.00 -7.05 -40.84
C ASN B 146 17.19 -7.94 -40.49
N VAL B 147 17.14 -9.24 -40.83
CA VAL B 147 18.23 -10.16 -40.55
C VAL B 147 18.47 -11.02 -41.77
N VAL B 148 19.66 -11.63 -41.83
CA VAL B 148 20.09 -12.43 -42.97
C VAL B 148 20.48 -13.82 -42.48
N TRP B 149 20.02 -14.84 -43.21
CA TRP B 149 20.32 -16.23 -42.92
C TRP B 149 21.40 -16.70 -43.87
N LEU B 150 22.61 -16.94 -43.35
CA LEU B 150 23.77 -17.27 -44.16
C LEU B 150 23.98 -18.78 -44.20
N ILE B 151 24.18 -19.32 -45.40
CA ILE B 151 24.48 -20.74 -45.59
C ILE B 151 25.74 -20.86 -46.43
N LYS B 152 26.21 -22.09 -46.58
CA LYS B 152 27.49 -22.36 -47.20
C LYS B 152 27.47 -22.05 -48.69
N LYS B 153 28.66 -21.79 -49.24
CA LYS B 153 28.85 -21.49 -50.65
C LYS B 153 30.04 -22.28 -51.17
N ASN B 154 29.86 -22.96 -52.30
CA ASN B 154 30.90 -23.79 -52.91
C ASN B 154 31.41 -24.84 -51.91
N ASP B 155 30.49 -25.36 -51.10
CA ASP B 155 30.80 -26.41 -50.13
C ASP B 155 31.85 -25.96 -49.12
N ALA B 156 31.70 -24.75 -48.59
CA ALA B 156 32.60 -24.26 -47.56
C ALA B 156 31.90 -23.18 -46.75
N TYR B 157 32.38 -22.99 -45.53
CA TYR B 157 31.86 -21.97 -44.61
C TYR B 157 33.04 -21.40 -43.84
N PRO B 158 33.77 -20.45 -44.44
CA PRO B 158 34.90 -19.85 -43.72
C PRO B 158 34.43 -19.07 -42.51
N THR B 159 35.31 -18.98 -41.52
CA THR B 159 34.98 -18.26 -40.29
C THR B 159 34.73 -16.79 -40.60
N ILE B 160 33.83 -16.20 -39.82
CA ILE B 160 33.38 -14.83 -40.02
C ILE B 160 33.95 -13.95 -38.91
N LYS B 161 34.54 -12.83 -39.29
CA LYS B 161 35.02 -11.83 -38.34
C LYS B 161 34.60 -10.46 -38.85
N ILE B 162 33.84 -9.73 -38.04
CA ILE B 162 33.30 -8.45 -38.45
C ILE B 162 33.11 -7.58 -37.22
N SER B 163 33.11 -6.28 -37.42
CA SER B 163 32.94 -5.32 -36.34
C SER B 163 32.16 -4.14 -36.86
N TYR B 164 31.55 -3.41 -35.93
CA TYR B 164 30.85 -2.17 -36.24
C TYR B 164 31.18 -1.13 -35.18
N ASN B 165 31.45 0.08 -35.64
CA ASN B 165 31.75 1.18 -34.73
C ASN B 165 30.63 2.20 -34.82
N ASN B 166 30.09 2.55 -33.68
CA ASN B 166 29.01 3.50 -33.58
C ASN B 166 29.56 4.91 -33.61
N THR B 167 29.18 5.67 -34.63
CA THR B 167 29.67 7.02 -34.85
C THR B 167 28.58 8.07 -34.71
N ASN B 168 27.32 7.67 -34.55
CA ASN B 168 26.24 8.63 -34.38
C ASN B 168 26.27 9.20 -32.97
N ARG B 169 25.31 10.07 -32.67
CA ARG B 169 25.21 10.71 -31.37
C ARG B 169 24.13 10.10 -30.49
N GLU B 170 23.48 9.02 -30.93
CA GLU B 170 22.43 8.37 -30.19
C GLU B 170 22.75 6.89 -30.03
N ASP B 171 21.94 6.22 -29.21
CA ASP B 171 22.13 4.79 -28.97
C ASP B 171 21.52 3.98 -30.10
N LEU B 172 21.98 2.75 -30.23
CA LEU B 172 21.53 1.83 -31.26
C LEU B 172 20.89 0.60 -30.65
N LEU B 173 19.90 0.05 -31.36
CA LEU B 173 19.28 -1.22 -31.01
C LEU B 173 19.63 -2.23 -32.09
N ILE B 174 20.25 -3.34 -31.69
CA ILE B 174 20.74 -4.35 -32.62
C ILE B 174 20.16 -5.70 -32.24
N LEU B 175 19.87 -6.52 -33.25
CA LEU B 175 19.32 -7.85 -33.03
C LEU B 175 20.04 -8.86 -33.90
N TRP B 176 20.32 -10.03 -33.34
CA TRP B 176 20.91 -11.14 -34.07
C TRP B 176 20.25 -12.43 -33.57
N GLY B 177 20.75 -13.58 -34.02
CA GLY B 177 20.12 -14.83 -33.64
C GLY B 177 20.96 -16.04 -33.95
N ILE B 178 20.46 -17.19 -33.50
CA ILE B 178 21.11 -18.48 -33.72
C ILE B 178 20.04 -19.49 -34.15
N HIS B 179 20.49 -20.53 -34.85
CA HIS B 179 19.60 -21.55 -35.39
C HIS B 179 19.95 -22.91 -34.80
N HIS B 180 18.94 -23.64 -34.34
CA HIS B 180 19.11 -24.99 -33.81
C HIS B 180 18.65 -25.98 -34.86
N SER B 181 19.56 -26.85 -35.30
CA SER B 181 19.24 -27.78 -36.37
C SER B 181 18.50 -29.01 -35.82
N ASN B 182 18.12 -29.91 -36.74
CA ASN B 182 17.33 -31.08 -36.39
C ASN B 182 18.20 -32.31 -36.14
N ASN B 183 19.04 -32.68 -37.10
CA ASN B 183 19.85 -33.88 -36.98
C ASN B 183 21.23 -33.60 -37.55
N ALA B 184 22.14 -34.56 -37.38
CA ALA B 184 23.52 -34.38 -37.82
C ALA B 184 23.62 -34.23 -39.33
N GLU B 185 22.84 -35.02 -40.08
CA GLU B 185 22.90 -34.93 -41.53
C GLU B 185 22.42 -33.56 -42.03
N GLU B 186 21.33 -33.06 -41.45
CA GLU B 186 20.84 -31.75 -41.84
C GLU B 186 21.85 -30.64 -41.50
N GLN B 187 22.60 -30.83 -40.41
CA GLN B 187 23.59 -29.82 -40.02
C GLN B 187 24.64 -29.62 -41.10
N THR B 188 25.15 -30.72 -41.67
CA THR B 188 26.21 -30.61 -42.67
C THR B 188 25.70 -30.07 -44.00
N ASN B 189 24.44 -30.36 -44.34
CA ASN B 189 23.89 -29.90 -45.62
C ASN B 189 23.82 -28.38 -45.67
N LEU B 190 23.49 -27.74 -44.56
CA LEU B 190 23.37 -26.29 -44.54
C LEU B 190 24.73 -25.63 -44.30
N TYR B 191 25.40 -26.01 -43.22
CA TYR B 191 26.73 -25.52 -42.89
C TYR B 191 27.69 -26.71 -42.83
N LYS B 192 28.81 -26.61 -43.55
CA LYS B 192 29.67 -27.78 -43.72
C LYS B 192 30.24 -28.26 -42.39
N ASN B 193 30.63 -27.33 -41.52
CA ASN B 193 31.31 -27.72 -40.28
C ASN B 193 30.35 -28.47 -39.36
N PRO B 194 30.83 -29.49 -38.63
CA PRO B 194 29.94 -30.26 -37.77
C PRO B 194 29.74 -29.66 -36.38
N THR B 195 30.72 -28.92 -35.88
CA THR B 195 30.65 -28.26 -34.58
C THR B 195 30.85 -26.77 -34.77
N THR B 196 29.91 -25.98 -34.28
CA THR B 196 29.87 -24.55 -34.54
C THR B 196 29.70 -23.78 -33.24
N TYR B 197 29.86 -22.46 -33.33
CA TYR B 197 29.73 -21.58 -32.17
C TYR B 197 29.49 -20.16 -32.65
N ILE B 198 29.05 -19.31 -31.73
CA ILE B 198 28.88 -17.88 -31.97
C ILE B 198 29.37 -17.13 -30.74
N SER B 199 30.18 -16.10 -30.96
CA SER B 199 30.70 -15.28 -29.86
C SER B 199 30.47 -13.82 -30.18
N VAL B 200 29.94 -13.07 -29.21
CA VAL B 200 29.64 -11.65 -29.37
C VAL B 200 30.28 -10.90 -28.20
N GLY B 201 30.96 -9.80 -28.49
CA GLY B 201 31.63 -9.05 -27.45
C GLY B 201 31.60 -7.54 -27.63
N THR B 202 31.17 -6.83 -26.60
CA THR B 202 31.22 -5.38 -26.56
C THR B 202 31.95 -4.94 -25.30
N SER B 203 31.88 -3.64 -24.97
CA SER B 203 32.55 -3.14 -23.77
C SER B 203 31.95 -3.74 -22.50
N THR B 204 30.67 -4.10 -22.53
CA THR B 204 30.01 -4.68 -21.37
C THR B 204 29.37 -6.04 -21.63
N LEU B 205 29.44 -6.54 -22.86
CA LEU B 205 28.80 -7.80 -23.23
C LEU B 205 29.85 -8.87 -23.47
N ASN B 206 29.51 -10.11 -23.13
CA ASN B 206 30.39 -11.26 -23.34
C ASN B 206 29.51 -12.49 -23.45
N GLN B 207 29.54 -13.16 -24.60
CA GLN B 207 28.58 -14.20 -24.88
C GLN B 207 29.19 -15.28 -25.75
N ARG B 208 28.73 -16.52 -25.54
CA ARG B 208 29.07 -17.65 -26.39
C ARG B 208 27.87 -18.56 -26.48
N LEU B 209 27.55 -19.01 -27.69
CA LEU B 209 26.38 -19.83 -27.94
C LEU B 209 26.75 -21.07 -28.74
N VAL B 210 26.07 -22.17 -28.45
CA VAL B 210 26.29 -23.44 -29.13
C VAL B 210 24.93 -24.00 -29.53
N PRO B 211 24.78 -24.53 -30.75
CA PRO B 211 23.48 -25.10 -31.14
C PRO B 211 23.13 -26.34 -30.33
N LYS B 212 21.83 -26.57 -30.19
CA LYS B 212 21.29 -27.76 -29.55
C LYS B 212 20.57 -28.58 -30.61
N ILE B 213 21.16 -29.71 -30.98
CA ILE B 213 20.60 -30.59 -31.99
C ILE B 213 19.84 -31.69 -31.27
N ALA B 214 18.53 -31.75 -31.49
CA ALA B 214 17.66 -32.69 -30.78
C ALA B 214 16.41 -32.92 -31.62
N THR B 215 15.41 -33.56 -31.03
CA THR B 215 14.13 -33.83 -31.67
C THR B 215 13.03 -33.06 -30.96
N ARG B 216 12.19 -32.38 -31.73
CA ARG B 216 11.11 -31.57 -31.20
C ARG B 216 9.86 -31.79 -32.02
N SER B 217 8.73 -31.34 -31.50
CA SER B 217 7.46 -31.47 -32.20
C SER B 217 7.29 -30.33 -33.20
N GLN B 218 6.40 -30.54 -34.16
CA GLN B 218 6.20 -29.60 -35.24
C GLN B 218 5.42 -28.38 -34.78
N VAL B 219 5.96 -27.20 -35.03
CA VAL B 219 5.25 -25.93 -34.86
C VAL B 219 5.30 -25.21 -36.19
N ASN B 220 4.12 -24.86 -36.72
CA ASN B 220 3.99 -24.27 -38.06
C ASN B 220 4.59 -25.18 -39.13
N GLY B 221 4.64 -26.48 -38.86
CA GLY B 221 5.19 -27.43 -39.80
C GLY B 221 6.69 -27.57 -39.80
N GLN B 222 7.38 -27.01 -38.81
CA GLN B 222 8.83 -27.07 -38.73
C GLN B 222 9.26 -27.60 -37.38
N ARG B 223 10.41 -28.29 -37.36
CA ARG B 223 10.98 -28.83 -36.14
C ARG B 223 12.21 -28.07 -35.66
N GLY B 224 12.72 -27.12 -36.44
CA GLY B 224 13.82 -26.31 -36.00
C GLY B 224 13.37 -25.18 -35.09
N ARG B 225 14.35 -24.48 -34.52
CA ARG B 225 14.08 -23.36 -33.63
C ARG B 225 15.08 -22.25 -33.90
N MET B 226 14.72 -21.03 -33.50
CA MET B 226 15.59 -19.87 -33.64
C MET B 226 15.46 -19.00 -32.41
N ASP B 227 16.60 -18.62 -31.82
CA ASP B 227 16.64 -17.74 -30.67
C ASP B 227 17.22 -16.40 -31.06
N PHE B 228 16.66 -15.32 -30.52
CA PHE B 228 17.06 -13.97 -30.87
C PHE B 228 17.47 -13.20 -29.62
N PHE B 229 18.42 -12.28 -29.79
CA PHE B 229 18.96 -11.48 -28.70
C PHE B 229 19.03 -10.03 -29.15
N TRP B 230 19.22 -9.14 -28.18
CA TRP B 230 19.29 -7.72 -28.47
C TRP B 230 20.20 -7.03 -27.45
N THR B 231 20.64 -5.82 -27.80
CA THR B 231 21.50 -5.04 -26.92
C THR B 231 21.40 -3.58 -27.33
N ILE B 232 21.90 -2.71 -26.46
CA ILE B 232 21.93 -1.27 -26.69
C ILE B 232 23.39 -0.85 -26.79
N LEU B 233 23.74 -0.19 -27.89
CA LEU B 233 25.13 0.20 -28.16
C LEU B 233 25.31 1.69 -27.86
N LYS B 234 26.34 2.00 -27.08
CA LYS B 234 26.59 3.36 -26.65
C LYS B 234 27.14 4.20 -27.81
N PRO B 235 27.07 5.52 -27.71
CA PRO B 235 27.43 6.37 -28.85
C PRO B 235 28.86 6.21 -29.36
N ASP B 236 29.79 5.73 -28.54
CA ASP B 236 31.19 5.59 -28.99
C ASP B 236 31.73 4.21 -28.67
N ASP B 237 30.92 3.18 -28.85
CA ASP B 237 31.31 1.81 -28.56
C ASP B 237 31.39 1.01 -29.85
N ALA B 238 31.88 -0.22 -29.73
CA ALA B 238 32.01 -1.13 -30.86
C ALA B 238 31.51 -2.51 -30.47
N ILE B 239 31.08 -3.28 -31.48
CA ILE B 239 30.57 -4.62 -31.27
C ILE B 239 31.26 -5.56 -32.26
N HIS B 240 31.64 -6.74 -31.80
CA HIS B 240 32.41 -7.69 -32.59
C HIS B 240 31.67 -9.02 -32.67
N PHE B 241 31.75 -9.66 -33.84
CA PHE B 241 31.12 -10.94 -34.10
C PHE B 241 32.14 -11.95 -34.59
N GLU B 242 31.83 -13.23 -34.39
CA GLU B 242 32.67 -14.32 -34.88
C GLU B 242 31.86 -15.61 -34.80
N SER B 243 31.91 -16.40 -35.87
CA SER B 243 31.08 -17.60 -35.92
C SER B 243 31.64 -18.60 -36.93
N ASN B 244 31.24 -19.86 -36.76
CA ASN B 244 31.52 -20.93 -37.70
C ASN B 244 30.30 -21.38 -38.49
N GLY B 245 29.10 -21.03 -38.02
CA GLY B 245 27.88 -21.46 -38.67
C GLY B 245 26.71 -21.20 -37.76
N ASN B 246 25.52 -21.51 -38.28
CA ASN B 246 24.26 -21.33 -37.54
C ASN B 246 24.09 -19.87 -37.09
N PHE B 247 24.46 -18.94 -37.95
CA PHE B 247 24.50 -17.52 -37.61
C PHE B 247 23.42 -16.76 -38.39
N ILE B 248 22.69 -15.91 -37.69
CA ILE B 248 21.72 -15.01 -38.29
C ILE B 248 22.26 -13.60 -38.10
N ALA B 249 22.61 -12.95 -39.21
CA ALA B 249 23.39 -11.73 -39.07
C ALA B 249 22.49 -10.49 -39.07
N PRO B 250 22.93 -9.44 -38.38
CA PRO B 250 22.17 -8.18 -38.42
C PRO B 250 22.33 -7.49 -39.77
N GLU B 251 21.26 -6.82 -40.18
CA GLU B 251 21.34 -5.98 -41.38
C GLU B 251 20.96 -4.53 -41.08
N TYR B 252 19.84 -4.33 -40.39
CA TYR B 252 19.35 -3.01 -40.06
C TYR B 252 19.34 -2.82 -38.55
N ALA B 253 19.40 -1.55 -38.13
CA ALA B 253 19.38 -1.20 -36.72
C ALA B 253 18.47 0.01 -36.53
N TYR B 254 18.26 0.39 -35.27
CA TYR B 254 17.35 1.48 -34.94
C TYR B 254 18.10 2.52 -34.11
N LYS B 255 17.89 3.79 -34.46
CA LYS B 255 18.41 4.91 -33.68
C LYS B 255 17.32 5.46 -32.79
N ILE B 256 17.65 5.75 -31.54
CA ILE B 256 16.72 6.33 -30.58
C ILE B 256 16.88 7.84 -30.67
N VAL B 257 16.01 8.50 -31.41
CA VAL B 257 16.14 9.93 -31.68
C VAL B 257 15.40 10.76 -30.63
N LYS B 258 14.17 10.38 -30.30
CA LYS B 258 13.36 11.14 -29.34
C LYS B 258 12.96 10.24 -28.18
N LYS B 259 13.18 10.73 -26.96
CA LYS B 259 12.85 10.00 -25.74
C LYS B 259 11.80 10.78 -24.96
N GLY B 260 10.73 10.10 -24.57
CA GLY B 260 9.66 10.76 -23.87
C GLY B 260 8.78 9.82 -23.05
N ASP B 261 7.49 10.10 -23.01
CA ASP B 261 6.53 9.32 -22.22
C ASP B 261 5.50 8.68 -23.13
N SER B 262 5.30 7.37 -22.98
CA SER B 262 4.33 6.64 -23.78
C SER B 262 3.96 5.37 -23.04
N THR B 263 3.02 4.63 -23.61
CA THR B 263 2.55 3.38 -23.03
C THR B 263 2.26 2.39 -24.14
N ILE B 264 2.12 1.13 -23.75
CA ILE B 264 1.62 0.07 -24.64
C ILE B 264 0.25 -0.33 -24.11
N MET B 265 -0.77 -0.19 -24.96
CA MET B 265 -2.16 -0.33 -24.56
C MET B 265 -2.79 -1.53 -25.25
N LYS B 266 -3.52 -2.35 -24.49
CA LYS B 266 -4.22 -3.51 -25.03
C LYS B 266 -5.68 -3.11 -25.23
N SER B 267 -6.11 -3.05 -26.50
CA SER B 267 -7.47 -2.64 -26.81
C SER B 267 -7.84 -3.13 -28.19
N GLY B 268 -9.13 -3.08 -28.49
CA GLY B 268 -9.64 -3.49 -29.78
C GLY B 268 -10.59 -2.48 -30.40
N VAL B 269 -10.62 -1.27 -29.85
CA VAL B 269 -11.50 -0.23 -30.35
C VAL B 269 -10.88 0.40 -31.59
N GLU B 270 -11.72 1.01 -32.41
CA GLU B 270 -11.29 1.58 -33.68
C GLU B 270 -10.77 2.99 -33.51
N TYR B 271 -9.94 3.42 -34.46
CA TYR B 271 -9.50 4.80 -34.53
C TYR B 271 -10.65 5.67 -35.03
N GLY B 272 -10.75 6.88 -34.49
CA GLY B 272 -11.92 7.70 -34.75
C GLY B 272 -11.67 9.12 -35.22
N HIS B 273 -10.41 9.47 -35.45
CA HIS B 273 -10.04 10.80 -35.95
C HIS B 273 -10.51 11.91 -35.02
N CYS B 274 -9.94 11.97 -33.81
CA CYS B 274 -10.33 13.02 -32.87
C CYS B 274 -9.11 13.79 -32.40
N ASN B 275 -9.30 14.63 -31.39
CA ASN B 275 -8.22 15.09 -30.54
C ASN B 275 -8.74 15.12 -29.11
N THR B 276 -7.88 14.77 -28.16
CA THR B 276 -8.29 14.68 -26.76
C THR B 276 -7.11 14.94 -25.85
N LYS B 277 -7.37 14.86 -24.54
CA LYS B 277 -6.34 15.03 -23.53
C LYS B 277 -6.25 13.88 -22.55
N CYS B 278 -7.20 12.94 -22.58
CA CYS B 278 -7.18 11.77 -21.71
C CYS B 278 -7.69 10.57 -22.49
N GLN B 279 -6.98 9.45 -22.37
CA GLN B 279 -7.31 8.26 -23.14
C GLN B 279 -7.32 7.03 -22.24
N THR B 280 -8.31 6.18 -22.44
CA THR B 280 -8.47 4.91 -21.74
C THR B 280 -8.60 3.79 -22.77
N PRO B 281 -8.30 2.55 -22.39
CA PRO B 281 -8.40 1.45 -23.36
C PRO B 281 -9.81 1.25 -23.91
N VAL B 282 -10.82 1.87 -23.31
CA VAL B 282 -12.20 1.70 -23.79
C VAL B 282 -12.76 2.97 -24.42
N GLY B 283 -12.12 4.12 -24.23
CA GLY B 283 -12.61 5.35 -24.81
C GLY B 283 -11.88 6.55 -24.25
N ALA B 284 -12.31 7.72 -24.70
CA ALA B 284 -11.71 8.98 -24.31
C ALA B 284 -12.63 9.75 -23.37
N ILE B 285 -12.04 10.56 -22.50
CA ILE B 285 -12.77 11.29 -21.48
C ILE B 285 -12.59 12.79 -21.73
N ASN B 286 -13.70 13.52 -21.69
CA ASN B 286 -13.67 14.97 -21.83
C ASN B 286 -14.51 15.48 -20.67
N SER B 287 -13.87 15.93 -19.61
CA SER B 287 -14.64 16.42 -18.47
C SER B 287 -13.74 17.25 -17.57
N SER B 288 -14.37 17.92 -16.63
CA SER B 288 -13.66 18.72 -15.64
C SER B 288 -13.85 18.20 -14.23
N MET B 289 -14.65 17.15 -14.02
CA MET B 289 -14.87 16.64 -12.69
C MET B 289 -13.60 15.95 -12.16
N PRO B 290 -13.44 15.86 -10.84
CA PRO B 290 -12.20 15.29 -10.27
C PRO B 290 -12.18 13.78 -10.16
N PHE B 291 -13.27 13.07 -10.48
CA PHE B 291 -13.30 11.63 -10.35
C PHE B 291 -13.95 10.99 -11.57
N HIS B 292 -13.57 9.75 -11.84
CA HIS B 292 -14.15 8.96 -12.91
C HIS B 292 -14.07 7.49 -12.54
N ASN B 293 -14.91 6.68 -13.19
CA ASN B 293 -14.96 5.24 -12.94
C ASN B 293 -14.89 4.43 -14.22
N ILE B 294 -14.21 4.93 -15.25
CA ILE B 294 -14.23 4.27 -16.55
C ILE B 294 -13.28 3.09 -16.58
N HIS B 295 -12.00 3.32 -16.28
CA HIS B 295 -10.99 2.28 -16.39
C HIS B 295 -9.78 2.67 -15.54
N PRO B 296 -9.11 1.71 -14.91
CA PRO B 296 -7.96 2.08 -14.06
C PRO B 296 -6.76 2.63 -14.82
N LEU B 297 -6.49 2.15 -16.02
CA LEU B 297 -5.30 2.55 -16.77
C LEU B 297 -5.64 3.65 -17.76
N THR B 298 -4.93 4.78 -17.65
CA THR B 298 -5.18 5.93 -18.52
C THR B 298 -3.84 6.57 -18.89
N ILE B 299 -3.88 7.44 -19.89
CA ILE B 299 -2.73 8.24 -20.29
C ILE B 299 -3.20 9.67 -20.56
N GLY B 300 -2.41 10.64 -20.10
CA GLY B 300 -2.71 12.03 -20.28
C GLY B 300 -3.09 12.71 -18.96
N GLU B 301 -3.74 13.85 -19.10
CA GLU B 301 -4.24 14.60 -17.94
C GLU B 301 -5.68 14.17 -17.68
N CYS B 302 -5.88 13.41 -16.61
CA CYS B 302 -7.12 12.71 -16.38
C CYS B 302 -7.59 12.95 -14.95
N PRO B 303 -8.89 12.83 -14.69
CA PRO B 303 -9.37 12.75 -13.31
C PRO B 303 -8.97 11.43 -12.67
N LYS B 304 -9.09 11.38 -11.34
CA LYS B 304 -8.67 10.21 -10.60
C LYS B 304 -9.75 9.12 -10.64
N TYR B 305 -9.32 7.88 -10.43
CA TYR B 305 -10.17 6.70 -10.59
C TYR B 305 -10.62 6.17 -9.24
N VAL B 306 -11.91 5.83 -9.14
CA VAL B 306 -12.48 5.22 -7.94
C VAL B 306 -13.51 4.19 -8.38
N LYS B 307 -13.63 3.10 -7.63
CA LYS B 307 -14.64 2.07 -7.90
C LYS B 307 -15.93 2.40 -7.15
N SER B 308 -16.61 3.43 -7.63
CA SER B 308 -17.85 3.87 -7.01
C SER B 308 -18.94 3.99 -8.07
N ASN B 309 -20.17 4.21 -7.60
CA ASN B 309 -21.31 4.41 -8.48
C ASN B 309 -21.87 5.81 -8.43
N LYS B 310 -21.73 6.52 -7.31
CA LYS B 310 -22.21 7.89 -7.22
C LYS B 310 -21.44 8.61 -6.13
N LEU B 311 -21.27 9.92 -6.34
CA LEU B 311 -20.58 10.80 -5.38
C LEU B 311 -21.18 12.18 -5.54
N VAL B 312 -22.10 12.55 -4.65
CA VAL B 312 -22.85 13.79 -4.73
C VAL B 312 -22.55 14.64 -3.51
N LEU B 313 -22.27 15.92 -3.73
CA LEU B 313 -22.01 16.87 -2.67
C LEU B 313 -23.18 17.83 -2.54
N ALA B 314 -23.59 18.10 -1.30
CA ALA B 314 -24.74 18.96 -1.05
C ALA B 314 -24.30 20.41 -0.89
N THR B 315 -25.02 21.32 -1.55
CA THR B 315 -24.74 22.74 -1.46
C THR B 315 -25.97 23.55 -1.04
N GLY B 316 -26.95 22.91 -0.41
CA GLY B 316 -28.13 23.59 0.07
C GLY B 316 -28.66 22.92 1.31
N LEU B 317 -29.66 23.57 1.92
CA LEU B 317 -30.25 23.02 3.12
C LEU B 317 -31.24 21.91 2.78
N ARG B 318 -31.70 21.20 3.81
CA ARG B 318 -32.65 20.11 3.63
C ARG B 318 -33.95 20.64 3.04
N ASN B 319 -34.33 20.11 1.88
CA ASN B 319 -35.51 20.60 1.20
C ASN B 319 -36.78 20.17 1.93
N SER B 320 -37.85 20.92 1.70
CA SER B 320 -39.14 20.63 2.31
C SER B 320 -40.17 20.20 1.27
N LEU B 331 -28.71 18.87 17.17
CA LEU B 331 -29.03 19.36 15.83
C LEU B 331 -29.69 20.73 15.91
N PHE B 332 -29.81 21.25 17.13
CA PHE B 332 -30.29 22.60 17.42
C PHE B 332 -31.79 22.75 17.16
N GLY B 333 -32.40 21.74 16.55
CA GLY B 333 -33.84 21.66 16.38
C GLY B 333 -34.53 22.87 15.79
N ALA B 334 -34.01 23.41 14.69
CA ALA B 334 -34.56 24.62 14.10
C ALA B 334 -35.20 24.40 12.73
N ILE B 335 -34.52 23.67 11.84
CA ILE B 335 -35.08 23.45 10.50
C ILE B 335 -36.29 22.52 10.58
N ALA B 336 -36.16 21.43 11.32
CA ALA B 336 -37.29 20.51 11.48
C ALA B 336 -38.28 21.04 12.51
N GLY B 337 -37.79 21.57 13.62
CA GLY B 337 -38.66 22.02 14.71
C GLY B 337 -38.66 23.51 14.93
N PHE B 338 -39.78 24.01 15.47
CA PHE B 338 -40.09 25.42 15.70
C PHE B 338 -40.37 26.12 14.38
N ILE B 339 -40.05 25.43 13.27
CA ILE B 339 -40.25 25.94 11.92
C ILE B 339 -40.65 24.75 11.07
N GLU B 340 -41.93 24.71 10.67
CA GLU B 340 -42.45 23.52 10.01
C GLU B 340 -41.86 23.30 8.62
N GLY B 341 -41.55 24.36 7.88
CA GLY B 341 -41.05 24.17 6.54
C GLY B 341 -40.57 25.49 5.95
N GLY B 342 -40.04 25.39 4.74
CA GLY B 342 -39.51 26.54 4.04
C GLY B 342 -40.57 27.33 3.30
N TRP B 343 -40.10 28.40 2.65
CA TRP B 343 -40.97 29.30 1.90
C TRP B 343 -40.60 29.26 0.43
N GLN B 344 -41.63 29.25 -0.43
CA GLN B 344 -41.42 29.39 -1.86
C GLN B 344 -41.33 30.84 -2.31
N GLY B 345 -41.81 31.78 -1.50
CA GLY B 345 -41.83 33.17 -1.93
C GLY B 345 -40.46 33.83 -1.86
N MET B 346 -39.59 33.33 -0.98
CA MET B 346 -38.29 33.93 -0.78
C MET B 346 -37.32 33.35 -1.82
N VAL B 347 -37.29 34.02 -2.97
CA VAL B 347 -36.53 33.50 -4.10
C VAL B 347 -35.05 33.82 -3.98
N ASP B 348 -34.72 34.97 -3.37
CA ASP B 348 -33.36 35.49 -3.44
C ASP B 348 -32.41 34.83 -2.46
N GLY B 349 -32.64 34.98 -1.16
CA GLY B 349 -31.68 34.59 -0.16
C GLY B 349 -31.87 33.17 0.33
N TRP B 350 -31.15 32.85 1.42
CA TRP B 350 -31.25 31.56 2.07
C TRP B 350 -31.84 31.63 3.47
N TYR B 351 -31.60 32.72 4.21
CA TYR B 351 -32.29 33.01 5.45
C TYR B 351 -32.92 34.40 5.34
N GLY B 352 -34.14 34.55 5.83
CA GLY B 352 -34.84 35.80 5.64
C GLY B 352 -35.92 36.05 6.66
N TYR B 353 -36.73 37.06 6.39
CA TYR B 353 -37.82 37.47 7.28
C TYR B 353 -39.11 37.60 6.49
N HIS B 354 -40.23 37.41 7.19
CA HIS B 354 -41.55 37.73 6.67
C HIS B 354 -42.30 38.55 7.71
N HIS B 355 -42.93 39.63 7.27
CA HIS B 355 -43.58 40.58 8.16
C HIS B 355 -45.06 40.70 7.84
N SER B 356 -45.85 40.96 8.87
CA SER B 356 -47.26 41.28 8.74
C SER B 356 -47.49 42.68 9.30
N ASN B 357 -47.97 43.59 8.46
CA ASN B 357 -48.13 44.98 8.84
C ASN B 357 -49.41 45.53 8.22
N GLU B 358 -49.91 46.62 8.82
CA GLU B 358 -51.10 47.27 8.29
C GLU B 358 -50.86 47.80 6.88
N GLN B 359 -49.68 48.38 6.63
CA GLN B 359 -49.38 48.88 5.30
C GLN B 359 -49.32 47.76 4.28
N GLY B 360 -48.75 46.62 4.65
CA GLY B 360 -48.69 45.50 3.74
C GLY B 360 -47.80 44.40 4.31
N SER B 361 -47.57 43.39 3.48
CA SER B 361 -46.73 42.26 3.81
C SER B 361 -45.79 41.97 2.66
N GLY B 362 -44.70 41.27 2.96
CA GLY B 362 -43.72 40.95 1.94
C GLY B 362 -42.62 40.07 2.51
N TYR B 363 -41.78 39.59 1.61
CA TYR B 363 -40.66 38.74 1.95
C TYR B 363 -39.36 39.53 1.83
N ALA B 364 -38.52 39.43 2.85
CA ALA B 364 -37.21 40.06 2.87
C ALA B 364 -36.16 39.07 3.32
N ALA B 365 -34.96 39.20 2.77
CA ALA B 365 -33.87 38.27 3.04
C ALA B 365 -32.71 38.99 3.73
N ASP B 366 -32.00 38.26 4.58
CA ASP B 366 -30.82 38.77 5.26
C ASP B 366 -29.61 38.46 4.40
N LYS B 367 -29.20 39.44 3.58
CA LYS B 367 -28.09 39.22 2.66
C LYS B 367 -26.78 38.99 3.39
N GLU B 368 -26.58 39.66 4.53
CA GLU B 368 -25.31 39.52 5.26
C GLU B 368 -25.09 38.08 5.70
N SER B 369 -26.11 37.47 6.33
CA SER B 369 -25.97 36.08 6.76
C SER B 369 -25.98 35.13 5.58
N THR B 370 -26.70 35.46 4.51
CA THR B 370 -26.72 34.61 3.32
C THR B 370 -25.32 34.49 2.72
N GLN B 371 -24.61 35.61 2.60
CA GLN B 371 -23.28 35.59 1.99
C GLN B 371 -22.28 34.80 2.83
N LYS B 372 -22.39 34.90 4.16
CA LYS B 372 -21.45 34.18 5.03
C LYS B 372 -21.54 32.68 4.81
N ALA B 373 -22.74 32.17 4.53
CA ALA B 373 -22.89 30.73 4.30
C ALA B 373 -22.32 30.32 2.95
N ILE B 374 -22.55 31.13 1.91
CA ILE B 374 -22.07 30.79 0.58
C ILE B 374 -20.55 30.69 0.55
N ASP B 375 -19.87 31.62 1.21
CA ASP B 375 -18.41 31.57 1.30
C ASP B 375 -17.95 30.34 2.08
N GLY B 376 -18.66 30.00 3.16
CA GLY B 376 -18.23 28.88 3.98
C GLY B 376 -18.27 27.55 3.27
N VAL B 377 -19.30 27.31 2.46
CA VAL B 377 -19.44 26.02 1.80
C VAL B 377 -18.61 25.95 0.52
N THR B 378 -18.52 27.05 -0.21
CA THR B 378 -17.67 27.07 -1.41
C THR B 378 -16.21 26.87 -1.04
N ASN B 379 -15.80 27.35 0.13
CA ASN B 379 -14.46 27.07 0.64
C ASN B 379 -14.26 25.58 0.84
N LYS B 380 -15.25 24.91 1.42
CA LYS B 380 -15.13 23.49 1.70
C LYS B 380 -15.05 22.66 0.42
N VAL B 381 -15.82 23.04 -0.60
CA VAL B 381 -15.88 22.26 -1.82
C VAL B 381 -14.52 22.27 -2.53
N ASN B 382 -13.91 23.45 -2.65
CA ASN B 382 -12.61 23.52 -3.31
C ASN B 382 -11.53 22.84 -2.50
N SER B 383 -11.77 22.62 -1.20
CA SER B 383 -10.77 21.94 -0.38
C SER B 383 -10.73 20.46 -0.67
N ILE B 384 -11.87 19.84 -0.97
CA ILE B 384 -11.89 18.40 -1.21
C ILE B 384 -11.17 18.06 -2.51
N ILE B 385 -11.30 18.92 -3.52
CA ILE B 385 -10.59 18.69 -4.77
C ILE B 385 -9.08 18.77 -4.55
N ASP B 386 -8.64 19.73 -3.74
CA ASP B 386 -7.21 19.92 -3.50
C ASP B 386 -6.63 18.71 -2.76
N LYS B 387 -7.26 18.30 -1.66
CA LYS B 387 -6.65 17.32 -0.78
C LYS B 387 -6.45 15.97 -1.46
N MET B 388 -7.26 15.65 -2.46
CA MET B 388 -7.15 14.39 -3.18
C MET B 388 -6.32 14.50 -4.46
N ASN B 389 -5.46 15.52 -4.56
CA ASN B 389 -4.69 15.71 -5.78
C ASN B 389 -3.71 14.56 -6.02
N THR B 390 -3.04 14.12 -4.96
CA THR B 390 -2.07 13.03 -5.06
C THR B 390 -2.77 11.72 -4.73
N GLN B 391 -2.77 10.80 -5.70
CA GLN B 391 -3.46 9.54 -5.56
C GLN B 391 -2.76 8.53 -6.47
N PHE B 392 -2.86 7.25 -6.11
CA PHE B 392 -2.14 6.21 -6.84
C PHE B 392 -2.53 6.20 -8.31
N GLU B 393 -1.52 6.12 -9.17
CA GLU B 393 -1.71 6.05 -10.62
C GLU B 393 -1.14 4.73 -11.11
N ALA B 394 -1.98 3.94 -11.77
CA ALA B 394 -1.57 2.60 -12.20
C ALA B 394 -0.68 2.66 -13.43
N VAL B 395 0.16 1.63 -13.57
CA VAL B 395 1.06 1.48 -14.71
C VAL B 395 1.09 0.02 -15.10
N GLY B 396 1.25 -0.23 -16.40
CA GLY B 396 1.21 -1.57 -16.94
C GLY B 396 2.59 -2.23 -16.93
N ARG B 397 2.63 -3.46 -16.46
CA ARG B 397 3.83 -4.30 -16.48
C ARG B 397 3.45 -5.69 -16.92
N GLU B 398 4.41 -6.41 -17.51
CA GLU B 398 4.16 -7.73 -18.07
C GLU B 398 5.21 -8.72 -17.60
N PHE B 399 4.79 -9.98 -17.47
CA PHE B 399 5.65 -11.05 -17.00
C PHE B 399 5.39 -12.30 -17.84
N ASN B 400 6.38 -13.17 -17.91
CA ASN B 400 6.29 -14.37 -18.73
C ASN B 400 5.70 -15.52 -17.90
N ASN B 401 5.78 -16.74 -18.44
CA ASN B 401 5.07 -17.88 -17.85
C ASN B 401 5.74 -18.41 -16.59
N LEU B 402 7.03 -18.15 -16.39
CA LEU B 402 7.73 -18.63 -15.21
C LEU B 402 7.95 -17.55 -14.16
N GLU B 403 7.12 -16.49 -14.19
CA GLU B 403 7.17 -15.41 -13.21
C GLU B 403 5.80 -15.19 -12.60
N ARG B 404 5.09 -16.28 -12.31
CA ARG B 404 3.73 -16.16 -11.78
C ARG B 404 3.72 -15.58 -10.38
N ARG B 405 4.77 -15.82 -9.59
CA ARG B 405 4.80 -15.29 -8.23
C ARG B 405 4.87 -13.77 -8.24
N ILE B 406 5.76 -13.20 -9.05
CA ILE B 406 5.90 -11.74 -9.09
C ILE B 406 4.68 -11.10 -9.73
N GLU B 407 4.10 -11.75 -10.74
CA GLU B 407 2.90 -11.21 -11.37
C GLU B 407 1.75 -11.12 -10.38
N ASN B 408 1.59 -12.13 -9.52
CA ASN B 408 0.56 -12.07 -8.49
C ASN B 408 0.84 -10.96 -7.49
N LEU B 409 2.12 -10.78 -7.13
CA LEU B 409 2.47 -9.71 -6.20
C LEU B 409 2.16 -8.34 -6.78
N ASN B 410 2.43 -8.15 -8.06
CA ASN B 410 2.13 -6.88 -8.71
C ASN B 410 0.63 -6.64 -8.78
N LYS B 411 -0.15 -7.68 -9.07
CA LYS B 411 -1.59 -7.52 -9.22
C LYS B 411 -2.25 -7.13 -7.90
N LYS B 412 -1.79 -7.70 -6.79
CA LYS B 412 -2.41 -7.40 -5.50
C LYS B 412 -2.04 -6.01 -5.01
N MET B 413 -0.83 -5.53 -5.33
CA MET B 413 -0.43 -4.20 -4.88
C MET B 413 -1.31 -3.13 -5.49
N GLU B 414 -1.64 -3.26 -6.77
CA GLU B 414 -2.44 -2.23 -7.44
C GLU B 414 -3.88 -2.25 -6.95
N ASP B 415 -4.45 -3.43 -6.73
CA ASP B 415 -5.80 -3.49 -6.19
C ASP B 415 -5.85 -3.06 -4.73
N GLY B 416 -4.73 -3.19 -4.00
CA GLY B 416 -4.70 -2.73 -2.63
C GLY B 416 -4.85 -1.23 -2.51
N PHE B 417 -4.17 -0.48 -3.36
CA PHE B 417 -4.28 0.98 -3.33
C PHE B 417 -5.59 1.47 -3.90
N LEU B 418 -6.19 0.72 -4.82
CA LEU B 418 -7.47 1.13 -5.40
C LEU B 418 -8.57 1.13 -4.36
N ASP B 419 -8.57 0.14 -3.46
CA ASP B 419 -9.60 0.07 -2.43
C ASP B 419 -9.39 1.13 -1.36
N VAL B 420 -8.14 1.45 -1.02
CA VAL B 420 -7.88 2.44 0.02
C VAL B 420 -8.43 3.81 -0.40
N TRP B 421 -8.16 4.21 -1.64
CA TRP B 421 -8.60 5.52 -2.11
C TRP B 421 -10.09 5.55 -2.40
N THR B 422 -10.67 4.42 -2.80
CA THR B 422 -12.13 4.36 -2.94
C THR B 422 -12.80 4.54 -1.59
N TYR B 423 -12.25 3.93 -0.54
CA TYR B 423 -12.81 4.10 0.80
C TYR B 423 -12.70 5.54 1.28
N ASN B 424 -11.55 6.17 1.04
CA ASN B 424 -11.35 7.54 1.52
C ASN B 424 -12.32 8.51 0.86
N ALA B 425 -12.53 8.38 -0.45
CA ALA B 425 -13.42 9.29 -1.15
C ALA B 425 -14.85 9.14 -0.67
N GLU B 426 -15.31 7.89 -0.49
CA GLU B 426 -16.69 7.67 -0.08
C GLU B 426 -16.93 8.13 1.36
N LEU B 427 -15.96 7.93 2.24
CA LEU B 427 -16.11 8.36 3.62
C LEU B 427 -16.11 9.89 3.73
N LEU B 428 -15.27 10.56 2.94
CA LEU B 428 -15.19 12.02 3.01
C LEU B 428 -16.50 12.67 2.61
N VAL B 429 -17.14 12.15 1.56
CA VAL B 429 -18.41 12.72 1.10
C VAL B 429 -19.49 12.53 2.16
N LEU B 430 -19.54 11.36 2.79
CA LEU B 430 -20.59 11.09 3.76
C LEU B 430 -20.55 12.06 4.93
N MET B 431 -19.36 12.35 5.46
CA MET B 431 -19.24 13.17 6.65
C MET B 431 -19.49 14.64 6.35
N GLU B 432 -18.98 15.15 5.23
CA GLU B 432 -19.19 16.55 4.89
C GLU B 432 -20.63 16.83 4.47
N ASN B 433 -21.35 15.82 4.00
CA ASN B 433 -22.78 16.02 3.75
C ASN B 433 -23.54 16.22 5.05
N GLU B 434 -23.08 15.61 6.14
CA GLU B 434 -23.74 15.78 7.43
C GLU B 434 -23.43 17.13 8.05
N ARG B 435 -22.17 17.56 8.01
CA ARG B 435 -21.79 18.83 8.62
C ARG B 435 -22.46 20.00 7.93
N THR B 436 -22.62 19.92 6.60
CA THR B 436 -23.27 21.00 5.87
C THR B 436 -24.71 21.19 6.32
N LEU B 437 -25.43 20.09 6.55
CA LEU B 437 -26.82 20.19 6.97
C LEU B 437 -26.93 20.76 8.38
N ASP B 438 -25.99 20.41 9.26
CA ASP B 438 -25.97 21.00 10.59
C ASP B 438 -25.56 22.47 10.56
N PHE B 439 -24.65 22.82 9.64
CA PHE B 439 -24.22 24.21 9.53
C PHE B 439 -25.37 25.13 9.14
N HIS B 440 -26.19 24.70 8.18
CA HIS B 440 -27.34 25.51 7.78
C HIS B 440 -28.34 25.64 8.93
N ASP B 441 -28.54 24.57 9.69
CA ASP B 441 -29.50 24.61 10.79
C ASP B 441 -29.05 25.58 11.87
N SER B 442 -27.75 25.61 12.18
CA SER B 442 -27.25 26.46 13.26
C SER B 442 -27.45 27.94 12.94
N ASN B 443 -27.27 28.32 11.66
CA ASN B 443 -27.39 29.72 11.27
C ASN B 443 -28.80 30.24 11.52
N VAL B 444 -29.82 29.46 11.18
CA VAL B 444 -31.19 29.90 11.39
C VAL B 444 -31.50 30.02 12.87
N LYS B 445 -30.94 29.13 13.69
CA LYS B 445 -31.14 29.22 15.13
C LYS B 445 -30.53 30.50 15.70
N ASN B 446 -29.33 30.86 15.23
CA ASN B 446 -28.70 32.09 15.70
C ASN B 446 -29.46 33.33 15.24
N LEU B 447 -30.02 33.29 14.04
CA LEU B 447 -30.81 34.41 13.56
C LEU B 447 -32.04 34.63 14.42
N TYR B 448 -32.67 33.53 14.88
CA TYR B 448 -33.84 33.64 15.74
C TYR B 448 -33.51 34.35 17.04
N ASP B 449 -32.38 34.00 17.65
CA ASP B 449 -32.00 34.63 18.91
C ASP B 449 -31.75 36.13 18.73
N LYS B 450 -31.11 36.52 17.62
CA LYS B 450 -30.75 37.91 17.40
C LYS B 450 -31.99 38.81 17.47
N VAL B 451 -33.07 38.41 16.80
CA VAL B 451 -34.31 39.18 16.86
C VAL B 451 -34.92 39.10 18.26
N ARG B 452 -34.82 37.93 18.90
CA ARG B 452 -35.46 37.74 20.20
C ARG B 452 -34.86 38.64 21.26
N LEU B 453 -33.52 38.79 21.27
CA LEU B 453 -32.87 39.60 22.29
C LEU B 453 -33.23 41.08 22.17
N GLN B 454 -33.44 41.58 20.96
CA GLN B 454 -33.76 43.00 20.79
C GLN B 454 -35.11 43.33 21.42
N LEU B 455 -36.15 42.58 21.06
CA LEU B 455 -37.52 42.86 21.50
C LEU B 455 -37.80 42.06 22.77
N ARG B 456 -37.18 42.50 23.86
CA ARG B 456 -37.21 41.74 25.10
C ARG B 456 -38.63 41.61 25.65
N ASP B 457 -39.36 42.72 25.70
CA ASP B 457 -40.69 42.73 26.29
C ASP B 457 -41.76 43.43 25.47
N ASN B 458 -41.40 44.09 24.37
CA ASN B 458 -42.39 44.76 23.53
C ASN B 458 -43.14 43.80 22.62
N ALA B 459 -42.78 42.52 22.63
CA ALA B 459 -43.47 41.52 21.82
C ALA B 459 -43.49 40.21 22.59
N LYS B 460 -44.39 39.32 22.18
CA LYS B 460 -44.53 38.01 22.81
C LYS B 460 -44.24 36.93 21.77
N GLU B 461 -43.70 35.80 22.25
CA GLU B 461 -43.43 34.68 21.37
C GLU B 461 -44.72 33.95 21.02
N LEU B 462 -44.81 33.47 19.77
CA LEU B 462 -46.01 32.80 19.29
C LEU B 462 -45.79 31.33 19.00
N GLY B 463 -44.78 30.72 19.61
CA GLY B 463 -44.54 29.29 19.37
C GLY B 463 -43.72 28.98 18.14
N ASN B 464 -44.23 29.33 16.97
CA ASN B 464 -43.44 29.25 15.74
C ASN B 464 -42.48 30.44 15.72
N GLY B 465 -41.84 30.67 14.57
CA GLY B 465 -40.85 31.73 14.50
C GLY B 465 -41.42 33.12 14.68
N CYS B 466 -42.74 33.26 14.54
CA CYS B 466 -43.36 34.58 14.51
C CYS B 466 -43.35 35.24 15.89
N PHE B 467 -43.35 36.58 15.87
CA PHE B 467 -43.55 37.42 17.05
C PHE B 467 -44.68 38.39 16.75
N GLU B 468 -45.45 38.75 17.78
CA GLU B 468 -46.52 39.72 17.66
C GLU B 468 -46.21 40.91 18.58
N PHE B 469 -46.38 42.12 18.06
CA PHE B 469 -45.92 43.31 18.75
C PHE B 469 -47.00 43.85 19.68
N TYR B 470 -46.61 44.20 20.90
CA TYR B 470 -47.51 44.91 21.80
C TYR B 470 -47.82 46.29 21.27
N HIS B 471 -46.82 47.02 20.78
CA HIS B 471 -47.00 48.36 20.27
C HIS B 471 -47.22 48.33 18.76
N LYS B 472 -47.95 49.32 18.27
CA LYS B 472 -48.18 49.46 16.84
C LYS B 472 -47.01 50.19 16.18
N CYS B 473 -46.61 49.70 15.01
CA CYS B 473 -45.51 50.32 14.27
C CYS B 473 -45.71 50.06 12.78
N ASP B 474 -45.11 50.92 11.97
CA ASP B 474 -45.19 50.85 10.52
C ASP B 474 -43.81 50.52 9.94
N ASN B 475 -43.75 50.34 8.62
CA ASN B 475 -42.64 49.68 7.94
C ASN B 475 -41.27 50.18 8.41
N GLU B 476 -41.22 51.39 8.98
CA GLU B 476 -39.95 51.99 9.38
C GLU B 476 -39.19 51.09 10.37
N CYS B 477 -39.81 50.78 11.51
CA CYS B 477 -39.06 50.06 12.54
C CYS B 477 -38.89 48.57 12.22
N MET B 478 -39.51 48.06 11.14
CA MET B 478 -39.05 46.80 10.57
C MET B 478 -37.58 46.85 10.21
N GLU B 479 -37.14 47.93 9.58
CA GLU B 479 -35.71 48.07 9.29
C GLU B 479 -34.89 48.20 10.56
N SER B 480 -35.47 48.79 11.60
CA SER B 480 -34.75 48.98 12.86
C SER B 480 -34.37 47.65 13.50
N VAL B 481 -35.33 46.72 13.56
CA VAL B 481 -35.05 45.44 14.24
C VAL B 481 -34.09 44.59 13.43
N ARG B 482 -34.28 44.51 12.11
CA ARG B 482 -33.43 43.66 11.29
C ARG B 482 -32.00 44.19 11.24
N ASN B 483 -31.84 45.52 11.24
CA ASN B 483 -30.51 46.11 11.31
C ASN B 483 -29.90 45.98 12.71
N GLY B 484 -30.71 45.63 13.70
CA GLY B 484 -30.28 45.66 15.08
C GLY B 484 -30.45 47.01 15.76
N THR B 485 -30.95 48.01 15.03
CA THR B 485 -31.11 49.36 15.58
C THR B 485 -32.53 49.55 16.13
N TYR B 486 -32.93 48.64 17.00
CA TYR B 486 -34.22 48.72 17.67
C TYR B 486 -34.05 49.38 19.02
N ASP B 487 -34.78 50.46 19.25
CA ASP B 487 -34.67 51.24 20.48
C ASP B 487 -35.72 50.74 21.47
N TYR B 488 -35.28 49.96 22.45
CA TYR B 488 -36.20 49.45 23.47
C TYR B 488 -36.85 50.56 24.29
N PRO B 489 -36.11 51.53 24.85
CA PRO B 489 -36.79 52.59 25.62
C PRO B 489 -37.70 53.48 24.78
N GLN B 490 -37.48 53.56 23.46
CA GLN B 490 -38.34 54.39 22.63
C GLN B 490 -39.78 53.86 22.63
N TYR B 491 -39.95 52.55 22.51
CA TYR B 491 -41.26 51.93 22.54
C TYR B 491 -41.59 51.32 23.91
N SER B 492 -40.91 51.77 24.96
CA SER B 492 -41.20 51.26 26.30
C SER B 492 -42.63 51.60 26.72
N GLU B 493 -43.07 52.82 26.45
CA GLU B 493 -44.47 53.16 26.60
C GLU B 493 -45.28 52.46 25.51
N GLU B 494 -46.60 52.46 25.68
CA GLU B 494 -47.54 51.73 24.83
C GLU B 494 -47.35 50.23 24.95
N ALA B 495 -46.58 49.76 25.93
CA ALA B 495 -46.33 48.34 26.14
C ALA B 495 -46.95 47.87 27.45
N ARG B 496 -46.67 48.55 28.57
CA ARG B 496 -47.31 48.22 29.82
C ARG B 496 -48.83 48.39 29.72
N LEU B 497 -49.27 49.38 28.95
CA LEU B 497 -50.70 49.61 28.77
C LEU B 497 -51.36 48.42 28.08
N LYS B 498 -50.70 47.86 27.06
CA LYS B 498 -51.23 46.66 26.41
C LYS B 498 -51.18 45.47 27.35
N ARG B 499 -50.15 45.37 28.17
CA ARG B 499 -50.04 44.30 29.16
C ARG B 499 -50.79 44.67 30.44
N GLU B 500 -52.11 44.79 30.31
CA GLU B 500 -52.95 45.14 31.44
C GLU B 500 -53.53 43.89 32.10
N ASP C 1 -48.55 19.34 40.25
CA ASP C 1 -47.98 20.67 40.05
C ASP C 1 -46.65 20.59 39.31
N GLN C 2 -45.95 19.46 39.47
CA GLN C 2 -44.60 19.30 38.96
C GLN C 2 -44.58 18.26 37.84
N ILE C 3 -43.86 18.59 36.79
CA ILE C 3 -43.55 17.64 35.71
C ILE C 3 -42.11 17.85 35.27
N CYS C 4 -41.20 17.00 35.78
CA CYS C 4 -39.77 17.03 35.49
C CYS C 4 -39.46 16.22 34.23
N ILE C 5 -38.25 16.44 33.72
CA ILE C 5 -37.78 15.73 32.54
C ILE C 5 -36.54 14.92 32.92
N GLY C 6 -36.40 13.73 32.35
CA GLY C 6 -35.28 12.86 32.64
C GLY C 6 -35.00 11.86 31.54
N TYR C 7 -34.06 10.96 31.84
CA TYR C 7 -33.60 9.95 30.88
C TYR C 7 -33.40 8.61 31.58
N HIS C 8 -33.41 7.55 30.77
CA HIS C 8 -33.34 6.19 31.27
C HIS C 8 -31.95 5.87 31.82
N ALA C 9 -31.93 5.03 32.86
CA ALA C 9 -30.69 4.57 33.47
C ALA C 9 -30.85 3.11 33.89
N ASN C 10 -29.72 2.42 34.05
CA ASN C 10 -29.72 1.01 34.42
C ASN C 10 -28.47 0.73 35.26
N ASN C 11 -28.15 -0.55 35.40
CA ASN C 11 -27.02 -1.00 36.23
C ASN C 11 -25.84 -1.45 35.40
N SER C 12 -25.78 -1.07 34.12
CA SER C 12 -24.73 -1.55 33.24
C SER C 12 -23.37 -1.00 33.65
N THR C 13 -22.32 -1.73 33.26
CA THR C 13 -20.95 -1.33 33.55
C THR C 13 -20.06 -1.44 32.32
N GLU C 14 -20.65 -1.35 31.13
CA GLU C 14 -19.87 -1.34 29.90
C GLU C 14 -19.14 -0.01 29.76
N GLN C 15 -17.97 -0.06 29.11
CA GLN C 15 -17.13 1.12 28.97
C GLN C 15 -16.70 1.29 27.52
N VAL C 16 -16.68 2.54 27.06
CA VAL C 16 -16.25 2.88 25.71
C VAL C 16 -15.26 4.03 25.81
N ASP C 17 -14.53 4.25 24.72
CA ASP C 17 -13.52 5.29 24.64
C ASP C 17 -13.85 6.27 23.52
N THR C 18 -13.65 7.55 23.79
CA THR C 18 -13.83 8.61 22.82
C THR C 18 -12.52 9.37 22.64
N ILE C 19 -12.54 10.36 21.75
CA ILE C 19 -11.35 11.17 21.52
C ILE C 19 -11.03 11.98 22.78
N MET C 20 -12.04 12.59 23.40
CA MET C 20 -11.80 13.45 24.54
C MET C 20 -11.47 12.64 25.80
N GLU C 21 -12.11 11.49 25.99
CA GLU C 21 -12.01 10.77 27.26
C GLU C 21 -12.11 9.26 27.04
N LYS C 22 -11.50 8.50 27.95
CA LYS C 22 -11.50 7.04 27.97
C LYS C 22 -12.24 6.51 29.20
N ASN C 23 -12.58 5.20 29.19
CA ASN C 23 -13.54 4.66 30.17
C ASN C 23 -14.72 5.55 30.52
N VAL C 24 -15.59 5.72 29.54
CA VAL C 24 -16.93 6.28 29.73
C VAL C 24 -17.91 5.13 29.90
N THR C 25 -18.66 5.14 31.01
CA THR C 25 -19.66 4.10 31.27
C THR C 25 -20.96 4.43 30.55
N VAL C 26 -21.54 3.44 29.86
CA VAL C 26 -22.74 3.62 29.07
C VAL C 26 -23.75 2.53 29.40
N THR C 27 -25.00 2.77 29.02
CA THR C 27 -26.08 1.84 29.32
C THR C 27 -25.99 0.60 28.44
N HIS C 28 -25.77 0.77 27.14
CA HIS C 28 -25.76 -0.35 26.21
C HIS C 28 -24.62 -0.16 25.22
N ALA C 29 -23.82 -1.22 25.03
CA ALA C 29 -22.71 -1.18 24.09
C ALA C 29 -22.59 -2.52 23.37
N GLN C 30 -22.09 -2.46 22.14
CA GLN C 30 -21.84 -3.64 21.33
C GLN C 30 -20.35 -3.99 21.36
N ASP C 31 -20.04 -5.19 20.87
CA ASP C 31 -18.67 -5.62 20.67
C ASP C 31 -18.54 -6.20 19.26
N ILE C 32 -17.47 -5.83 18.57
CA ILE C 32 -17.32 -6.19 17.17
C ILE C 32 -15.95 -6.81 16.90
N LEU C 33 -15.32 -7.36 17.94
CA LEU C 33 -14.01 -8.00 17.80
C LEU C 33 -14.08 -9.42 18.34
N GLU C 34 -13.76 -10.39 17.48
CA GLU C 34 -13.77 -11.80 17.85
C GLU C 34 -12.37 -12.24 18.26
N LYS C 35 -12.27 -12.96 19.38
CA LYS C 35 -10.97 -13.26 19.96
C LYS C 35 -10.83 -14.71 20.42
N THR C 36 -11.62 -15.64 19.90
CA THR C 36 -11.56 -17.03 20.35
C THR C 36 -11.54 -17.97 19.15
N HIS C 37 -10.85 -19.09 19.34
CA HIS C 37 -10.77 -20.15 18.33
C HIS C 37 -10.78 -21.50 19.02
N ASN C 38 -11.19 -22.54 18.30
CA ASN C 38 -11.34 -23.86 18.89
C ASN C 38 -9.98 -24.53 19.10
N GLY C 39 -9.00 -24.21 18.28
CA GLY C 39 -7.67 -24.78 18.42
C GLY C 39 -7.42 -26.07 17.70
N LYS C 40 -8.23 -26.41 16.69
CA LYS C 40 -8.07 -27.65 15.94
C LYS C 40 -8.27 -27.36 14.45
N LEU C 41 -7.85 -28.32 13.62
CA LEU C 41 -8.07 -28.24 12.19
C LEU C 41 -9.30 -29.04 11.82
N CYS C 42 -10.21 -28.41 11.07
CA CYS C 42 -11.47 -29.02 10.67
C CYS C 42 -11.56 -29.09 9.15
N ASP C 43 -12.65 -29.71 8.69
CA ASP C 43 -12.98 -29.73 7.27
C ASP C 43 -13.52 -28.36 6.86
N LEU C 44 -13.19 -27.93 5.63
CA LEU C 44 -13.59 -26.59 5.22
C LEU C 44 -15.09 -26.49 5.00
N ASN C 45 -15.62 -27.30 4.11
CA ASN C 45 -17.07 -27.33 3.88
C ASN C 45 -17.52 -28.77 3.68
N GLY C 46 -17.03 -29.67 4.52
CA GLY C 46 -17.28 -31.09 4.33
C GLY C 46 -16.26 -31.79 3.47
N VAL C 47 -15.11 -31.17 3.22
CA VAL C 47 -14.02 -31.76 2.45
C VAL C 47 -12.79 -31.78 3.35
N LYS C 48 -12.31 -32.98 3.64
CA LYS C 48 -11.16 -33.12 4.53
C LYS C 48 -9.89 -32.62 3.86
N PRO C 49 -9.03 -31.90 4.57
CA PRO C 49 -7.78 -31.44 3.96
C PRO C 49 -6.79 -32.59 3.82
N LEU C 50 -5.76 -32.35 2.99
CA LEU C 50 -4.66 -33.28 2.82
C LEU C 50 -3.56 -32.93 3.81
N ILE C 51 -3.25 -33.85 4.71
CA ILE C 51 -2.31 -33.60 5.79
C ILE C 51 -1.07 -34.44 5.53
N LEU C 52 0.00 -33.80 5.08
CA LEU C 52 1.30 -34.45 4.98
C LEU C 52 1.94 -34.43 6.35
N LYS C 53 2.10 -35.61 6.97
CA LYS C 53 2.51 -35.65 8.36
C LYS C 53 3.96 -35.23 8.53
N ASP C 54 4.89 -35.98 7.95
CA ASP C 54 6.31 -35.69 8.10
C ASP C 54 7.03 -35.67 6.76
N CYS C 55 6.31 -35.33 5.70
CA CYS C 55 6.86 -35.28 4.36
C CYS C 55 6.78 -33.85 3.83
N SER C 56 7.44 -33.62 2.70
CA SER C 56 7.36 -32.35 1.99
C SER C 56 6.67 -32.57 0.65
N VAL C 57 6.40 -31.47 -0.04
CA VAL C 57 5.72 -31.56 -1.33
C VAL C 57 6.58 -32.34 -2.32
N ALA C 58 7.89 -32.12 -2.29
CA ALA C 58 8.79 -32.86 -3.16
C ALA C 58 8.78 -34.35 -2.83
N GLY C 59 8.79 -34.68 -1.54
CA GLY C 59 8.78 -36.09 -1.16
C GLY C 59 7.52 -36.81 -1.58
N TRP C 60 6.40 -36.08 -1.63
CA TRP C 60 5.14 -36.69 -2.04
C TRP C 60 5.10 -36.94 -3.54
N LEU C 61 5.57 -35.98 -4.33
CA LEU C 61 5.45 -36.09 -5.78
C LEU C 61 6.45 -37.12 -6.33
N LEU C 62 7.73 -36.97 -5.98
CA LEU C 62 8.72 -38.01 -6.21
C LEU C 62 8.66 -38.95 -5.03
N GLY C 63 8.04 -40.12 -5.22
CA GLY C 63 7.70 -40.94 -4.07
C GLY C 63 8.89 -41.34 -3.24
N ASN C 64 9.04 -40.68 -2.09
CA ASN C 64 10.04 -41.09 -1.12
C ASN C 64 9.58 -42.40 -0.49
N PRO C 65 10.48 -43.38 -0.36
CA PRO C 65 10.06 -44.69 0.15
C PRO C 65 9.44 -44.62 1.54
N MET C 66 9.81 -43.62 2.34
CA MET C 66 9.18 -43.48 3.66
C MET C 66 7.76 -42.93 3.53
N CYS C 67 7.53 -42.02 2.59
CA CYS C 67 6.23 -41.41 2.42
C CYS C 67 5.31 -42.26 1.54
N ASP C 68 5.17 -43.54 1.87
CA ASP C 68 4.36 -44.45 1.06
C ASP C 68 2.89 -44.43 1.44
N GLU C 69 2.52 -43.69 2.49
CA GLU C 69 1.13 -43.58 2.88
C GLU C 69 0.30 -42.74 1.91
N PHE C 70 0.95 -41.89 1.12
CA PHE C 70 0.26 -41.00 0.19
C PHE C 70 0.33 -41.49 -1.25
N ILE C 71 0.31 -42.81 -1.46
CA ILE C 71 0.38 -43.35 -2.81
C ILE C 71 -0.86 -42.94 -3.60
N ARG C 72 -2.03 -43.04 -2.99
CA ARG C 72 -3.28 -42.62 -3.61
C ARG C 72 -4.01 -41.69 -2.64
N VAL C 73 -4.45 -40.54 -3.14
CA VAL C 73 -5.07 -39.52 -2.30
C VAL C 73 -6.41 -39.10 -2.88
N PRO C 74 -7.40 -38.77 -2.06
CA PRO C 74 -8.68 -38.26 -2.57
C PRO C 74 -8.63 -36.74 -2.74
N GLU C 75 -9.77 -36.18 -3.13
CA GLU C 75 -9.88 -34.74 -3.29
C GLU C 75 -9.72 -34.03 -1.96
N TRP C 76 -9.05 -32.88 -1.98
CA TRP C 76 -8.75 -32.13 -0.78
C TRP C 76 -9.22 -30.69 -0.92
N SER C 77 -9.24 -29.98 0.21
CA SER C 77 -9.63 -28.58 0.25
C SER C 77 -8.46 -27.63 0.51
N TYR C 78 -7.49 -28.05 1.32
CA TYR C 78 -6.24 -27.32 1.47
C TYR C 78 -5.18 -28.29 1.98
N ILE C 79 -3.92 -27.87 1.88
CA ILE C 79 -2.78 -28.72 2.18
C ILE C 79 -2.10 -28.20 3.44
N VAL C 80 -1.82 -29.11 4.37
CA VAL C 80 -1.15 -28.78 5.63
C VAL C 80 0.24 -29.42 5.60
N GLU C 81 1.25 -28.61 5.91
CA GLU C 81 2.63 -29.06 5.88
C GLU C 81 3.38 -28.49 7.09
N ARG C 82 4.21 -29.31 7.71
CA ARG C 82 4.92 -28.88 8.90
C ARG C 82 6.05 -27.92 8.54
N ALA C 83 6.64 -27.32 9.59
CA ALA C 83 7.61 -26.27 9.37
C ALA C 83 8.87 -26.80 8.68
N ASN C 84 9.48 -27.85 9.23
CA ASN C 84 10.62 -28.54 8.64
C ASN C 84 10.28 -30.01 8.42
N PRO C 85 9.83 -30.37 7.21
CA PRO C 85 9.56 -31.79 6.91
C PRO C 85 10.85 -32.60 6.95
N ALA C 86 10.83 -33.67 7.74
CA ALA C 86 12.03 -34.49 7.89
C ALA C 86 12.31 -35.31 6.64
N ASN C 87 11.27 -35.91 6.06
CA ASN C 87 11.44 -36.83 4.93
C ASN C 87 11.32 -36.04 3.63
N ASP C 88 12.46 -35.74 3.02
CA ASP C 88 12.49 -34.94 1.80
C ASP C 88 13.81 -35.22 1.09
N LEU C 89 13.73 -35.67 -0.17
CA LEU C 89 14.91 -35.87 -1.01
C LEU C 89 15.98 -36.71 -0.33
N CYS C 90 15.69 -38.01 -0.11
CA CYS C 90 16.64 -38.88 0.56
C CYS C 90 18.01 -38.83 -0.09
N TYR C 91 18.07 -38.96 -1.40
CA TYR C 91 19.35 -38.79 -2.09
C TYR C 91 19.65 -37.30 -2.25
N PRO C 92 20.84 -36.85 -1.83
CA PRO C 92 21.12 -35.40 -1.85
C PRO C 92 21.02 -34.82 -3.25
N GLY C 93 20.49 -33.60 -3.33
CA GLY C 93 20.28 -32.97 -4.62
C GLY C 93 19.38 -31.75 -4.50
N SER C 94 18.61 -31.50 -5.55
CA SER C 94 17.72 -30.35 -5.58
C SER C 94 16.65 -30.56 -6.63
N LEU C 95 15.61 -29.74 -6.55
CA LEU C 95 14.52 -29.73 -7.52
C LEU C 95 14.44 -28.34 -8.14
N ASN C 96 14.46 -28.29 -9.47
CA ASN C 96 14.52 -27.00 -10.16
C ASN C 96 13.16 -26.30 -10.14
N ASP C 97 13.19 -25.00 -9.88
CA ASP C 97 11.99 -24.17 -9.82
C ASP C 97 11.00 -24.71 -8.80
N TYR C 98 11.50 -24.97 -7.59
CA TYR C 98 10.67 -25.56 -6.55
C TYR C 98 9.53 -24.65 -6.16
N GLU C 99 9.81 -23.36 -5.97
CA GLU C 99 8.79 -22.44 -5.49
C GLU C 99 7.72 -22.17 -6.53
N GLU C 100 8.09 -22.16 -7.82
CA GLU C 100 7.09 -21.96 -8.85
C GLU C 100 6.14 -23.15 -8.95
N LEU C 101 6.63 -24.36 -8.65
CA LEU C 101 5.75 -25.53 -8.65
C LEU C 101 4.72 -25.44 -7.52
N LYS C 102 5.14 -25.01 -6.34
CA LYS C 102 4.22 -24.90 -5.21
C LYS C 102 3.15 -23.85 -5.47
N HIS C 103 3.51 -22.74 -6.11
CA HIS C 103 2.51 -21.73 -6.46
C HIS C 103 1.47 -22.30 -7.40
N LEU C 104 1.88 -23.16 -8.33
CA LEU C 104 0.92 -23.81 -9.22
C LEU C 104 0.04 -24.81 -8.48
N LEU C 105 0.59 -25.48 -7.46
CA LEU C 105 -0.19 -26.47 -6.72
C LEU C 105 -1.31 -25.84 -5.91
N SER C 106 -1.26 -24.54 -5.65
CA SER C 106 -2.26 -23.88 -4.82
C SER C 106 -3.59 -23.70 -5.53
N ARG C 107 -3.69 -24.05 -6.82
CA ARG C 107 -4.92 -23.92 -7.58
C ARG C 107 -5.41 -25.27 -8.10
N ILE C 108 -5.00 -26.36 -7.45
CA ILE C 108 -5.36 -27.71 -7.85
C ILE C 108 -6.04 -28.40 -6.68
N ASN C 109 -7.13 -29.11 -6.97
CA ASN C 109 -7.88 -29.80 -5.93
C ASN C 109 -7.84 -31.31 -6.05
N HIS C 110 -7.36 -31.87 -7.15
CA HIS C 110 -7.33 -33.32 -7.29
C HIS C 110 -6.32 -33.72 -8.36
N PHE C 111 -5.58 -34.79 -8.07
CA PHE C 111 -4.67 -35.41 -9.00
C PHE C 111 -5.14 -36.82 -9.30
N GLU C 112 -4.67 -37.38 -10.41
CA GLU C 112 -4.80 -38.79 -10.69
C GLU C 112 -3.49 -39.31 -11.28
N LYS C 113 -2.92 -40.32 -10.64
CA LYS C 113 -1.63 -40.87 -11.06
C LYS C 113 -1.85 -41.97 -12.09
N ILE C 114 -1.10 -41.91 -13.18
CA ILE C 114 -1.20 -42.88 -14.26
C ILE C 114 0.20 -43.34 -14.65
N LEU C 115 0.26 -44.47 -15.35
CA LEU C 115 1.51 -45.07 -15.80
C LEU C 115 1.69 -44.79 -17.29
N ILE C 116 2.85 -44.24 -17.66
CA ILE C 116 3.11 -43.84 -19.03
C ILE C 116 4.22 -44.66 -19.67
N ILE C 117 5.29 -44.97 -18.92
CA ILE C 117 6.43 -45.71 -19.43
C ILE C 117 6.59 -46.98 -18.60
N PRO C 118 6.03 -48.09 -19.05
CA PRO C 118 6.18 -49.35 -18.30
C PRO C 118 7.63 -49.83 -18.30
N LYS C 119 7.96 -50.62 -17.27
CA LYS C 119 9.33 -51.13 -17.14
C LYS C 119 9.73 -52.02 -18.30
N SER C 120 8.75 -52.68 -18.93
CA SER C 120 9.06 -53.56 -20.06
C SER C 120 9.61 -52.80 -21.26
N SER C 121 9.45 -51.49 -21.31
CA SER C 121 9.94 -50.68 -22.41
C SER C 121 11.42 -50.32 -22.27
N TRP C 122 12.16 -51.02 -21.41
CA TRP C 122 13.60 -50.84 -21.26
C TRP C 122 14.33 -52.17 -21.38
N PRO C 123 14.28 -52.82 -22.54
CA PRO C 123 15.24 -53.91 -22.80
C PRO C 123 16.60 -53.31 -23.12
N ASN C 124 17.62 -54.15 -22.97
CA ASN C 124 19.03 -53.81 -23.18
C ASN C 124 19.54 -52.84 -22.13
N HIS C 125 18.78 -52.57 -21.07
CA HIS C 125 19.24 -51.78 -19.95
C HIS C 125 18.81 -52.46 -18.67
N GLU C 126 19.55 -52.20 -17.59
CA GLU C 126 19.26 -52.80 -16.30
C GLU C 126 18.36 -51.88 -15.48
N THR C 127 17.34 -52.48 -14.86
CA THR C 127 16.33 -51.71 -14.15
C THR C 127 16.16 -52.08 -12.69
N SER C 128 16.98 -52.98 -12.16
CA SER C 128 16.78 -53.48 -10.80
C SER C 128 17.94 -53.19 -9.86
N LEU C 129 19.01 -52.55 -10.33
CA LEU C 129 20.18 -52.29 -9.51
C LEU C 129 20.30 -50.83 -9.08
N GLY C 130 19.30 -50.01 -9.39
CA GLY C 130 19.35 -48.61 -9.03
C GLY C 130 18.82 -48.32 -7.63
N VAL C 131 19.57 -48.74 -6.61
CA VAL C 131 19.19 -48.54 -5.22
C VAL C 131 20.37 -47.94 -4.47
N SER C 132 20.06 -47.28 -3.36
CA SER C 132 21.08 -46.61 -2.56
C SER C 132 20.74 -46.72 -1.08
N ALA C 133 21.75 -46.56 -0.24
CA ALA C 133 21.57 -46.57 1.20
C ALA C 133 21.06 -45.25 1.75
N ALA C 134 20.98 -44.21 0.92
CA ALA C 134 20.42 -42.94 1.36
C ALA C 134 18.91 -42.98 1.47
N CYS C 135 18.25 -43.87 0.71
CA CYS C 135 16.81 -44.07 0.77
C CYS C 135 16.57 -45.47 1.33
N PRO C 136 16.36 -45.61 2.63
CA PRO C 136 16.55 -46.93 3.25
C PRO C 136 15.35 -47.86 3.22
N TYR C 137 14.12 -47.33 3.13
CA TYR C 137 12.92 -48.15 3.31
C TYR C 137 13.02 -49.00 4.58
N GLN C 138 12.70 -50.30 4.47
CA GLN C 138 12.67 -51.18 5.64
C GLN C 138 14.06 -51.75 5.89
N GLY C 139 15.01 -50.85 6.13
CA GLY C 139 16.37 -51.26 6.42
C GLY C 139 17.05 -52.02 5.31
N ALA C 140 16.82 -51.61 4.05
CA ALA C 140 17.42 -52.26 2.89
C ALA C 140 17.36 -51.29 1.73
N PRO C 141 18.46 -51.08 1.00
CA PRO C 141 18.52 -49.98 0.04
C PRO C 141 17.36 -49.94 -0.95
N SER C 142 16.88 -48.74 -1.24
CA SER C 142 15.74 -48.55 -2.13
C SER C 142 15.94 -47.23 -2.86
N PHE C 143 14.87 -46.72 -3.48
CA PHE C 143 14.96 -45.52 -4.29
C PHE C 143 13.56 -44.92 -4.42
N PHE C 144 13.49 -43.73 -5.03
CA PHE C 144 12.21 -43.11 -5.30
C PHE C 144 11.33 -44.06 -6.12
N ARG C 145 10.02 -43.95 -5.92
CA ARG C 145 9.08 -44.90 -6.50
C ARG C 145 8.45 -44.44 -7.80
N ASN C 146 8.62 -43.18 -8.20
CA ASN C 146 8.02 -42.66 -9.41
C ASN C 146 9.01 -42.49 -10.56
N VAL C 147 10.30 -42.80 -10.33
CA VAL C 147 11.32 -42.68 -11.36
C VAL C 147 12.19 -43.93 -11.32
N VAL C 148 12.93 -44.14 -12.40
CA VAL C 148 13.78 -45.33 -12.57
C VAL C 148 15.21 -44.88 -12.80
N TRP C 149 16.13 -45.56 -12.13
CA TRP C 149 17.57 -45.33 -12.29
C TRP C 149 18.14 -46.45 -13.15
N LEU C 150 18.62 -46.11 -14.34
CA LEU C 150 19.03 -47.09 -15.34
C LEU C 150 20.54 -47.31 -15.28
N ILE C 151 20.94 -48.57 -15.38
CA ILE C 151 22.35 -48.98 -15.34
C ILE C 151 22.62 -49.86 -16.56
N LYS C 152 23.89 -49.94 -16.92
CA LYS C 152 24.29 -50.73 -18.08
C LYS C 152 24.01 -52.21 -17.87
N LYS C 153 23.53 -52.87 -18.93
CA LYS C 153 23.38 -54.31 -18.95
C LYS C 153 24.46 -54.90 -19.85
N ASN C 154 24.86 -56.14 -19.53
CA ASN C 154 26.07 -56.75 -20.10
C ASN C 154 27.21 -55.79 -19.80
N ASP C 155 27.85 -55.18 -20.79
CA ASP C 155 28.86 -54.16 -20.57
C ASP C 155 28.66 -52.96 -21.49
N ALA C 156 27.42 -52.70 -21.89
CA ALA C 156 27.13 -51.66 -22.88
C ALA C 156 25.97 -50.81 -22.39
N TYR C 157 25.86 -49.62 -22.98
CA TYR C 157 24.77 -48.68 -22.70
C TYR C 157 24.34 -48.06 -24.01
N PRO C 158 23.43 -48.71 -24.74
CA PRO C 158 22.96 -48.14 -26.00
C PRO C 158 22.17 -46.86 -25.78
N THR C 159 22.17 -46.01 -26.82
CA THR C 159 21.44 -44.76 -26.74
C THR C 159 19.94 -45.00 -26.67
N ILE C 160 19.23 -44.06 -26.06
CA ILE C 160 17.80 -44.18 -25.78
C ILE C 160 17.06 -43.15 -26.62
N LYS C 161 15.95 -43.58 -27.23
CA LYS C 161 15.07 -42.69 -27.99
C LYS C 161 13.64 -43.11 -27.71
N ILE C 162 12.94 -42.33 -26.88
CA ILE C 162 11.59 -42.65 -26.46
C ILE C 162 10.71 -41.41 -26.62
N SER C 163 9.41 -41.63 -26.75
CA SER C 163 8.45 -40.54 -26.93
C SER C 163 7.12 -40.95 -26.35
N TYR C 164 6.38 -39.97 -25.85
CA TYR C 164 5.03 -40.18 -25.33
C TYR C 164 4.13 -39.07 -25.82
N ASN C 165 2.90 -39.43 -26.18
CA ASN C 165 1.93 -38.50 -26.73
C ASN C 165 0.74 -38.41 -25.79
N ASN C 166 0.37 -37.19 -25.40
CA ASN C 166 -0.71 -36.94 -24.45
C ASN C 166 -2.04 -37.01 -25.18
N THR C 167 -2.86 -38.00 -24.83
CA THR C 167 -4.18 -38.19 -25.43
C THR C 167 -5.28 -38.26 -24.37
N ASN C 168 -5.12 -37.55 -23.26
CA ASN C 168 -5.98 -37.72 -22.09
C ASN C 168 -6.94 -36.57 -21.86
N ARG C 169 -7.00 -35.59 -22.77
CA ARG C 169 -7.87 -34.42 -22.69
C ARG C 169 -7.59 -33.53 -21.48
N GLU C 170 -6.55 -33.83 -20.70
CA GLU C 170 -6.19 -33.04 -19.54
C GLU C 170 -4.68 -32.89 -19.49
N ASP C 171 -4.23 -31.85 -18.79
CA ASP C 171 -2.80 -31.58 -18.68
C ASP C 171 -2.11 -32.62 -17.82
N LEU C 172 -0.81 -32.78 -18.04
CA LEU C 172 0.00 -33.77 -17.34
C LEU C 172 1.20 -33.11 -16.71
N LEU C 173 1.63 -33.68 -15.58
CA LEU C 173 2.82 -33.24 -14.88
C LEU C 173 3.84 -34.37 -14.92
N ILE C 174 5.04 -34.08 -15.43
CA ILE C 174 6.06 -35.08 -15.68
C ILE C 174 7.36 -34.64 -15.02
N LEU C 175 8.10 -35.60 -14.45
CA LEU C 175 9.36 -35.31 -13.78
C LEU C 175 10.44 -36.27 -14.27
N TRP C 176 11.67 -35.76 -14.33
CA TRP C 176 12.84 -36.55 -14.71
C TRP C 176 14.06 -35.93 -14.05
N GLY C 177 15.21 -36.58 -14.22
CA GLY C 177 16.40 -36.08 -13.54
C GLY C 177 17.69 -36.55 -14.17
N ILE C 178 18.79 -36.05 -13.62
CA ILE C 178 20.14 -36.39 -14.06
C ILE C 178 21.02 -36.62 -12.83
N HIS C 179 22.01 -37.49 -12.97
CA HIS C 179 22.89 -37.88 -11.88
C HIS C 179 24.30 -37.39 -12.14
N HIS C 180 24.88 -36.71 -11.16
CA HIS C 180 26.26 -36.23 -11.23
C HIS C 180 27.16 -37.23 -10.50
N SER C 181 28.15 -37.77 -11.19
CA SER C 181 29.03 -38.77 -10.62
C SER C 181 30.07 -38.12 -9.72
N ASN C 182 30.90 -38.96 -9.09
CA ASN C 182 31.95 -38.49 -8.20
C ASN C 182 33.33 -38.50 -8.84
N ASN C 183 33.58 -39.43 -9.74
CA ASN C 183 34.94 -39.66 -10.22
C ASN C 183 34.86 -40.29 -11.61
N ALA C 184 35.95 -40.15 -12.36
CA ALA C 184 36.01 -40.73 -13.70
C ALA C 184 35.92 -42.24 -13.65
N GLU C 185 36.59 -42.86 -12.68
CA GLU C 185 36.52 -44.31 -12.54
C GLU C 185 35.11 -44.77 -12.20
N GLU C 186 34.44 -44.05 -11.29
CA GLU C 186 33.07 -44.39 -10.93
C GLU C 186 32.13 -44.22 -12.13
N GLN C 187 32.44 -43.28 -13.02
CA GLN C 187 31.57 -43.03 -14.16
C GLN C 187 31.46 -44.25 -15.05
N THR C 188 32.59 -44.90 -15.35
CA THR C 188 32.57 -46.02 -16.28
C THR C 188 31.91 -47.25 -15.67
N ASN C 189 31.95 -47.39 -14.34
CA ASN C 189 31.37 -48.57 -13.71
C ASN C 189 29.86 -48.62 -13.87
N LEU C 190 29.18 -47.48 -13.67
CA LEU C 190 27.73 -47.46 -13.79
C LEU C 190 27.30 -47.39 -15.25
N TYR C 191 27.85 -46.45 -16.00
CA TYR C 191 27.57 -46.29 -17.42
C TYR C 191 28.89 -46.36 -18.18
N LYS C 192 28.94 -47.23 -19.19
CA LYS C 192 30.22 -47.49 -19.86
C LYS C 192 30.77 -46.23 -20.53
N ASN C 193 29.90 -45.45 -21.18
CA ASN C 193 30.36 -44.31 -21.95
C ASN C 193 30.95 -43.24 -21.03
N PRO C 194 32.07 -42.61 -21.40
CA PRO C 194 32.69 -41.62 -20.53
C PRO C 194 32.11 -40.21 -20.67
N THR C 195 31.57 -39.88 -21.83
CA THR C 195 30.97 -38.58 -22.07
C THR C 195 29.50 -38.77 -22.43
N THR C 196 28.61 -38.07 -21.72
CA THR C 196 27.18 -38.32 -21.80
C THR C 196 26.42 -37.01 -21.91
N TYR C 197 25.14 -37.12 -22.28
CA TYR C 197 24.27 -35.98 -22.46
C TYR C 197 22.82 -36.42 -22.31
N ILE C 198 21.94 -35.45 -22.11
CA ILE C 198 20.50 -35.68 -22.06
C ILE C 198 19.80 -34.59 -22.86
N SER C 199 18.87 -34.98 -23.73
CA SER C 199 18.13 -34.03 -24.54
C SER C 199 16.64 -34.24 -24.35
N VAL C 200 15.92 -33.16 -24.06
CA VAL C 200 14.47 -33.18 -23.87
C VAL C 200 13.86 -32.09 -24.73
N GLY C 201 12.80 -32.43 -25.46
CA GLY C 201 12.18 -31.47 -26.34
C GLY C 201 10.68 -31.61 -26.49
N THR C 202 9.96 -30.50 -26.30
CA THR C 202 8.53 -30.44 -26.53
C THR C 202 8.22 -29.29 -27.48
N SER C 203 6.93 -28.94 -27.62
CA SER C 203 6.57 -27.82 -28.49
C SER C 203 7.13 -26.50 -27.97
N THR C 204 7.37 -26.39 -26.67
CA THR C 204 7.88 -25.16 -26.08
C THR C 204 9.12 -25.37 -25.22
N LEU C 205 9.69 -26.56 -25.21
CA LEU C 205 10.85 -26.87 -24.38
C LEU C 205 12.01 -27.32 -25.27
N ASN C 206 13.22 -26.91 -24.89
CA ASN C 206 14.44 -27.27 -25.63
C ASN C 206 15.58 -27.25 -24.63
N GLN C 207 16.00 -28.43 -24.17
CA GLN C 207 16.93 -28.56 -23.07
C GLN C 207 18.05 -29.53 -23.42
N ARG C 208 19.22 -29.31 -22.80
CA ARG C 208 20.35 -30.21 -22.93
C ARG C 208 21.18 -30.13 -21.66
N LEU C 209 21.52 -31.28 -21.10
CA LEU C 209 22.19 -31.36 -19.81
C LEU C 209 23.45 -32.19 -19.91
N VAL C 210 24.45 -31.83 -19.10
CA VAL C 210 25.74 -32.52 -19.08
C VAL C 210 26.17 -32.73 -17.63
N PRO C 211 26.63 -33.91 -17.25
CA PRO C 211 27.03 -34.13 -15.87
C PRO C 211 28.27 -33.34 -15.48
N LYS C 212 28.36 -33.03 -14.18
CA LYS C 212 29.53 -32.39 -13.59
C LYS C 212 30.20 -33.37 -12.66
N ILE C 213 31.49 -33.61 -12.87
CA ILE C 213 32.25 -34.58 -12.09
C ILE C 213 33.26 -33.82 -11.25
N ALA C 214 33.10 -33.88 -9.93
CA ALA C 214 33.98 -33.17 -9.01
C ALA C 214 33.82 -33.79 -7.62
N THR C 215 34.69 -33.38 -6.71
CA THR C 215 34.63 -33.83 -5.33
C THR C 215 33.79 -32.85 -4.51
N ARG C 216 32.89 -33.40 -3.70
CA ARG C 216 31.99 -32.60 -2.89
C ARG C 216 31.96 -33.15 -1.46
N SER C 217 31.28 -32.43 -0.58
CA SER C 217 31.15 -32.85 0.80
C SER C 217 30.05 -33.89 0.94
N GLN C 218 30.13 -34.68 2.01
CA GLN C 218 29.19 -35.77 2.23
C GLN C 218 27.91 -35.24 2.84
N VAL C 219 26.80 -35.40 2.12
CA VAL C 219 25.47 -35.18 2.66
C VAL C 219 24.80 -36.56 2.78
N ASN C 220 24.14 -36.78 3.91
CA ASN C 220 23.74 -38.12 4.32
C ASN C 220 24.98 -39.00 4.37
N GLY C 221 25.16 -39.86 3.38
CA GLY C 221 26.37 -40.65 3.32
C GLY C 221 27.06 -40.62 1.97
N GLN C 222 26.49 -39.87 1.02
CA GLN C 222 26.93 -39.90 -0.36
C GLN C 222 27.51 -38.55 -0.78
N ARG C 223 28.42 -38.60 -1.75
CA ARG C 223 28.99 -37.40 -2.34
C ARG C 223 28.42 -37.09 -3.72
N GLY C 224 27.52 -37.93 -4.23
CA GLY C 224 26.86 -37.65 -5.50
C GLY C 224 25.71 -36.68 -5.34
N ARG C 225 25.14 -36.29 -6.47
CA ARG C 225 24.02 -35.36 -6.48
C ARG C 225 23.04 -35.77 -7.57
N MET C 226 21.79 -35.32 -7.42
CA MET C 226 20.75 -35.53 -8.42
C MET C 226 19.94 -34.25 -8.57
N ASP C 227 19.64 -33.89 -9.81
CA ASP C 227 18.85 -32.70 -10.11
C ASP C 227 17.60 -33.13 -10.88
N PHE C 228 16.45 -32.62 -10.46
CA PHE C 228 15.17 -33.00 -11.04
C PHE C 228 14.50 -31.80 -11.69
N PHE C 229 13.72 -32.07 -12.74
CA PHE C 229 13.03 -31.05 -13.49
C PHE C 229 11.58 -31.48 -13.71
N TRP C 230 10.74 -30.52 -14.11
CA TRP C 230 9.32 -30.78 -14.30
C TRP C 230 8.78 -29.91 -15.42
N THR C 231 7.64 -30.32 -15.96
CA THR C 231 6.98 -29.57 -17.03
C THR C 231 5.51 -29.97 -17.07
N ILE C 232 4.73 -29.18 -17.80
CA ILE C 232 3.31 -29.43 -18.01
C ILE C 232 3.10 -29.71 -19.49
N LEU C 233 2.45 -30.84 -19.79
CA LEU C 233 2.24 -31.28 -21.16
C LEU C 233 0.78 -31.06 -21.53
N LYS C 234 0.54 -30.18 -22.48
CA LYS C 234 -0.82 -29.87 -22.90
C LYS C 234 -1.40 -31.00 -23.75
N PRO C 235 -2.73 -31.08 -23.85
CA PRO C 235 -3.34 -32.15 -24.64
C PRO C 235 -2.90 -32.11 -26.09
N ASP C 236 -2.78 -33.30 -26.69
CA ASP C 236 -2.35 -33.47 -28.07
C ASP C 236 -0.96 -32.88 -28.29
N ASP C 237 -0.04 -33.23 -27.41
CA ASP C 237 1.35 -32.82 -27.53
C ASP C 237 2.25 -33.98 -27.08
N ALA C 238 3.49 -33.96 -27.53
CA ALA C 238 4.41 -35.05 -27.28
C ALA C 238 5.70 -34.53 -26.65
N ILE C 239 6.41 -35.44 -25.99
CA ILE C 239 7.71 -35.14 -25.38
C ILE C 239 8.69 -36.21 -25.84
N HIS C 240 9.91 -35.79 -26.15
CA HIS C 240 10.93 -36.67 -26.70
C HIS C 240 12.17 -36.66 -25.82
N PHE C 241 12.69 -37.85 -25.52
CA PHE C 241 13.88 -38.02 -24.71
C PHE C 241 14.99 -38.67 -25.52
N GLU C 242 16.23 -38.36 -25.16
CA GLU C 242 17.39 -39.00 -25.79
C GLU C 242 18.60 -38.83 -24.88
N SER C 243 19.29 -39.93 -24.59
CA SER C 243 20.43 -39.89 -23.70
C SER C 243 21.31 -41.10 -23.94
N ASN C 244 22.54 -41.01 -23.43
CA ASN C 244 23.48 -42.13 -23.41
C ASN C 244 24.09 -42.35 -22.05
N GLY C 245 23.48 -41.84 -20.98
CA GLY C 245 23.98 -42.08 -19.64
C GLY C 245 23.43 -41.06 -18.67
N ASN C 246 23.50 -41.44 -17.39
CA ASN C 246 23.12 -40.57 -16.27
C ASN C 246 21.67 -40.09 -16.39
N PHE C 247 20.77 -40.99 -16.76
CA PHE C 247 19.38 -40.65 -17.01
C PHE C 247 18.49 -41.26 -15.93
N ILE C 248 17.59 -40.46 -15.38
CA ILE C 248 16.60 -40.90 -14.40
C ILE C 248 15.25 -40.77 -15.07
N ALA C 249 14.75 -41.88 -15.63
CA ALA C 249 13.60 -41.85 -16.52
C ALA C 249 12.29 -41.73 -15.74
N PRO C 250 11.27 -41.13 -16.34
CA PRO C 250 9.95 -41.09 -15.71
C PRO C 250 9.26 -42.44 -15.77
N GLU C 251 8.40 -42.68 -14.81
CA GLU C 251 7.53 -43.85 -14.86
C GLU C 251 6.06 -43.52 -14.63
N TYR C 252 5.77 -42.57 -13.75
CA TYR C 252 4.40 -42.20 -13.42
C TYR C 252 4.22 -40.70 -13.65
N ALA C 253 2.99 -40.30 -13.97
CA ALA C 253 2.66 -38.91 -14.17
C ALA C 253 1.32 -38.62 -13.51
N TYR C 254 1.03 -37.32 -13.34
CA TYR C 254 -0.18 -36.88 -12.66
C TYR C 254 -1.06 -36.12 -13.64
N LYS C 255 -2.35 -36.48 -13.68
CA LYS C 255 -3.34 -35.70 -14.40
C LYS C 255 -3.94 -34.64 -13.49
N ILE C 256 -4.35 -33.53 -14.09
CA ILE C 256 -5.00 -32.44 -13.37
C ILE C 256 -6.48 -32.50 -13.70
N VAL C 257 -7.28 -33.02 -12.78
CA VAL C 257 -8.69 -33.28 -13.05
C VAL C 257 -9.58 -32.16 -12.51
N LYS C 258 -9.24 -31.57 -11.38
CA LYS C 258 -10.05 -30.53 -10.77
C LYS C 258 -9.20 -29.32 -10.43
N LYS C 259 -9.61 -28.16 -10.92
CA LYS C 259 -8.99 -26.88 -10.58
C LYS C 259 -9.92 -26.11 -9.65
N GLY C 260 -9.32 -25.27 -8.82
CA GLY C 260 -10.11 -24.52 -7.86
C GLY C 260 -9.24 -23.64 -7.00
N ASP C 261 -9.75 -23.29 -5.83
CA ASP C 261 -9.05 -22.45 -4.88
C ASP C 261 -8.57 -23.28 -3.70
N SER C 262 -7.30 -23.14 -3.36
CA SER C 262 -6.70 -23.88 -2.25
C SER C 262 -5.54 -23.03 -1.71
N THR C 263 -4.74 -23.64 -0.83
CA THR C 263 -3.58 -22.97 -0.25
C THR C 263 -2.71 -24.03 0.41
N ILE C 264 -1.53 -23.60 0.87
CA ILE C 264 -0.61 -24.44 1.62
C ILE C 264 -0.36 -23.77 2.95
N MET C 265 -0.56 -24.51 4.03
CA MET C 265 -0.52 -23.98 5.39
C MET C 265 0.65 -24.58 6.16
N LYS C 266 1.39 -23.74 6.86
CA LYS C 266 2.47 -24.17 7.74
C LYS C 266 1.93 -24.20 9.16
N SER C 267 1.52 -25.38 9.62
CA SER C 267 0.90 -25.51 10.92
C SER C 267 1.39 -26.78 11.60
N GLY C 268 1.34 -26.76 12.93
CA GLY C 268 1.69 -27.93 13.72
C GLY C 268 0.50 -28.46 14.50
N VAL C 269 -0.68 -27.89 14.28
CA VAL C 269 -1.88 -28.28 14.99
C VAL C 269 -2.31 -29.67 14.53
N GLU C 270 -3.23 -30.28 15.27
CA GLU C 270 -3.68 -31.64 15.02
C GLU C 270 -5.12 -31.65 14.52
N TYR C 271 -5.45 -32.70 13.77
CA TYR C 271 -6.76 -32.80 13.14
C TYR C 271 -7.83 -33.21 14.14
N GLY C 272 -8.90 -32.43 14.19
CA GLY C 272 -10.08 -32.80 14.94
C GLY C 272 -11.25 -32.97 14.01
N HIS C 273 -12.17 -33.86 14.40
CA HIS C 273 -13.31 -34.21 13.55
C HIS C 273 -14.39 -33.15 13.68
N CYS C 274 -14.45 -32.26 12.69
CA CYS C 274 -15.27 -31.06 12.73
C CYS C 274 -15.27 -30.43 11.35
N ASN C 275 -16.26 -29.56 11.11
CA ASN C 275 -16.31 -28.76 9.90
C ASN C 275 -16.61 -27.32 10.26
N THR C 276 -16.14 -26.40 9.43
CA THR C 276 -16.20 -24.97 9.75
C THR C 276 -16.58 -24.15 8.53
N LYS C 277 -16.33 -22.85 8.61
CA LYS C 277 -16.35 -21.99 7.43
C LYS C 277 -15.17 -21.06 7.33
N CYS C 278 -14.38 -20.89 8.38
CA CYS C 278 -13.15 -20.12 8.37
C CYS C 278 -12.08 -20.92 9.10
N GLN C 279 -10.86 -20.93 8.56
CA GLN C 279 -9.77 -21.71 9.14
C GLN C 279 -8.50 -20.89 9.15
N THR C 280 -7.78 -20.94 10.28
CA THR C 280 -6.51 -20.26 10.45
C THR C 280 -5.44 -21.27 10.86
N PRO C 281 -4.15 -20.95 10.72
CA PRO C 281 -3.13 -21.89 11.19
C PRO C 281 -3.21 -22.21 12.67
N VAL C 282 -3.78 -21.31 13.47
CA VAL C 282 -3.87 -21.56 14.90
C VAL C 282 -5.12 -22.35 15.24
N GLY C 283 -6.23 -22.06 14.57
CA GLY C 283 -7.47 -22.76 14.86
C GLY C 283 -8.57 -22.30 13.94
N ALA C 284 -9.79 -22.70 14.29
CA ALA C 284 -10.99 -22.37 13.54
C ALA C 284 -11.80 -21.33 14.28
N ILE C 285 -12.47 -20.47 13.52
CA ILE C 285 -13.23 -19.33 14.03
C ILE C 285 -14.69 -19.60 13.70
N ASN C 286 -15.59 -19.34 14.65
CA ASN C 286 -17.00 -19.56 14.38
C ASN C 286 -17.73 -18.42 15.08
N SER C 287 -18.10 -17.40 14.31
CA SER C 287 -18.62 -16.14 14.84
C SER C 287 -19.27 -15.36 13.72
N SER C 288 -19.93 -14.27 14.11
CA SER C 288 -20.55 -13.33 13.16
C SER C 288 -20.03 -11.91 13.30
N MET C 289 -19.02 -11.70 14.15
CA MET C 289 -18.52 -10.34 14.38
C MET C 289 -17.79 -9.82 13.14
N PRO C 290 -17.71 -8.50 12.98
CA PRO C 290 -17.06 -7.97 11.76
C PRO C 290 -15.56 -8.21 11.71
N PHE C 291 -14.85 -8.06 12.82
CA PHE C 291 -13.40 -8.15 12.84
C PHE C 291 -12.93 -9.31 13.70
N HIS C 292 -11.64 -9.63 13.54
CA HIS C 292 -10.97 -10.64 14.36
C HIS C 292 -9.50 -10.30 14.44
N ASN C 293 -8.82 -10.87 15.44
CA ASN C 293 -7.39 -10.63 15.64
C ASN C 293 -6.60 -11.92 15.84
N ILE C 294 -7.03 -13.02 15.23
CA ILE C 294 -6.38 -14.30 15.50
C ILE C 294 -5.09 -14.43 14.71
N HIS C 295 -5.18 -14.41 13.38
CA HIS C 295 -4.02 -14.66 12.54
C HIS C 295 -4.23 -13.99 11.19
N PRO C 296 -3.15 -13.53 10.54
CA PRO C 296 -3.32 -12.84 9.25
C PRO C 296 -3.83 -13.74 8.13
N LEU C 297 -3.34 -14.97 8.02
CA LEU C 297 -3.62 -15.84 6.89
C LEU C 297 -4.78 -16.76 7.21
N THR C 298 -5.84 -16.70 6.40
CA THR C 298 -7.03 -17.51 6.60
C THR C 298 -7.50 -18.07 5.26
N ILE C 299 -8.45 -19.00 5.33
CA ILE C 299 -9.08 -19.59 4.16
C ILE C 299 -10.57 -19.75 4.44
N GLY C 300 -11.40 -19.41 3.46
CA GLY C 300 -12.84 -19.42 3.60
C GLY C 300 -13.39 -18.03 3.88
N GLU C 301 -14.69 -17.98 4.13
CA GLU C 301 -15.30 -16.73 4.54
C GLU C 301 -14.83 -16.38 5.95
N CYS C 302 -14.30 -15.17 6.12
CA CYS C 302 -13.71 -14.83 7.40
C CYS C 302 -13.90 -13.36 7.71
N PRO C 303 -13.95 -13.00 8.98
CA PRO C 303 -13.90 -11.58 9.36
C PRO C 303 -12.57 -10.95 8.98
N LYS C 304 -12.58 -9.65 8.80
CA LYS C 304 -11.37 -8.92 8.43
C LYS C 304 -10.43 -8.84 9.63
N TYR C 305 -9.14 -8.94 9.34
CA TYR C 305 -8.12 -9.01 10.38
C TYR C 305 -7.62 -7.61 10.72
N VAL C 306 -7.55 -7.31 12.02
CA VAL C 306 -6.97 -6.08 12.52
C VAL C 306 -6.05 -6.43 13.68
N LYS C 307 -5.16 -5.49 14.02
CA LYS C 307 -4.15 -5.69 15.04
C LYS C 307 -4.53 -5.04 16.36
N SER C 308 -5.82 -4.83 16.61
CA SER C 308 -6.27 -4.12 17.79
C SER C 308 -6.58 -5.09 18.92
N ASN C 309 -6.88 -4.54 20.10
CA ASN C 309 -7.23 -5.33 21.26
C ASN C 309 -8.67 -5.13 21.75
N LYS C 310 -9.32 -4.04 21.34
CA LYS C 310 -10.67 -3.75 21.81
C LYS C 310 -11.35 -2.83 20.82
N LEU C 311 -12.57 -3.19 20.42
CA LEU C 311 -13.39 -2.36 19.53
C LEU C 311 -14.82 -2.44 20.03
N VAL C 312 -15.23 -1.46 20.83
CA VAL C 312 -16.55 -1.43 21.45
C VAL C 312 -17.30 -0.21 20.97
N LEU C 313 -18.50 -0.42 20.43
CA LEU C 313 -19.34 0.65 19.92
C LEU C 313 -20.41 0.96 20.95
N ALA C 314 -20.49 2.23 21.35
CA ALA C 314 -21.53 2.67 22.27
C ALA C 314 -22.86 2.83 21.54
N THR C 315 -23.93 2.39 22.18
CA THR C 315 -25.27 2.51 21.63
C THR C 315 -26.24 3.24 22.53
N GLY C 316 -26.05 3.17 23.85
CA GLY C 316 -26.90 3.90 24.77
C GLY C 316 -26.17 5.07 25.41
N LEU C 317 -26.91 6.02 25.97
CA LEU C 317 -26.30 7.18 26.59
C LEU C 317 -25.54 6.78 27.85
N ARG C 318 -24.73 7.71 28.34
CA ARG C 318 -23.87 7.44 29.49
C ARG C 318 -24.70 7.21 30.75
N ASN C 319 -24.21 6.30 31.60
CA ASN C 319 -24.90 5.92 32.81
C ASN C 319 -24.28 6.62 34.01
N SER C 320 -25.12 7.06 34.94
CA SER C 320 -24.66 7.76 36.13
C SER C 320 -23.80 6.87 37.02
N GLY C 330 -20.54 19.66 20.14
CA GLY C 330 -20.30 20.09 21.51
C GLY C 330 -21.39 19.62 22.46
N LEU C 331 -21.08 19.64 23.75
CA LEU C 331 -22.01 19.18 24.77
C LEU C 331 -23.13 20.20 24.92
N PHE C 332 -24.30 19.88 24.39
CA PHE C 332 -25.50 20.58 24.81
C PHE C 332 -25.73 20.31 26.30
N GLY C 333 -26.08 21.35 27.04
CA GLY C 333 -25.93 21.29 28.49
C GLY C 333 -26.86 20.34 29.21
N ALA C 334 -27.57 19.45 28.51
CA ALA C 334 -28.74 18.80 29.09
C ALA C 334 -28.36 17.66 30.03
N ILE C 335 -27.65 16.64 29.54
CA ILE C 335 -27.63 15.35 30.22
C ILE C 335 -26.92 15.46 31.57
N ALA C 336 -25.77 16.11 31.62
CA ALA C 336 -24.95 16.14 32.84
C ALA C 336 -25.10 17.44 33.62
N GLY C 337 -25.69 18.48 33.03
CA GLY C 337 -25.93 19.72 33.74
C GLY C 337 -27.38 20.13 33.60
N PHE C 338 -27.89 20.80 34.63
CA PHE C 338 -29.24 21.33 34.63
C PHE C 338 -30.24 20.16 34.73
N ILE C 339 -29.73 18.95 34.57
CA ILE C 339 -30.42 17.72 34.93
C ILE C 339 -29.36 16.81 35.54
N GLU C 340 -29.41 16.64 36.87
CA GLU C 340 -28.27 16.10 37.59
C GLU C 340 -27.97 14.66 37.18
N GLY C 341 -28.95 13.77 37.35
CA GLY C 341 -28.74 12.36 37.09
C GLY C 341 -29.90 11.74 36.34
N GLY C 342 -29.75 10.44 36.05
CA GLY C 342 -30.78 9.68 35.37
C GLY C 342 -31.79 9.08 36.33
N TRP C 343 -32.76 8.39 35.75
CA TRP C 343 -33.84 7.77 36.50
C TRP C 343 -33.71 6.26 36.43
N GLN C 344 -33.64 5.61 37.58
CA GLN C 344 -33.64 4.16 37.63
C GLN C 344 -35.04 3.58 37.44
N GLY C 345 -36.07 4.26 37.95
CA GLY C 345 -37.42 3.71 37.88
C GLY C 345 -37.94 3.61 36.46
N MET C 346 -37.67 4.62 35.64
CA MET C 346 -38.12 4.61 34.25
C MET C 346 -37.50 3.44 33.49
N VAL C 347 -38.37 2.65 32.84
CA VAL C 347 -37.92 1.49 32.08
C VAL C 347 -38.53 1.40 30.68
N ASP C 348 -39.58 2.16 30.37
CA ASP C 348 -40.27 1.97 29.09
C ASP C 348 -39.43 2.47 27.92
N GLY C 349 -38.77 3.61 28.08
CA GLY C 349 -38.04 4.20 26.97
C GLY C 349 -36.81 4.95 27.45
N TRP C 350 -36.10 5.54 26.47
CA TRP C 350 -34.85 6.23 26.77
C TRP C 350 -35.11 7.61 27.38
N TYR C 351 -36.11 8.33 26.88
CA TYR C 351 -36.45 9.64 27.39
C TYR C 351 -37.94 9.68 27.73
N GLY C 352 -38.29 10.44 28.76
CA GLY C 352 -39.68 10.51 29.16
C GLY C 352 -39.93 11.61 30.17
N TYR C 353 -41.20 11.74 30.55
CA TYR C 353 -41.67 12.75 31.50
C TYR C 353 -42.13 12.05 32.77
N HIS C 354 -41.57 12.46 33.91
CA HIS C 354 -42.15 12.11 35.19
C HIS C 354 -43.17 13.16 35.61
N HIS C 355 -44.18 12.74 36.36
CA HIS C 355 -45.21 13.67 36.79
C HIS C 355 -45.54 13.44 38.26
N SER C 356 -46.06 14.49 38.90
CA SER C 356 -46.54 14.42 40.28
C SER C 356 -47.78 15.31 40.39
N ASN C 357 -48.95 14.73 40.15
CA ASN C 357 -50.20 15.43 40.39
C ASN C 357 -50.67 15.18 41.81
N GLU C 358 -51.75 15.85 42.21
CA GLU C 358 -52.28 15.65 43.55
C GLU C 358 -52.79 14.23 43.75
N GLN C 359 -53.25 13.59 42.68
CA GLN C 359 -53.74 12.22 42.78
C GLN C 359 -52.60 11.25 43.05
N GLY C 360 -51.51 11.37 42.31
CA GLY C 360 -50.39 10.47 42.50
C GLY C 360 -49.23 10.86 41.61
N SER C 361 -48.11 10.18 41.82
CA SER C 361 -46.88 10.42 41.08
C SER C 361 -46.46 9.14 40.37
N GLY C 362 -46.09 9.25 39.11
CA GLY C 362 -45.66 8.10 38.35
C GLY C 362 -44.85 8.52 37.14
N TYR C 363 -44.00 7.60 36.68
CA TYR C 363 -43.24 7.85 35.48
C TYR C 363 -44.07 7.55 34.23
N ALA C 364 -43.66 8.14 33.11
CA ALA C 364 -44.28 7.90 31.82
C ALA C 364 -43.18 7.90 30.77
N ALA C 365 -43.54 7.65 29.52
CA ALA C 365 -42.56 7.50 28.46
C ALA C 365 -42.96 8.37 27.26
N ASP C 366 -41.98 8.69 26.44
CA ASP C 366 -42.20 9.44 25.21
C ASP C 366 -41.84 8.57 24.02
N LYS C 367 -42.81 8.35 23.14
CA LYS C 367 -42.59 7.71 21.86
C LYS C 367 -42.55 8.79 20.78
N GLU C 368 -42.05 8.40 19.60
CA GLU C 368 -41.65 9.25 18.48
C GLU C 368 -40.32 9.94 18.79
N SER C 369 -39.83 9.85 20.03
CA SER C 369 -38.52 10.34 20.41
C SER C 369 -37.55 9.21 20.69
N THR C 370 -37.95 8.24 21.53
CA THR C 370 -37.14 7.04 21.71
C THR C 370 -37.04 6.25 20.41
N GLN C 371 -38.10 6.30 19.59
CA GLN C 371 -38.10 5.57 18.33
C GLN C 371 -37.05 6.10 17.37
N LYS C 372 -36.95 7.43 17.25
CA LYS C 372 -35.99 8.01 16.32
C LYS C 372 -34.55 7.80 16.78
N ALA C 373 -34.32 7.81 18.10
CA ALA C 373 -32.98 7.55 18.62
C ALA C 373 -32.54 6.12 18.31
N ILE C 374 -33.43 5.15 18.52
CA ILE C 374 -33.11 3.76 18.20
C ILE C 374 -32.92 3.59 16.71
N ASP C 375 -33.76 4.24 15.90
CA ASP C 375 -33.63 4.14 14.45
C ASP C 375 -32.31 4.72 13.97
N GLY C 376 -31.90 5.85 14.54
CA GLY C 376 -30.66 6.49 14.09
C GLY C 376 -29.42 5.68 14.41
N VAL C 377 -29.34 5.12 15.62
CA VAL C 377 -28.13 4.43 16.04
C VAL C 377 -27.88 3.19 15.19
N THR C 378 -28.93 2.43 14.89
CA THR C 378 -28.75 1.19 14.14
C THR C 378 -28.26 1.46 12.72
N ASN C 379 -28.76 2.52 12.08
CA ASN C 379 -28.29 2.86 10.74
C ASN C 379 -26.81 3.19 10.74
N LYS C 380 -26.32 3.86 11.78
CA LYS C 380 -24.90 4.16 11.88
C LYS C 380 -24.07 2.88 11.99
N VAL C 381 -24.54 1.91 12.77
CA VAL C 381 -23.79 0.67 12.96
C VAL C 381 -23.69 -0.10 11.66
N ASN C 382 -24.79 -0.18 10.91
CA ASN C 382 -24.79 -0.92 9.65
C ASN C 382 -23.86 -0.28 8.63
N SER C 383 -23.85 1.06 8.56
CA SER C 383 -23.03 1.75 7.58
C SER C 383 -21.54 1.51 7.85
N ILE C 384 -21.15 1.40 9.12
CA ILE C 384 -19.76 1.10 9.45
C ILE C 384 -19.37 -0.27 8.90
N ILE C 385 -20.24 -1.26 9.10
CA ILE C 385 -19.95 -2.62 8.62
C ILE C 385 -19.92 -2.66 7.11
N ASP C 386 -20.86 -1.96 6.45
CA ASP C 386 -20.90 -1.96 5.00
C ASP C 386 -19.65 -1.33 4.40
N LYS C 387 -19.16 -0.24 4.99
CA LYS C 387 -18.02 0.46 4.43
C LYS C 387 -16.74 -0.36 4.48
N MET C 388 -16.68 -1.37 5.33
CA MET C 388 -15.51 -2.23 5.44
C MET C 388 -15.68 -3.57 4.71
N ASN C 389 -16.54 -3.58 3.69
CA ASN C 389 -16.77 -4.83 2.94
C ASN C 389 -15.51 -5.30 2.23
N THR C 390 -14.77 -4.37 1.64
CA THR C 390 -13.55 -4.71 0.91
C THR C 390 -12.34 -4.27 1.71
N GLN C 391 -11.41 -5.20 1.92
CA GLN C 391 -10.21 -4.95 2.70
C GLN C 391 -9.13 -5.92 2.25
N PHE C 392 -7.88 -5.50 2.41
CA PHE C 392 -6.76 -6.29 1.90
C PHE C 392 -6.73 -7.68 2.53
N GLU C 393 -6.52 -8.69 1.70
CA GLU C 393 -6.45 -10.08 2.12
C GLU C 393 -5.07 -10.63 1.77
N ALA C 394 -4.40 -11.22 2.76
CA ALA C 394 -3.03 -11.69 2.57
C ALA C 394 -3.01 -13.07 1.94
N VAL C 395 -1.93 -13.33 1.18
CA VAL C 395 -1.70 -14.61 0.54
C VAL C 395 -0.26 -15.03 0.84
N GLY C 396 0.01 -16.32 0.73
CA GLY C 396 1.32 -16.87 1.02
C GLY C 396 2.13 -17.10 -0.25
N ARG C 397 3.42 -16.76 -0.17
CA ARG C 397 4.37 -16.98 -1.26
C ARG C 397 5.71 -17.35 -0.66
N GLU C 398 6.48 -18.13 -1.42
CA GLU C 398 7.77 -18.63 -0.95
C GLU C 398 8.89 -18.18 -1.89
N PHE C 399 10.07 -17.93 -1.30
CA PHE C 399 11.25 -17.54 -2.05
C PHE C 399 12.45 -18.30 -1.53
N ASN C 400 13.38 -18.61 -2.42
CA ASN C 400 14.54 -19.42 -2.06
C ASN C 400 15.62 -18.52 -1.43
N ASN C 401 16.82 -19.08 -1.25
CA ASN C 401 17.85 -18.41 -0.47
C ASN C 401 18.49 -17.24 -1.20
N LEU C 402 18.43 -17.20 -2.53
CA LEU C 402 19.04 -16.15 -3.31
C LEU C 402 18.05 -15.09 -3.77
N GLU C 403 16.83 -15.10 -3.22
CA GLU C 403 15.81 -14.11 -3.52
C GLU C 403 15.45 -13.32 -2.28
N ARG C 404 16.47 -12.91 -1.51
CA ARG C 404 16.22 -12.20 -0.26
C ARG C 404 15.64 -10.82 -0.48
N ARG C 405 16.01 -10.15 -1.57
CA ARG C 405 15.49 -8.81 -1.85
C ARG C 405 14.00 -8.85 -2.14
N ILE C 406 13.57 -9.80 -2.98
CA ILE C 406 12.16 -9.89 -3.33
C ILE C 406 11.33 -10.34 -2.13
N GLU C 407 11.88 -11.25 -1.32
CA GLU C 407 11.17 -11.71 -0.13
C GLU C 407 10.96 -10.56 0.85
N ASN C 408 11.99 -9.73 1.04
CA ASN C 408 11.86 -8.58 1.92
C ASN C 408 10.82 -7.60 1.39
N LEU C 409 10.76 -7.42 0.08
CA LEU C 409 9.75 -6.55 -0.53
C LEU C 409 8.36 -7.07 -0.26
N ASN C 410 8.16 -8.39 -0.35
CA ASN C 410 6.84 -8.97 -0.12
C ASN C 410 6.38 -8.76 1.32
N LYS C 411 7.30 -8.89 2.28
CA LYS C 411 6.94 -8.73 3.68
C LYS C 411 6.50 -7.31 3.99
N LYS C 412 7.24 -6.32 3.49
CA LYS C 412 6.94 -4.92 3.81
C LYS C 412 5.60 -4.49 3.23
N MET C 413 5.23 -5.04 2.07
CA MET C 413 3.99 -4.62 1.42
C MET C 413 2.78 -5.02 2.27
N GLU C 414 2.66 -6.31 2.58
CA GLU C 414 1.48 -6.77 3.31
C GLU C 414 1.49 -6.33 4.77
N ASP C 415 2.66 -5.95 5.30
CA ASP C 415 2.68 -5.34 6.63
C ASP C 415 2.17 -3.91 6.58
N GLY C 416 2.48 -3.18 5.51
CA GLY C 416 1.99 -1.81 5.38
C GLY C 416 0.49 -1.73 5.24
N PHE C 417 -0.09 -2.66 4.48
CA PHE C 417 -1.53 -2.63 4.26
C PHE C 417 -2.31 -2.95 5.54
N LEU C 418 -1.73 -3.76 6.42
CA LEU C 418 -2.40 -4.07 7.68
C LEU C 418 -2.43 -2.87 8.60
N ASP C 419 -1.35 -2.07 8.62
CA ASP C 419 -1.31 -0.88 9.45
C ASP C 419 -2.29 0.19 8.94
N VAL C 420 -2.45 0.29 7.62
CA VAL C 420 -3.38 1.27 7.07
C VAL C 420 -4.80 0.92 7.47
N TRP C 421 -5.19 -0.34 7.33
CA TRP C 421 -6.56 -0.73 7.65
C TRP C 421 -6.82 -0.79 9.14
N THR C 422 -5.79 -1.07 9.94
CA THR C 422 -5.94 -0.98 11.39
C THR C 422 -6.22 0.46 11.81
N TYR C 423 -5.53 1.42 11.20
CA TYR C 423 -5.74 2.83 11.54
C TYR C 423 -7.15 3.28 11.21
N ASN C 424 -7.68 2.86 10.06
CA ASN C 424 -9.03 3.27 9.67
C ASN C 424 -10.07 2.76 10.66
N ALA C 425 -9.91 1.52 11.13
CA ALA C 425 -10.90 0.93 12.02
C ALA C 425 -10.97 1.67 13.35
N GLU C 426 -9.82 1.93 13.96
CA GLU C 426 -9.81 2.58 15.27
C GLU C 426 -10.24 4.04 15.17
N LEU C 427 -9.83 4.72 14.10
CA LEU C 427 -10.23 6.12 13.93
C LEU C 427 -11.73 6.24 13.72
N LEU C 428 -12.32 5.33 12.94
CA LEU C 428 -13.75 5.39 12.68
C LEU C 428 -14.56 5.19 13.97
N VAL C 429 -14.12 4.27 14.82
CA VAL C 429 -14.86 3.97 16.05
C VAL C 429 -14.77 5.15 17.02
N LEU C 430 -13.57 5.70 17.20
CA LEU C 430 -13.38 6.77 18.18
C LEU C 430 -14.20 8.01 17.83
N MET C 431 -14.46 8.24 16.54
CA MET C 431 -15.19 9.42 16.14
C MET C 431 -16.69 9.24 16.30
N GLU C 432 -17.21 8.06 15.95
CA GLU C 432 -18.64 7.82 16.07
C GLU C 432 -19.06 7.70 17.54
N ASN C 433 -18.16 7.24 18.41
CA ASN C 433 -18.45 7.22 19.83
C ASN C 433 -18.67 8.64 20.36
N GLU C 434 -17.82 9.58 19.92
CA GLU C 434 -17.98 10.97 20.34
C GLU C 434 -19.28 11.55 19.81
N ARG C 435 -19.64 11.23 18.56
CA ARG C 435 -20.84 11.80 17.96
C ARG C 435 -22.10 11.21 18.58
N THR C 436 -22.08 9.92 18.92
CA THR C 436 -23.28 9.27 19.44
C THR C 436 -23.68 9.85 20.79
N LEU C 437 -22.71 10.04 21.69
CA LEU C 437 -23.02 10.61 23.00
C LEU C 437 -23.56 12.03 22.86
N ASP C 438 -23.12 12.77 21.84
CA ASP C 438 -23.71 14.07 21.54
C ASP C 438 -25.17 13.89 21.12
N PHE C 439 -25.45 12.88 20.29
CA PHE C 439 -26.78 12.74 19.70
C PHE C 439 -27.85 12.58 20.76
N HIS C 440 -27.59 11.79 21.80
CA HIS C 440 -28.55 11.65 22.89
C HIS C 440 -28.71 12.96 23.65
N ASP C 441 -27.62 13.70 23.82
CA ASP C 441 -27.69 14.95 24.57
C ASP C 441 -28.58 15.97 23.87
N SER C 442 -28.51 16.06 22.54
CA SER C 442 -29.34 17.01 21.81
C SER C 442 -30.82 16.67 21.96
N ASN C 443 -31.16 15.39 21.93
CA ASN C 443 -32.56 14.98 22.02
C ASN C 443 -33.17 15.35 23.36
N VAL C 444 -32.40 15.21 24.44
CA VAL C 444 -32.92 15.54 25.77
C VAL C 444 -33.28 17.02 25.85
N LYS C 445 -32.40 17.88 25.33
CA LYS C 445 -32.65 19.32 25.41
C LYS C 445 -33.76 19.73 24.45
N ASN C 446 -33.77 19.16 23.24
CA ASN C 446 -34.82 19.52 22.28
C ASN C 446 -36.20 19.22 22.83
N LEU C 447 -36.32 18.15 23.61
CA LEU C 447 -37.59 17.87 24.28
C LEU C 447 -37.93 18.94 25.31
N TYR C 448 -36.92 19.38 26.07
CA TYR C 448 -37.16 20.37 27.12
C TYR C 448 -37.67 21.69 26.55
N ASP C 449 -37.26 22.04 25.33
CA ASP C 449 -37.77 23.26 24.70
C ASP C 449 -39.26 23.15 24.42
N LYS C 450 -39.73 21.98 23.99
CA LYS C 450 -41.12 21.83 23.59
C LYS C 450 -42.06 22.08 24.75
N VAL C 451 -41.77 21.51 25.92
CA VAL C 451 -42.64 21.68 27.07
C VAL C 451 -42.58 23.10 27.61
N ARG C 452 -41.37 23.67 27.70
CA ARG C 452 -41.23 25.04 28.18
C ARG C 452 -41.93 26.03 27.26
N LEU C 453 -41.83 25.80 25.95
CA LEU C 453 -42.43 26.72 24.98
C LEU C 453 -43.95 26.77 25.12
N GLN C 454 -44.59 25.62 25.34
CA GLN C 454 -46.05 25.59 25.35
C GLN C 454 -46.60 26.25 26.62
N LEU C 455 -46.02 25.94 27.77
CA LEU C 455 -46.41 26.57 29.03
C LEU C 455 -45.66 27.89 29.17
N ARG C 456 -46.09 28.87 28.35
CA ARG C 456 -45.35 30.12 28.24
C ARG C 456 -45.31 30.87 29.56
N ASP C 457 -46.48 31.09 30.17
CA ASP C 457 -46.56 31.81 31.44
C ASP C 457 -47.37 31.09 32.50
N ASN C 458 -48.13 30.05 32.13
CA ASN C 458 -48.89 29.29 33.12
C ASN C 458 -48.00 28.51 34.08
N ALA C 459 -46.71 28.37 33.77
CA ALA C 459 -45.78 27.62 34.60
C ALA C 459 -44.60 28.48 34.99
N LYS C 460 -44.01 28.14 36.14
CA LYS C 460 -42.83 28.81 36.67
C LYS C 460 -41.65 27.85 36.58
N GLU C 461 -40.73 28.12 35.67
CA GLU C 461 -39.54 27.28 35.52
C GLU C 461 -38.70 27.35 36.78
N LEU C 462 -38.17 26.19 37.19
CA LEU C 462 -37.41 26.08 38.43
C LEU C 462 -35.92 25.81 38.24
N GLY C 463 -35.48 25.45 37.04
CA GLY C 463 -34.07 25.29 36.76
C GLY C 463 -33.50 23.91 37.03
N ASN C 464 -34.24 23.05 37.72
CA ASN C 464 -33.81 21.68 37.95
C ASN C 464 -34.33 20.73 36.89
N GLY C 465 -34.97 21.26 35.85
CA GLY C 465 -35.55 20.46 34.80
C GLY C 465 -37.07 20.36 34.83
N CYS C 466 -37.72 20.83 35.89
CA CYS C 466 -39.19 20.82 35.95
C CYS C 466 -39.86 22.15 36.27
N PHE C 467 -41.12 22.17 35.89
CA PHE C 467 -41.98 23.33 35.87
C PHE C 467 -43.03 23.17 36.96
N GLU C 468 -43.35 24.26 37.63
CA GLU C 468 -44.41 24.25 38.63
C GLU C 468 -45.53 25.15 38.13
N PHE C 469 -46.68 24.54 37.84
CA PHE C 469 -47.86 25.34 37.54
C PHE C 469 -48.36 25.99 38.83
N TYR C 470 -48.45 27.33 38.83
CA TYR C 470 -49.20 27.99 39.88
C TYR C 470 -50.61 27.42 39.92
N HIS C 471 -51.09 26.99 38.75
CA HIS C 471 -52.44 26.51 38.54
C HIS C 471 -52.54 25.01 38.80
N LYS C 472 -53.77 24.57 39.01
CA LYS C 472 -54.05 23.18 39.40
C LYS C 472 -54.94 22.56 38.33
N CYS C 473 -54.49 21.44 37.76
CA CYS C 473 -55.38 20.63 36.94
C CYS C 473 -54.87 19.20 36.97
N ASP C 474 -55.74 18.28 36.56
CA ASP C 474 -55.59 16.86 36.86
C ASP C 474 -54.78 16.13 35.80
N ASN C 475 -54.80 14.79 35.88
CA ASN C 475 -54.08 13.95 34.93
C ASN C 475 -54.66 14.03 33.53
N GLU C 476 -55.91 14.46 33.37
CA GLU C 476 -56.50 14.55 32.05
C GLU C 476 -55.83 15.64 31.22
N CYS C 477 -55.37 16.71 31.87
CA CYS C 477 -54.81 17.89 31.21
C CYS C 477 -53.30 17.98 31.38
N MET C 478 -52.82 17.95 32.63
CA MET C 478 -51.39 18.15 32.85
C MET C 478 -50.57 17.06 32.18
N GLU C 479 -51.05 15.83 32.24
CA GLU C 479 -50.43 14.75 31.48
C GLU C 479 -50.72 14.87 29.99
N SER C 480 -51.77 15.59 29.61
CA SER C 480 -52.12 15.75 28.19
C SER C 480 -51.09 16.56 27.42
N VAL C 481 -50.00 16.96 28.08
CA VAL C 481 -48.96 17.70 27.38
C VAL C 481 -47.95 16.79 26.69
N ARG C 482 -47.91 15.50 27.03
CA ARG C 482 -47.04 14.59 26.27
C ARG C 482 -47.55 14.43 24.86
N ASN C 483 -48.87 14.44 24.68
CA ASN C 483 -49.46 14.33 23.35
C ASN C 483 -49.09 15.52 22.47
N GLY C 484 -48.63 16.61 23.08
CA GLY C 484 -48.33 17.81 22.34
C GLY C 484 -49.50 18.75 22.15
N THR C 485 -50.61 18.52 22.85
CA THR C 485 -51.79 19.36 22.75
C THR C 485 -52.01 20.04 24.09
N TYR C 486 -52.04 21.37 24.08
CA TYR C 486 -52.32 22.17 25.27
C TYR C 486 -52.97 23.46 24.83
N ASP C 487 -53.96 23.90 25.60
CA ASP C 487 -54.70 25.12 25.30
C ASP C 487 -54.30 26.18 26.32
N TYR C 488 -53.43 27.09 25.90
CA TYR C 488 -53.02 28.20 26.75
C TYR C 488 -54.16 29.13 27.14
N PRO C 489 -55.05 29.58 26.24
CA PRO C 489 -56.06 30.57 26.63
C PRO C 489 -57.01 30.10 27.73
N GLN C 490 -57.40 28.83 27.74
CA GLN C 490 -58.45 28.39 28.67
C GLN C 490 -58.01 28.50 30.12
N TYR C 491 -56.70 28.45 30.39
CA TYR C 491 -56.17 28.49 31.74
C TYR C 491 -55.32 29.74 31.97
N SER C 492 -55.35 30.69 31.03
CA SER C 492 -54.61 31.94 31.21
C SER C 492 -55.25 32.83 32.27
N GLU C 493 -56.58 32.88 32.31
CA GLU C 493 -57.26 33.84 33.17
C GLU C 493 -56.94 33.62 34.65
N GLU C 494 -57.13 32.39 35.12
CA GLU C 494 -56.95 32.10 36.54
C GLU C 494 -55.47 32.05 36.90
N ALA C 495 -54.61 31.69 35.95
CA ALA C 495 -53.17 31.82 36.15
C ALA C 495 -52.79 33.28 36.35
N ARG C 496 -53.34 34.16 35.51
CA ARG C 496 -53.14 35.60 35.72
C ARG C 496 -53.79 36.06 37.02
N LEU C 497 -55.00 35.59 37.31
CA LEU C 497 -55.66 35.94 38.55
C LEU C 497 -54.96 35.35 39.77
N LYS C 498 -54.14 34.31 39.58
CA LYS C 498 -53.31 33.78 40.66
C LYS C 498 -52.05 34.64 40.71
N ARG C 499 -52.03 35.60 41.63
CA ARG C 499 -50.90 36.49 41.81
C ARG C 499 -50.84 36.92 43.26
N GLU C 500 -49.62 37.22 43.72
CA GLU C 500 -49.42 37.64 45.10
C GLU C 500 -48.65 38.96 45.16
#